data_2C4K
#
_entry.id   2C4K
#
_cell.length_a   180.055
_cell.length_b   103.875
_cell.length_c   127.161
_cell.angle_alpha   90.00
_cell.angle_beta   97.63
_cell.angle_gamma   90.00
#
_symmetry.space_group_name_H-M   'C 1 2 1'
#
loop_
_entity.id
_entity.type
_entity.pdbx_description
1 polymer 'PHOSPHORIBOSYL PYROPHOSPHATE SYNTHETASE-ASSOCIATED PROTEIN 1'
2 non-polymer 'SULFATE ION'
3 non-polymer TRIS(HYDROXYETHYL)AMINOMETHANE
4 water water
#
_entity_poly.entity_id   1
_entity_poly.type   'polypeptide(L)'
_entity_poly.pdbx_seq_one_letter_code
;MHHHHHHSSGVDLGTENLYFQSMRTGYRVFSANSTAACTELAKRITERLGAELGKSVVYQETNGETRVEIKESVRGQDIF
IIQTIPRDVNTAVMELLIMAYALKTACARNIIGVIPYFPYSKQSKMRKRGSIVCKLLASMLAKAGLTHIITMDLHQKEIQ
GFFSFPVDNLRASPFLLQYIQEEIPNYRNAVIVAKSPDAAKRAQSYAERLRLGLAVIHGEAQCTELDMDDGRHSPPMVKN
ATVHPGLELPLMMAKEKPPITVVGDVGGRIAIIVDDIIDDVESFVAAAEILKERGAYKIYVMATHGILSAEAPRLIEESS
VDEVVVTNTVPHEVQKLQCPKIKTVDISLILSEAIRRIHNGESMAYLFRN
;
_entity_poly.pdbx_strand_id   A,B,C,D,E,F
#
loop_
_chem_comp.id
_chem_comp.type
_chem_comp.name
_chem_comp.formula
SO4 non-polymer 'SULFATE ION' 'O4 S -2'
TAM non-polymer TRIS(HYDROXYETHYL)AMINOMETHANE 'C7 H17 N O3'
#
# COMPACT_ATOMS: atom_id res chain seq x y z
N GLY A 26 -11.14 -26.72 17.76
CA GLY A 26 -9.80 -26.13 17.52
C GLY A 26 -8.80 -27.18 17.07
N TYR A 27 -8.77 -27.44 15.77
CA TYR A 27 -7.89 -28.42 15.07
C TYR A 27 -8.32 -29.87 15.17
N ARG A 28 -9.08 -30.31 14.16
CA ARG A 28 -9.41 -31.71 13.99
C ARG A 28 -8.61 -32.26 12.84
N VAL A 29 -7.62 -33.07 13.18
CA VAL A 29 -6.73 -33.69 12.20
C VAL A 29 -6.56 -35.17 12.51
N PHE A 30 -6.85 -36.00 11.53
CA PHE A 30 -6.78 -37.46 11.68
C PHE A 30 -5.77 -38.04 10.71
N SER A 31 -5.22 -39.20 11.05
CA SER A 31 -4.44 -40.00 10.09
C SER A 31 -5.28 -41.17 9.59
N ALA A 32 -5.24 -41.42 8.29
CA ALA A 32 -5.86 -42.62 7.74
C ALA A 32 -4.84 -43.76 7.59
N ASN A 33 -3.65 -43.56 8.13
CA ASN A 33 -2.60 -44.56 8.06
C ASN A 33 -2.77 -45.63 9.15
N SER A 34 -2.33 -46.83 8.81
CA SER A 34 -2.40 -48.00 9.71
C SER A 34 -1.00 -48.49 10.15
N THR A 35 -0.01 -48.42 9.26
CA THR A 35 1.42 -48.61 9.62
C THR A 35 1.86 -47.44 10.47
N ALA A 36 2.45 -47.74 11.62
CA ALA A 36 2.67 -46.71 12.65
C ALA A 36 3.98 -45.90 12.49
N ALA A 37 4.61 -46.04 11.32
CA ALA A 37 5.73 -45.19 10.92
C ALA A 37 5.31 -44.37 9.69
N CYS A 38 4.27 -44.88 9.04
CA CYS A 38 3.57 -44.20 7.96
C CYS A 38 2.63 -43.12 8.52
N THR A 39 2.74 -42.94 9.84
CA THR A 39 2.00 -41.93 10.60
C THR A 39 2.99 -40.99 11.28
N GLU A 40 4.25 -41.04 10.86
CA GLU A 40 5.32 -40.25 11.48
C GLU A 40 5.12 -38.77 11.19
N LEU A 41 4.96 -38.46 9.90
CA LEU A 41 4.80 -37.08 9.40
C LEU A 41 3.58 -36.38 10.00
N ALA A 42 2.51 -37.16 10.15
CA ALA A 42 1.22 -36.69 10.66
C ALA A 42 1.35 -36.38 12.13
N LYS A 43 2.01 -37.30 12.81
CA LYS A 43 2.41 -37.12 14.21
C LYS A 43 3.13 -35.79 14.35
N ARG A 44 4.08 -35.54 13.44
CA ARG A 44 4.95 -34.37 13.47
C ARG A 44 4.23 -33.06 13.27
N ILE A 45 3.40 -33.02 12.24
CA ILE A 45 2.56 -31.84 11.94
C ILE A 45 1.77 -31.40 13.18
N THR A 46 1.05 -32.33 13.79
CA THR A 46 0.23 -32.03 14.97
C THR A 46 1.06 -31.51 16.16
N GLU A 47 2.30 -31.98 16.26
CA GLU A 47 3.22 -31.48 17.31
C GLU A 47 3.38 -29.97 17.11
N ARG A 48 3.60 -29.58 15.86
CA ARG A 48 3.86 -28.19 15.48
C ARG A 48 2.61 -27.32 15.60
N LEU A 49 1.43 -27.96 15.59
CA LEU A 49 0.12 -27.29 15.77
C LEU A 49 -0.32 -27.30 17.24
N GLY A 50 0.48 -27.92 18.10
CA GLY A 50 0.08 -28.20 19.49
C GLY A 50 -1.10 -29.16 19.59
N ALA A 51 -1.63 -29.55 18.43
CA ALA A 51 -2.82 -30.39 18.33
C ALA A 51 -2.51 -31.85 18.60
N GLU A 52 -3.57 -32.59 18.85
CA GLU A 52 -3.50 -34.01 19.13
C GLU A 52 -4.30 -34.72 18.07
N LEU A 53 -3.76 -35.83 17.57
CA LEU A 53 -4.43 -36.59 16.55
C LEU A 53 -5.82 -37.02 17.01
N GLY A 54 -6.72 -37.11 16.06
CA GLY A 54 -8.06 -37.55 16.35
C GLY A 54 -8.01 -39.03 16.62
N LYS A 55 -8.80 -39.48 17.60
CA LYS A 55 -8.82 -40.89 17.96
C LYS A 55 -9.61 -41.65 16.89
N SER A 56 -9.05 -42.74 16.39
CA SER A 56 -9.65 -43.47 15.24
C SER A 56 -8.91 -44.74 14.79
N VAL A 57 -9.56 -45.89 14.90
CA VAL A 57 -8.96 -47.16 14.44
C VAL A 57 -9.06 -47.35 12.93
N VAL A 58 -7.98 -47.85 12.35
CA VAL A 58 -7.91 -48.21 10.94
C VAL A 58 -7.60 -49.70 10.83
N TYR A 59 -8.64 -50.52 10.89
CA TYR A 59 -8.48 -51.98 10.85
C TYR A 59 -8.01 -52.49 9.48
N GLN A 60 -7.82 -53.80 9.46
CA GLN A 60 -7.78 -54.60 8.24
C GLN A 60 -8.47 -55.91 8.61
N GLU A 61 -9.58 -56.22 7.95
CA GLU A 61 -10.22 -57.52 8.17
C GLU A 61 -9.32 -58.64 7.67
N THR A 62 -9.65 -59.85 8.12
CA THR A 62 -8.86 -61.03 7.74
C THR A 62 -8.93 -61.28 6.22
N ASN A 63 -10.08 -60.93 5.63
CA ASN A 63 -10.32 -61.03 4.17
C ASN A 63 -9.63 -59.94 3.33
N GLY A 64 -9.02 -58.99 4.03
CA GLY A 64 -8.25 -57.89 3.42
C GLY A 64 -8.95 -56.55 3.45
N GLU A 65 -10.27 -56.57 3.60
CA GLU A 65 -11.06 -55.35 3.61
C GLU A 65 -10.59 -54.36 4.66
N THR A 66 -10.61 -53.10 4.28
CA THR A 66 -10.24 -52.02 5.18
C THR A 66 -11.44 -51.59 6.03
N ARG A 67 -11.14 -51.21 7.26
CA ARG A 67 -12.15 -50.67 8.15
C ARG A 67 -11.64 -49.48 8.93
N VAL A 68 -12.52 -48.49 9.08
CA VAL A 68 -12.19 -47.26 9.77
C VAL A 68 -13.33 -46.96 10.76
N GLU A 69 -12.94 -46.55 11.96
CA GLU A 69 -13.90 -46.19 13.00
C GLU A 69 -13.39 -44.87 13.53
N ILE A 70 -14.22 -43.84 13.49
CA ILE A 70 -13.87 -42.55 14.06
C ILE A 70 -14.32 -42.61 15.51
N LYS A 71 -13.38 -42.46 16.44
CA LYS A 71 -13.67 -42.62 17.90
C LYS A 71 -14.04 -41.31 18.62
N GLU A 72 -14.49 -40.31 17.87
CA GLU A 72 -14.91 -39.02 18.45
C GLU A 72 -15.90 -38.28 17.54
N SER A 73 -16.69 -37.41 18.15
CA SER A 73 -17.76 -36.69 17.42
C SER A 73 -17.18 -35.62 16.50
N VAL A 74 -17.79 -35.47 15.33
CA VAL A 74 -17.34 -34.54 14.30
C VAL A 74 -18.44 -33.53 13.91
N ARG A 75 -19.69 -33.86 14.26
CA ARG A 75 -20.87 -33.03 13.95
C ARG A 75 -20.57 -31.56 13.66
N GLY A 76 -20.60 -31.22 12.38
CA GLY A 76 -20.54 -29.83 11.94
C GLY A 76 -19.16 -29.20 11.92
N GLN A 77 -18.11 -29.98 12.20
CA GLN A 77 -16.74 -29.46 12.25
C GLN A 77 -15.89 -29.74 11.01
N ASP A 78 -14.83 -28.93 10.86
CA ASP A 78 -13.87 -29.01 9.74
C ASP A 78 -12.68 -29.91 10.11
N ILE A 79 -12.54 -31.01 9.36
CA ILE A 79 -11.60 -32.09 9.67
C ILE A 79 -10.49 -32.24 8.64
N PHE A 80 -9.27 -32.49 9.12
CA PHE A 80 -8.09 -32.70 8.29
C PHE A 80 -7.61 -34.14 8.34
N ILE A 81 -7.64 -34.82 7.20
CA ILE A 81 -7.09 -36.17 7.13
C ILE A 81 -5.67 -36.02 6.64
N ILE A 82 -4.77 -36.84 7.16
CA ILE A 82 -3.41 -36.93 6.64
C ILE A 82 -3.16 -38.34 6.05
N GLN A 83 -2.63 -38.40 4.84
CA GLN A 83 -2.29 -39.68 4.24
C GLN A 83 -0.95 -39.63 3.59
N THR A 84 -0.12 -40.60 3.95
CA THR A 84 1.10 -40.88 3.22
C THR A 84 0.91 -42.22 2.47
N ILE A 85 1.64 -42.44 1.38
CA ILE A 85 1.49 -43.73 0.65
C ILE A 85 2.76 -44.55 0.77
N PRO A 86 2.69 -45.73 1.43
CA PRO A 86 3.78 -46.69 1.52
C PRO A 86 3.63 -48.02 0.74
N ARG A 87 3.75 -47.95 -0.58
CA ARG A 87 3.96 -49.17 -1.41
C ARG A 87 2.68 -49.92 -1.74
N ASP A 88 1.92 -50.36 -0.74
CA ASP A 88 0.59 -50.90 -1.04
C ASP A 88 -0.30 -49.68 -1.24
N VAL A 89 -0.21 -49.09 -2.43
CA VAL A 89 -0.76 -47.75 -2.63
C VAL A 89 -2.27 -47.92 -2.64
N ASN A 90 -2.71 -49.00 -3.30
CA ASN A 90 -4.11 -49.36 -3.39
C ASN A 90 -4.88 -49.38 -2.04
N THR A 91 -4.21 -49.73 -0.95
CA THR A 91 -4.87 -49.78 0.35
C THR A 91 -4.91 -48.41 1.02
N ALA A 92 -3.82 -47.68 0.85
CA ALA A 92 -3.69 -46.29 1.32
C ALA A 92 -4.79 -45.39 0.76
N VAL A 93 -5.25 -45.67 -0.46
CA VAL A 93 -6.28 -44.84 -1.09
C VAL A 93 -7.67 -45.21 -0.58
N MET A 94 -7.90 -46.47 -0.25
CA MET A 94 -9.22 -46.88 0.27
C MET A 94 -9.34 -46.38 1.73
N GLU A 95 -8.32 -46.66 2.52
CA GLU A 95 -8.19 -46.09 3.85
C GLU A 95 -8.56 -44.59 3.82
N LEU A 96 -8.02 -43.89 2.82
CA LEU A 96 -8.30 -42.47 2.68
C LEU A 96 -9.75 -42.25 2.33
N LEU A 97 -10.17 -42.81 1.19
CA LEU A 97 -11.55 -42.71 0.72
C LEU A 97 -12.54 -43.09 1.82
N ILE A 98 -12.34 -44.28 2.36
CA ILE A 98 -13.17 -44.79 3.45
C ILE A 98 -13.22 -43.83 4.64
N MET A 99 -12.09 -43.30 5.05
CA MET A 99 -12.09 -42.37 6.19
C MET A 99 -12.89 -41.12 5.88
N ALA A 100 -12.70 -40.59 4.68
CA ALA A 100 -13.42 -39.37 4.25
C ALA A 100 -14.91 -39.63 4.33
N TYR A 101 -15.29 -40.74 3.70
CA TYR A 101 -16.68 -41.19 3.60
C TYR A 101 -17.30 -41.41 4.98
N ALA A 102 -16.51 -41.97 5.90
CA ALA A 102 -16.97 -42.09 7.30
C ALA A 102 -17.08 -40.73 8.03
N LEU A 103 -16.22 -39.78 7.69
CA LEU A 103 -16.32 -38.44 8.31
C LEU A 103 -17.47 -37.66 7.71
N LYS A 104 -17.72 -37.90 6.41
CA LYS A 104 -18.87 -37.30 5.73
C LYS A 104 -20.17 -37.80 6.37
N THR A 105 -20.24 -39.10 6.64
CA THR A 105 -21.38 -39.70 7.36
C THR A 105 -21.53 -39.20 8.81
N ALA A 106 -20.41 -38.92 9.46
CA ALA A 106 -20.40 -38.30 10.81
C ALA A 106 -20.76 -36.80 10.78
N CYS A 107 -21.01 -36.28 9.57
CA CYS A 107 -21.46 -34.91 9.36
C CYS A 107 -20.35 -33.89 9.53
N ALA A 108 -19.21 -34.19 8.95
CA ALA A 108 -18.10 -33.24 8.90
C ALA A 108 -18.54 -32.09 8.00
N ARG A 109 -18.36 -30.85 8.46
CA ARG A 109 -18.66 -29.72 7.58
C ARG A 109 -17.70 -29.78 6.40
N ASN A 110 -16.41 -29.61 6.70
CA ASN A 110 -15.35 -29.67 5.68
C ASN A 110 -14.30 -30.74 5.94
N ILE A 111 -14.05 -31.53 4.90
CA ILE A 111 -13.10 -32.64 4.92
C ILE A 111 -11.91 -32.27 4.06
N ILE A 112 -10.77 -32.04 4.70
CA ILE A 112 -9.58 -31.55 4.00
C ILE A 112 -8.54 -32.66 3.96
N GLY A 113 -8.16 -33.02 2.74
CA GLY A 113 -7.19 -34.08 2.52
C GLY A 113 -5.78 -33.51 2.47
N VAL A 114 -4.94 -33.93 3.41
CA VAL A 114 -3.55 -33.57 3.38
C VAL A 114 -2.84 -34.78 2.84
N ILE A 115 -2.55 -34.73 1.53
CA ILE A 115 -1.92 -35.83 0.82
C ILE A 115 -0.62 -35.30 0.24
N PRO A 116 0.44 -35.33 1.06
CA PRO A 116 1.65 -34.70 0.60
C PRO A 116 2.07 -35.22 -0.74
N TYR A 117 2.35 -36.52 -0.84
CA TYR A 117 2.53 -37.16 -2.16
C TYR A 117 1.16 -37.65 -2.63
N PHE A 118 0.66 -37.10 -3.72
CA PHE A 118 -0.60 -37.59 -4.33
C PHE A 118 -0.36 -38.83 -5.22
N PRO A 119 -0.94 -39.99 -4.85
CA PRO A 119 -0.71 -41.24 -5.56
C PRO A 119 -1.36 -41.30 -6.94
N TYR A 120 -0.92 -42.25 -7.75
CA TYR A 120 -1.31 -42.31 -9.16
C TYR A 120 -1.02 -41.04 -9.97
N SER A 121 -0.25 -40.11 -9.41
CA SER A 121 0.00 -38.79 -10.02
C SER A 121 0.87 -38.86 -11.26
N LYS A 122 1.69 -39.89 -11.38
CA LYS A 122 2.40 -40.12 -12.65
C LYS A 122 1.46 -40.59 -13.75
N GLN A 123 0.31 -41.16 -13.37
CA GLN A 123 -0.71 -41.58 -14.35
C GLN A 123 -1.63 -40.42 -14.77
N SER A 124 -1.01 -39.30 -15.16
CA SER A 124 -1.71 -38.02 -15.43
C SER A 124 -1.85 -37.69 -16.94
N LYS A 125 -0.88 -38.13 -17.75
CA LYS A 125 -1.08 -38.23 -19.20
C LYS A 125 -1.90 -39.50 -19.43
N MET A 126 -2.37 -39.69 -20.65
CA MET A 126 -2.85 -41.01 -21.09
C MET A 126 -1.81 -41.67 -21.97
N ARG A 127 -1.37 -42.87 -21.62
CA ARG A 127 -0.36 -43.57 -22.45
C ARG A 127 -1.05 -44.16 -23.68
N LYS A 128 -1.37 -45.45 -23.62
CA LYS A 128 -1.85 -46.17 -24.79
C LYS A 128 -3.37 -46.11 -24.75
N ARG A 129 -4.04 -47.27 -24.78
CA ARG A 129 -5.49 -47.31 -24.67
C ARG A 129 -5.94 -47.26 -23.21
N GLY A 130 -4.96 -47.08 -22.31
CA GLY A 130 -5.21 -46.97 -20.88
C GLY A 130 -6.08 -45.81 -20.45
N SER A 131 -5.69 -45.14 -19.37
CA SER A 131 -6.49 -44.04 -18.79
C SER A 131 -5.71 -43.12 -17.87
N ILE A 132 -6.22 -41.90 -17.75
CA ILE A 132 -5.68 -40.93 -16.80
C ILE A 132 -6.22 -41.26 -15.40
N VAL A 133 -5.71 -42.32 -14.77
CA VAL A 133 -6.31 -42.76 -13.49
C VAL A 133 -6.10 -41.74 -12.35
N CYS A 134 -5.26 -40.74 -12.56
CA CYS A 134 -5.09 -39.69 -11.56
C CYS A 134 -6.37 -38.87 -11.45
N LYS A 135 -7.06 -38.76 -12.58
CA LYS A 135 -8.31 -38.00 -12.65
C LYS A 135 -9.41 -38.81 -12.01
N LEU A 136 -9.49 -40.09 -12.41
CA LEU A 136 -10.40 -41.04 -11.76
C LEU A 136 -10.29 -40.92 -10.26
N LEU A 137 -9.08 -40.95 -9.74
CA LEU A 137 -8.89 -40.89 -8.31
C LEU A 137 -9.42 -39.56 -7.74
N ALA A 138 -9.18 -38.47 -8.45
CA ALA A 138 -9.60 -37.14 -8.01
C ALA A 138 -11.11 -36.99 -7.97
N SER A 139 -11.80 -37.82 -8.75
CA SER A 139 -13.26 -37.86 -8.79
C SER A 139 -13.82 -38.61 -7.59
N MET A 140 -13.18 -39.74 -7.32
CA MET A 140 -13.61 -40.67 -6.26
C MET A 140 -13.38 -40.03 -4.92
N LEU A 141 -12.26 -39.36 -4.83
CA LEU A 141 -11.95 -38.60 -3.64
C LEU A 141 -13.06 -37.63 -3.25
N ALA A 142 -13.72 -37.05 -4.27
CA ALA A 142 -14.84 -36.11 -4.04
C ALA A 142 -16.13 -36.84 -3.67
N LYS A 143 -16.38 -37.96 -4.34
CA LYS A 143 -17.51 -38.83 -4.01
C LYS A 143 -17.47 -39.23 -2.54
N ALA A 144 -16.29 -39.62 -2.06
CA ALA A 144 -16.05 -39.95 -0.62
C ALA A 144 -16.26 -38.75 0.30
N GLY A 145 -16.44 -37.60 -0.31
CA GLY A 145 -16.77 -36.35 0.37
C GLY A 145 -15.55 -35.59 0.85
N LEU A 146 -14.73 -35.09 -0.08
CA LEU A 146 -13.51 -34.38 0.28
C LEU A 146 -13.78 -32.96 -0.16
N THR A 147 -13.75 -32.00 0.77
CA THR A 147 -14.01 -30.60 0.46
C THR A 147 -12.90 -30.02 -0.38
N HIS A 148 -11.68 -30.37 -0.03
CA HIS A 148 -10.51 -29.95 -0.79
C HIS A 148 -9.20 -30.55 -0.28
N ILE A 149 -8.17 -30.55 -1.12
CA ILE A 149 -6.90 -31.13 -0.70
C ILE A 149 -5.73 -30.14 -0.66
N ILE A 150 -4.89 -30.33 0.35
CA ILE A 150 -3.57 -29.72 0.44
C ILE A 150 -2.61 -30.78 -0.07
N THR A 151 -1.62 -30.38 -0.84
CA THR A 151 -0.62 -31.34 -1.31
C THR A 151 0.68 -30.63 -1.59
N MET A 152 1.72 -31.39 -1.95
CA MET A 152 3.00 -30.79 -2.35
C MET A 152 3.58 -31.20 -3.67
N ASP A 153 4.08 -30.20 -4.38
CA ASP A 153 4.77 -30.38 -5.68
C ASP A 153 4.10 -31.42 -6.58
N LEU A 154 2.85 -31.17 -6.91
CA LEU A 154 2.15 -31.99 -7.91
C LEU A 154 3.04 -32.25 -9.15
N HIS A 155 3.00 -33.46 -9.66
CA HIS A 155 3.79 -33.88 -10.86
C HIS A 155 3.69 -32.90 -12.01
N GLN A 156 2.49 -32.39 -12.22
CA GLN A 156 2.22 -31.39 -13.26
C GLN A 156 1.21 -30.46 -12.62
N LYS A 157 1.39 -29.15 -12.80
CA LYS A 157 0.60 -28.16 -12.03
C LYS A 157 -0.82 -28.23 -12.60
N GLU A 158 -0.87 -28.57 -13.88
CA GLU A 158 -2.12 -28.81 -14.64
C GLU A 158 -3.05 -29.86 -14.00
N ILE A 159 -2.46 -30.85 -13.35
CA ILE A 159 -3.26 -31.92 -12.71
C ILE A 159 -4.25 -31.32 -11.68
N GLN A 160 -3.88 -30.17 -11.10
CA GLN A 160 -4.75 -29.39 -10.19
C GLN A 160 -6.14 -29.14 -10.76
N GLY A 161 -6.21 -29.13 -12.09
CA GLY A 161 -7.48 -29.11 -12.83
C GLY A 161 -8.33 -30.35 -12.63
N PHE A 162 -7.72 -31.49 -12.36
CA PHE A 162 -8.49 -32.75 -12.26
C PHE A 162 -9.50 -32.69 -11.12
N PHE A 163 -9.24 -31.85 -10.14
CA PHE A 163 -10.04 -31.80 -8.92
C PHE A 163 -11.18 -30.80 -9.06
N SER A 164 -12.38 -31.29 -8.74
CA SER A 164 -13.59 -30.50 -8.76
C SER A 164 -13.76 -29.70 -7.48
N PHE A 165 -12.72 -29.61 -6.66
CA PHE A 165 -12.75 -28.82 -5.44
C PHE A 165 -11.41 -28.17 -5.28
N PRO A 166 -11.30 -27.18 -4.37
CA PRO A 166 -10.06 -26.44 -4.25
C PRO A 166 -8.84 -27.26 -3.89
N VAL A 167 -7.70 -26.75 -4.31
CA VAL A 167 -6.42 -27.38 -4.07
C VAL A 167 -5.34 -26.35 -3.64
N ASP A 168 -4.39 -26.80 -2.82
CA ASP A 168 -3.19 -26.04 -2.59
C ASP A 168 -1.98 -26.90 -2.91
N ASN A 169 -1.34 -26.57 -4.02
CA ASN A 169 -0.23 -27.37 -4.49
C ASN A 169 1.02 -26.69 -4.00
N LEU A 170 1.42 -27.03 -2.79
CA LEU A 170 2.55 -26.37 -2.12
C LEU A 170 3.87 -26.86 -2.65
N ARG A 171 4.84 -25.96 -2.54
CA ARG A 171 6.18 -26.17 -3.08
C ARG A 171 7.14 -26.58 -1.98
N ALA A 172 8.12 -27.40 -2.33
CA ALA A 172 9.19 -27.76 -1.43
C ALA A 172 10.45 -26.96 -1.69
N SER A 173 10.49 -26.25 -2.82
CA SER A 173 11.69 -25.49 -3.21
C SER A 173 12.28 -24.72 -2.05
N PRO A 174 11.49 -23.86 -1.37
CA PRO A 174 12.10 -23.09 -0.30
C PRO A 174 13.10 -23.89 0.54
N PHE A 175 12.66 -25.06 1.01
CA PHE A 175 13.46 -25.91 1.88
C PHE A 175 14.61 -26.62 1.14
N LEU A 176 14.27 -27.28 0.04
CA LEU A 176 15.29 -27.94 -0.80
C LEU A 176 16.38 -26.98 -1.23
N LEU A 177 15.97 -25.78 -1.65
CA LEU A 177 16.89 -24.69 -2.00
C LEU A 177 17.79 -24.30 -0.82
N GLN A 178 17.19 -24.16 0.36
CA GLN A 178 17.93 -23.83 1.58
C GLN A 178 19.04 -24.85 1.82
N TYR A 179 18.67 -26.11 1.69
CA TYR A 179 19.61 -27.24 1.80
C TYR A 179 20.77 -27.18 0.81
N ILE A 180 20.50 -26.70 -0.41
CA ILE A 180 21.58 -26.49 -1.39
C ILE A 180 22.64 -25.62 -0.69
N GLN A 181 22.21 -24.46 -0.23
CA GLN A 181 23.09 -23.47 0.37
C GLN A 181 23.39 -23.74 1.84
N GLU A 182 23.13 -24.95 2.31
CA GLU A 182 23.35 -25.29 3.72
C GLU A 182 24.54 -26.21 3.82
N GLU A 183 24.39 -27.40 3.25
CA GLU A 183 25.50 -28.34 3.15
C GLU A 183 25.55 -29.00 1.79
N ILE A 184 25.46 -28.17 0.75
CA ILE A 184 26.16 -28.47 -0.49
C ILE A 184 27.39 -27.56 -0.53
N PRO A 185 28.60 -28.14 -0.29
CA PRO A 185 29.82 -27.38 -0.34
C PRO A 185 30.02 -26.73 -1.70
N ASN A 186 30.24 -25.42 -1.68
CA ASN A 186 30.55 -24.63 -2.89
C ASN A 186 29.49 -24.77 -3.98
N TYR A 187 28.23 -24.69 -3.58
CA TYR A 187 27.10 -24.87 -4.51
C TYR A 187 27.18 -23.94 -5.71
N ARG A 188 27.67 -22.72 -5.49
CA ARG A 188 27.75 -21.70 -6.54
C ARG A 188 28.55 -22.13 -7.78
N ASN A 189 29.52 -23.04 -7.61
CA ASN A 189 30.21 -23.65 -8.76
C ASN A 189 29.37 -24.77 -9.42
N ALA A 190 28.25 -25.10 -8.79
CA ALA A 190 27.37 -26.15 -9.28
C ALA A 190 26.56 -25.72 -10.48
N VAL A 191 26.02 -26.70 -11.18
CA VAL A 191 25.13 -26.47 -12.32
C VAL A 191 23.88 -27.36 -12.19
N ILE A 192 22.70 -26.74 -12.13
CA ILE A 192 21.42 -27.47 -12.03
C ILE A 192 21.09 -28.25 -13.32
N VAL A 193 20.74 -29.52 -13.16
CA VAL A 193 20.55 -30.41 -14.30
C VAL A 193 19.16 -31.01 -14.33
N ALA A 194 18.67 -31.26 -15.53
CA ALA A 194 17.39 -31.91 -15.72
C ALA A 194 17.60 -33.27 -16.38
N LYS A 195 17.21 -34.29 -15.61
CA LYS A 195 17.25 -35.72 -16.00
C LYS A 195 16.66 -35.96 -17.39
N SER A 196 15.63 -35.18 -17.72
CA SER A 196 15.04 -35.25 -19.04
C SER A 196 14.33 -33.95 -19.43
N PRO A 197 13.99 -33.80 -20.72
CA PRO A 197 13.25 -32.62 -21.14
C PRO A 197 12.06 -32.32 -20.26
N ASP A 198 11.26 -33.34 -19.95
CA ASP A 198 10.08 -33.19 -19.06
C ASP A 198 10.41 -32.47 -17.74
N ALA A 199 11.64 -32.69 -17.25
CA ALA A 199 12.11 -32.10 -15.99
C ALA A 199 12.78 -30.75 -16.16
N ALA A 200 12.83 -30.27 -17.40
CA ALA A 200 13.48 -29.01 -17.76
C ALA A 200 12.94 -27.83 -17.00
N LYS A 201 11.62 -27.83 -16.80
CA LYS A 201 10.92 -26.73 -16.11
C LYS A 201 11.22 -26.67 -14.62
N ARG A 202 11.09 -27.82 -13.94
CA ARG A 202 11.37 -27.93 -12.50
C ARG A 202 12.77 -27.45 -12.20
N ALA A 203 13.69 -27.85 -13.08
CA ALA A 203 15.09 -27.48 -12.99
C ALA A 203 15.28 -25.98 -13.21
N GLN A 204 14.58 -25.44 -14.22
CA GLN A 204 14.64 -24.01 -14.57
C GLN A 204 14.44 -23.12 -13.35
N SER A 205 13.50 -23.50 -12.51
CA SER A 205 13.13 -22.70 -11.35
C SER A 205 14.24 -22.61 -10.31
N TYR A 206 15.08 -23.65 -10.24
CA TYR A 206 16.18 -23.71 -9.27
C TYR A 206 17.36 -22.88 -9.80
N ALA A 207 17.68 -23.07 -11.08
CA ALA A 207 18.68 -22.24 -11.76
C ALA A 207 18.36 -20.74 -11.65
N GLU A 208 17.13 -20.38 -11.98
CA GLU A 208 16.64 -18.99 -11.87
C GLU A 208 16.81 -18.43 -10.46
N ARG A 209 16.47 -19.22 -9.46
CA ARG A 209 16.43 -18.72 -8.07
C ARG A 209 17.82 -18.69 -7.43
N LEU A 210 18.66 -19.67 -7.77
CA LEU A 210 20.05 -19.79 -7.25
C LEU A 210 21.10 -18.99 -8.07
N ARG A 211 20.68 -18.43 -9.21
CA ARG A 211 21.56 -17.71 -10.15
C ARG A 211 22.64 -18.61 -10.76
N LEU A 212 22.30 -19.86 -11.05
CA LEU A 212 23.27 -20.84 -11.58
C LEU A 212 22.95 -21.32 -12.99
N GLY A 213 23.92 -22.02 -13.57
CA GLY A 213 23.79 -22.56 -14.91
C GLY A 213 22.73 -23.63 -14.95
N LEU A 214 22.40 -24.09 -16.16
CA LEU A 214 21.39 -25.11 -16.38
C LEU A 214 21.70 -25.98 -17.57
N ALA A 215 21.67 -27.29 -17.35
CA ALA A 215 21.82 -28.26 -18.43
C ALA A 215 20.65 -29.21 -18.42
N VAL A 216 20.52 -29.99 -19.49
CA VAL A 216 19.46 -30.98 -19.57
C VAL A 216 19.95 -32.19 -20.32
N ILE A 217 19.54 -33.36 -19.84
CA ILE A 217 20.01 -34.62 -20.39
C ILE A 217 18.94 -35.20 -21.28
N HIS A 218 19.37 -35.97 -22.28
CA HIS A 218 18.46 -36.78 -23.10
C HIS A 218 19.24 -37.71 -24.03
N PRO A 258 18.60 -44.54 -24.11
CA PRO A 258 18.63 -43.60 -25.24
C PRO A 258 20.04 -43.39 -25.80
N PRO A 259 20.17 -42.54 -26.84
CA PRO A 259 21.51 -42.09 -27.25
C PRO A 259 22.21 -41.28 -26.14
N ILE A 260 21.48 -41.05 -25.04
CA ILE A 260 21.95 -40.43 -23.78
C ILE A 260 23.09 -39.43 -23.95
N THR A 261 22.73 -38.16 -23.96
CA THR A 261 23.71 -37.09 -24.06
C THR A 261 23.30 -35.95 -23.15
N VAL A 262 24.28 -35.27 -22.55
CA VAL A 262 24.01 -34.00 -21.86
C VAL A 262 24.06 -32.85 -22.85
N VAL A 263 23.16 -31.90 -22.61
CA VAL A 263 23.07 -30.65 -23.37
C VAL A 263 23.38 -29.52 -22.38
N GLY A 264 24.55 -28.91 -22.56
CA GLY A 264 25.05 -27.88 -21.67
C GLY A 264 26.47 -28.19 -21.26
N ASP A 265 27.23 -27.15 -20.93
CA ASP A 265 28.54 -27.32 -20.29
C ASP A 265 28.27 -27.80 -18.87
N VAL A 266 28.88 -28.90 -18.49
CA VAL A 266 28.77 -29.40 -17.12
C VAL A 266 30.16 -29.53 -16.47
N GLY A 267 31.13 -29.89 -17.30
CA GLY A 267 32.52 -30.10 -16.88
C GLY A 267 33.05 -29.15 -15.83
N GLY A 268 33.98 -29.65 -15.04
CA GLY A 268 34.64 -28.86 -13.98
C GLY A 268 33.71 -28.33 -12.91
N ARG A 269 32.51 -28.89 -12.81
CA ARG A 269 31.49 -28.39 -11.90
C ARG A 269 30.76 -29.50 -11.17
N ILE A 270 30.25 -29.15 -10.00
CA ILE A 270 29.39 -30.04 -9.22
C ILE A 270 28.02 -30.06 -9.91
N ALA A 271 27.58 -31.23 -10.36
CA ALA A 271 26.25 -31.37 -10.99
C ALA A 271 25.15 -31.48 -9.92
N ILE A 272 24.03 -30.82 -10.14
CA ILE A 272 22.85 -31.01 -9.27
C ILE A 272 21.63 -31.33 -10.09
N ILE A 273 21.16 -32.56 -9.99
CA ILE A 273 19.96 -32.93 -10.73
C ILE A 273 18.74 -32.56 -9.91
N VAL A 274 17.76 -31.97 -10.57
CA VAL A 274 16.48 -31.64 -9.93
C VAL A 274 15.32 -32.29 -10.64
N ASP A 275 14.43 -32.83 -9.83
CA ASP A 275 13.20 -33.44 -10.31
C ASP A 275 12.21 -33.50 -9.18
N ASP A 276 10.98 -33.86 -9.49
CA ASP A 276 9.91 -33.88 -8.46
C ASP A 276 9.87 -35.19 -7.66
N ILE A 277 10.01 -36.32 -8.38
CA ILE A 277 9.91 -37.65 -7.81
C ILE A 277 11.12 -38.53 -8.14
N ILE A 278 11.45 -39.40 -7.18
CA ILE A 278 12.43 -40.48 -7.35
C ILE A 278 11.72 -41.77 -7.01
N ASP A 279 11.18 -42.38 -8.05
CA ASP A 279 10.52 -43.67 -7.92
C ASP A 279 11.53 -44.72 -8.36
N ASP A 280 11.69 -44.86 -9.66
CA ASP A 280 12.59 -45.84 -10.26
C ASP A 280 13.87 -45.13 -10.65
N VAL A 281 14.87 -45.40 -9.85
CA VAL A 281 16.18 -44.77 -9.90
C VAL A 281 16.99 -44.95 -11.21
N GLU A 282 16.62 -45.93 -12.04
CA GLU A 282 17.42 -46.28 -13.25
C GLU A 282 17.96 -45.10 -14.07
N SER A 283 17.08 -44.20 -14.46
CA SER A 283 17.48 -43.06 -15.30
C SER A 283 18.22 -41.98 -14.51
N PHE A 284 18.02 -41.95 -13.18
CA PHE A 284 18.76 -41.01 -12.29
C PHE A 284 20.23 -41.40 -12.24
N VAL A 285 20.48 -42.71 -12.31
CA VAL A 285 21.83 -43.27 -12.37
C VAL A 285 22.49 -42.99 -13.72
N ALA A 286 21.88 -43.48 -14.81
CA ALA A 286 22.38 -43.25 -16.19
C ALA A 286 22.76 -41.77 -16.43
N ALA A 287 21.93 -40.87 -15.89
CA ALA A 287 22.22 -39.43 -15.84
C ALA A 287 23.50 -39.07 -15.08
N ALA A 288 23.73 -39.77 -13.97
CA ALA A 288 24.86 -39.46 -13.07
C ALA A 288 26.20 -39.91 -13.65
N GLU A 289 26.16 -41.05 -14.33
CA GLU A 289 27.36 -41.60 -14.99
C GLU A 289 27.75 -40.71 -16.17
N ILE A 290 26.78 -40.37 -17.03
CA ILE A 290 27.07 -39.51 -18.18
C ILE A 290 27.52 -38.11 -17.74
N LEU A 291 26.88 -37.56 -16.72
CA LEU A 291 27.32 -36.31 -16.10
C LEU A 291 28.79 -36.42 -15.68
N LYS A 292 29.11 -37.45 -14.90
CA LYS A 292 30.50 -37.77 -14.49
C LYS A 292 31.44 -37.78 -15.70
N GLU A 293 31.02 -38.56 -16.70
CA GLU A 293 31.80 -38.78 -17.92
C GLU A 293 32.01 -37.49 -18.73
N ARG A 294 31.32 -36.42 -18.35
CA ARG A 294 31.47 -35.08 -18.97
C ARG A 294 32.14 -34.08 -18.03
N GLY A 295 32.81 -34.61 -17.00
CA GLY A 295 33.56 -33.79 -16.03
C GLY A 295 32.72 -33.24 -14.89
N ALA A 296 31.77 -34.04 -14.41
CA ALA A 296 31.02 -33.70 -13.20
C ALA A 296 31.68 -34.39 -11.99
N TYR A 297 32.24 -33.56 -11.10
CA TYR A 297 33.00 -34.09 -9.96
C TYR A 297 32.13 -34.50 -8.77
N LYS A 298 31.01 -33.80 -8.59
CA LYS A 298 30.00 -34.15 -7.59
C LYS A 298 28.62 -34.20 -8.23
N ILE A 299 27.84 -35.22 -7.87
CA ILE A 299 26.45 -35.36 -8.32
C ILE A 299 25.47 -35.38 -7.14
N TYR A 300 24.59 -34.39 -7.09
CA TYR A 300 23.49 -34.38 -6.11
C TYR A 300 22.16 -34.57 -6.81
N VAL A 301 21.35 -35.52 -6.33
CA VAL A 301 19.98 -35.63 -6.82
C VAL A 301 18.99 -35.06 -5.82
N MET A 302 18.26 -34.05 -6.26
CA MET A 302 17.21 -33.40 -5.47
C MET A 302 15.82 -33.79 -5.98
N ALA A 303 14.91 -34.02 -5.04
CA ALA A 303 13.51 -34.29 -5.37
C ALA A 303 12.59 -34.05 -4.19
N THR A 304 11.30 -33.91 -4.47
CA THR A 304 10.31 -33.70 -3.41
C THR A 304 9.87 -35.03 -2.84
N HIS A 305 9.44 -35.91 -3.73
CA HIS A 305 8.80 -37.18 -3.35
C HIS A 305 9.71 -38.36 -3.54
N GLY A 306 10.19 -38.86 -2.41
CA GLY A 306 11.20 -39.90 -2.43
C GLY A 306 10.59 -41.24 -2.14
N ILE A 307 9.99 -41.85 -3.15
CA ILE A 307 9.33 -43.13 -2.91
C ILE A 307 10.35 -44.26 -3.05
N LEU A 308 11.24 -44.14 -4.03
CA LEU A 308 12.40 -45.03 -4.12
C LEU A 308 12.00 -46.50 -4.06
N SER A 309 11.10 -46.91 -4.94
CA SER A 309 10.54 -48.26 -4.89
C SER A 309 11.54 -49.32 -5.36
N ALA A 310 11.38 -50.53 -4.83
CA ALA A 310 12.12 -51.73 -5.26
C ALA A 310 13.59 -51.65 -4.83
N GLU A 311 14.52 -52.04 -5.70
CA GLU A 311 15.96 -52.00 -5.36
C GLU A 311 16.65 -50.67 -5.68
N ALA A 312 15.91 -49.59 -5.55
CA ALA A 312 16.45 -48.25 -5.83
C ALA A 312 17.61 -47.89 -4.89
N PRO A 313 17.47 -48.18 -3.58
CA PRO A 313 18.55 -47.80 -2.64
C PRO A 313 19.85 -48.53 -2.91
N ARG A 314 19.76 -49.78 -3.36
CA ARG A 314 20.95 -50.56 -3.70
C ARG A 314 21.64 -49.88 -4.89
N LEU A 315 20.86 -49.66 -5.96
CA LEU A 315 21.36 -49.07 -7.21
C LEU A 315 22.04 -47.72 -7.01
N ILE A 316 21.58 -46.96 -6.01
CA ILE A 316 22.16 -45.65 -5.66
C ILE A 316 23.55 -45.80 -5.07
N GLU A 317 23.71 -46.76 -4.15
CA GLU A 317 25.04 -47.09 -3.63
C GLU A 317 25.97 -47.38 -4.81
N GLU A 318 25.60 -48.38 -5.60
CA GLU A 318 26.44 -48.88 -6.70
C GLU A 318 26.76 -47.81 -7.75
N SER A 319 25.91 -46.79 -7.83
CA SER A 319 26.12 -45.65 -8.75
C SER A 319 27.01 -44.57 -8.18
N SER A 320 27.39 -43.64 -9.04
CA SER A 320 28.34 -42.58 -8.68
C SER A 320 27.65 -41.33 -8.12
N VAL A 321 26.32 -41.37 -8.03
CA VAL A 321 25.59 -40.26 -7.41
C VAL A 321 26.04 -40.16 -5.95
N ASP A 322 26.46 -38.97 -5.57
CA ASP A 322 27.14 -38.78 -4.29
C ASP A 322 26.17 -38.66 -3.16
N GLU A 323 25.07 -37.97 -3.40
CA GLU A 323 24.05 -37.73 -2.38
C GLU A 323 22.67 -37.65 -3.02
N VAL A 324 21.67 -38.21 -2.33
CA VAL A 324 20.26 -38.03 -2.75
C VAL A 324 19.46 -37.38 -1.65
N VAL A 325 18.86 -36.24 -1.97
CA VAL A 325 18.13 -35.44 -0.99
C VAL A 325 16.66 -35.40 -1.34
N VAL A 326 15.86 -35.90 -0.41
CA VAL A 326 14.42 -35.91 -0.56
C VAL A 326 13.76 -35.33 0.67
N THR A 327 12.46 -35.11 0.56
CA THR A 327 11.66 -34.59 1.66
C THR A 327 10.94 -35.77 2.32
N ASN A 328 10.53 -35.59 3.57
CA ASN A 328 9.73 -36.61 4.28
C ASN A 328 8.27 -36.59 3.82
N THR A 329 8.06 -36.19 2.58
CA THR A 329 6.72 -36.25 1.99
C THR A 329 6.21 -37.70 1.96
N VAL A 330 7.08 -38.66 1.61
CA VAL A 330 6.71 -40.08 1.74
C VAL A 330 7.70 -40.75 2.69
N PRO A 331 7.26 -41.79 3.41
CA PRO A 331 8.13 -42.57 4.29
C PRO A 331 9.28 -43.35 3.61
N HIS A 332 10.47 -43.27 4.23
CA HIS A 332 11.74 -43.83 3.72
C HIS A 332 12.40 -44.90 4.54
N GLU A 333 12.14 -44.86 5.83
CA GLU A 333 13.18 -45.17 6.85
C GLU A 333 14.08 -46.35 6.49
N VAL A 334 13.46 -47.37 5.92
CA VAL A 334 14.11 -48.64 5.55
C VAL A 334 15.08 -48.51 4.38
N GLN A 335 14.73 -47.66 3.46
CA GLN A 335 15.46 -47.55 2.20
C GLN A 335 16.58 -46.55 2.36
N LYS A 336 16.54 -45.77 3.42
CA LYS A 336 17.64 -44.85 3.73
C LYS A 336 18.59 -45.49 4.74
N LEU A 337 18.18 -46.63 5.28
CA LEU A 337 19.05 -47.54 6.02
C LEU A 337 19.92 -48.30 5.04
N GLN A 338 19.27 -48.78 3.98
CA GLN A 338 19.97 -49.44 2.87
C GLN A 338 21.06 -48.55 2.32
N CYS A 339 20.71 -47.31 2.08
CA CYS A 339 21.58 -46.36 1.40
C CYS A 339 21.68 -45.07 2.20
N PRO A 340 22.81 -44.89 2.93
CA PRO A 340 22.99 -43.70 3.76
C PRO A 340 23.36 -42.47 2.91
N LYS A 341 23.56 -42.75 1.62
CA LYS A 341 23.71 -41.74 0.57
C LYS A 341 22.47 -40.82 0.52
N ILE A 342 21.36 -41.33 1.01
CA ILE A 342 20.08 -40.63 1.02
C ILE A 342 19.91 -39.79 2.29
N LYS A 343 20.06 -38.48 2.13
CA LYS A 343 19.73 -37.51 3.16
C LYS A 343 18.29 -37.03 2.93
N THR A 344 17.59 -36.71 4.02
CA THR A 344 16.15 -36.37 3.96
C THR A 344 15.84 -35.03 4.65
N VAL A 345 15.07 -34.16 3.96
CA VAL A 345 14.66 -32.83 4.51
C VAL A 345 13.22 -32.78 5.06
N ASP A 346 13.09 -32.24 6.27
CA ASP A 346 11.78 -32.13 6.93
C ASP A 346 10.91 -31.02 6.35
N ILE A 347 9.65 -31.36 6.15
CA ILE A 347 8.75 -30.52 5.43
C ILE A 347 7.47 -30.23 6.24
N SER A 348 7.33 -30.91 7.37
CA SER A 348 6.14 -30.81 8.22
C SER A 348 5.76 -29.38 8.62
N LEU A 349 6.71 -28.44 8.51
CA LEU A 349 6.46 -27.05 8.86
C LEU A 349 5.57 -26.36 7.84
N ILE A 350 5.91 -26.52 6.57
CA ILE A 350 5.11 -25.95 5.49
C ILE A 350 3.66 -26.48 5.60
N LEU A 351 3.54 -27.76 5.94
CA LEU A 351 2.24 -28.41 6.06
C LEU A 351 1.56 -27.96 7.32
N SER A 352 2.27 -27.98 8.43
CA SER A 352 1.78 -27.42 9.69
C SER A 352 1.08 -26.09 9.41
N GLU A 353 1.81 -25.20 8.77
CA GLU A 353 1.34 -23.86 8.41
C GLU A 353 0.09 -23.88 7.55
N ALA A 354 0.18 -24.54 6.39
CA ALA A 354 -0.94 -24.59 5.42
C ALA A 354 -2.25 -25.03 6.06
N ILE A 355 -2.15 -26.07 6.88
CA ILE A 355 -3.27 -26.56 7.69
C ILE A 355 -3.76 -25.47 8.63
N ARG A 356 -2.84 -24.77 9.27
CA ARG A 356 -3.19 -23.70 10.22
C ARG A 356 -3.97 -22.61 9.53
N ARG A 357 -3.58 -22.28 8.31
CA ARG A 357 -4.17 -21.14 7.62
C ARG A 357 -5.63 -21.36 7.26
N ILE A 358 -5.90 -22.43 6.52
CA ILE A 358 -7.25 -22.63 5.99
C ILE A 358 -8.26 -22.86 7.13
N HIS A 359 -7.77 -23.40 8.24
CA HIS A 359 -8.59 -23.58 9.44
C HIS A 359 -9.06 -22.23 10.00
N ASN A 360 -8.11 -21.39 10.40
CA ASN A 360 -8.41 -20.04 10.91
C ASN A 360 -8.98 -19.10 9.85
N GLY A 361 -8.96 -19.56 8.59
CA GLY A 361 -9.49 -18.79 7.46
C GLY A 361 -8.48 -17.77 6.95
N GLU A 362 -7.21 -18.00 7.23
CA GLU A 362 -6.12 -17.07 6.86
C GLU A 362 -5.78 -17.15 5.37
N SER A 363 -4.87 -16.28 4.95
CA SER A 363 -4.39 -16.27 3.57
C SER A 363 -3.14 -17.13 3.43
N MET A 364 -3.06 -17.88 2.33
CA MET A 364 -1.90 -18.73 2.02
C MET A 364 -0.97 -18.11 0.95
N ALA A 365 -0.86 -16.79 0.97
CA ALA A 365 0.00 -16.05 0.04
C ALA A 365 1.48 -16.31 0.34
N TYR A 366 1.76 -16.49 1.63
CA TYR A 366 3.12 -16.75 2.14
C TYR A 366 3.71 -18.06 1.62
N LEU A 367 2.85 -19.05 1.48
CA LEU A 367 3.26 -20.41 1.09
C LEU A 367 3.47 -20.54 -0.44
N PHE A 368 2.95 -19.56 -1.18
CA PHE A 368 3.05 -19.52 -2.64
C PHE A 368 4.00 -18.39 -3.09
N ARG A 369 3.54 -17.14 -3.00
CA ARG A 369 4.33 -15.98 -3.45
C ARG A 369 5.29 -15.48 -2.38
N GLY B 26 -17.63 -9.44 6.48
CA GLY B 26 -17.01 -8.09 6.25
C GLY B 26 -17.85 -7.28 5.27
N TYR B 27 -17.52 -7.41 3.98
CA TYR B 27 -18.34 -6.94 2.83
C TYR B 27 -17.53 -7.14 1.60
N ARG B 28 -17.91 -8.09 0.77
CA ARG B 28 -17.10 -8.36 -0.40
C ARG B 28 -17.90 -8.30 -1.67
N VAL B 29 -17.66 -7.24 -2.44
CA VAL B 29 -18.35 -7.02 -3.70
C VAL B 29 -17.34 -6.63 -4.78
N PHE B 30 -17.36 -7.37 -5.88
CA PHE B 30 -16.41 -7.18 -6.98
C PHE B 30 -17.17 -6.85 -8.25
N SER B 31 -16.52 -6.16 -9.17
CA SER B 31 -17.04 -6.01 -10.53
C SER B 31 -16.28 -6.93 -11.46
N ALA B 32 -16.98 -7.60 -12.36
CA ALA B 32 -16.32 -8.37 -13.42
C ALA B 32 -16.20 -7.56 -14.70
N ASN B 33 -16.54 -6.28 -14.62
CA ASN B 33 -16.47 -5.40 -15.79
C ASN B 33 -15.04 -4.91 -16.05
N SER B 34 -14.75 -4.66 -17.31
CA SER B 34 -13.43 -4.17 -17.76
C SER B 34 -13.51 -2.75 -18.32
N THR B 35 -14.59 -2.43 -19.03
CA THR B 35 -14.90 -1.05 -19.43
C THR B 35 -15.22 -0.27 -18.17
N ALA B 36 -14.57 0.88 -18.01
CA ALA B 36 -14.64 1.61 -16.73
C ALA B 36 -15.83 2.58 -16.61
N ALA B 37 -16.81 2.43 -17.48
CA ALA B 37 -18.11 3.10 -17.37
C ALA B 37 -19.22 2.05 -17.22
N CYS B 38 -18.84 0.85 -17.65
CA CYS B 38 -19.62 -0.35 -17.45
C CYS B 38 -19.46 -0.84 -16.02
N THR B 39 -18.76 -0.05 -15.21
CA THR B 39 -18.54 -0.29 -13.80
C THR B 39 -19.15 0.84 -12.96
N GLU B 40 -19.95 1.68 -13.61
CA GLU B 40 -20.52 2.89 -12.99
C GLU B 40 -21.53 2.52 -11.89
N LEU B 41 -22.45 1.64 -12.25
CA LEU B 41 -23.50 1.17 -11.35
C LEU B 41 -22.96 0.45 -10.12
N ALA B 42 -21.91 -0.34 -10.35
CA ALA B 42 -21.27 -1.14 -9.31
C ALA B 42 -20.56 -0.22 -8.34
N LYS B 43 -19.85 0.74 -8.93
CA LYS B 43 -19.23 1.83 -8.19
C LYS B 43 -20.29 2.45 -7.27
N ARG B 44 -21.46 2.71 -7.83
CA ARG B 44 -22.56 3.40 -7.14
C ARG B 44 -23.12 2.64 -5.96
N ILE B 45 -23.43 1.39 -6.21
CA ILE B 45 -23.94 0.48 -5.18
C ILE B 45 -23.02 0.50 -3.94
N THR B 46 -21.74 0.27 -4.16
CA THR B 46 -20.76 0.23 -3.07
C THR B 46 -20.70 1.54 -2.29
N GLU B 47 -20.92 2.66 -2.98
CA GLU B 47 -20.98 4.00 -2.32
C GLU B 47 -22.08 3.94 -1.24
N ARG B 48 -23.23 3.41 -1.66
CA ARG B 48 -24.42 3.36 -0.81
C ARG B 48 -24.29 2.31 0.30
N LEU B 49 -23.34 1.38 0.13
CA LEU B 49 -23.02 0.38 1.17
C LEU B 49 -21.87 0.81 2.07
N GLY B 50 -21.31 1.99 1.78
CA GLY B 50 -20.05 2.44 2.38
C GLY B 50 -18.85 1.56 2.01
N ALA B 51 -19.14 0.49 1.28
CA ALA B 51 -18.14 -0.51 0.91
C ALA B 51 -17.24 -0.04 -0.22
N GLU B 52 -16.14 -0.75 -0.37
CA GLU B 52 -15.14 -0.45 -1.37
C GLU B 52 -15.01 -1.68 -2.22
N LEU B 53 -14.95 -1.47 -3.53
CA LEU B 53 -14.85 -2.59 -4.46
C LEU B 53 -13.64 -3.44 -4.13
N GLY B 54 -13.78 -4.71 -4.42
CA GLY B 54 -12.70 -5.66 -4.21
C GLY B 54 -11.65 -5.41 -5.27
N LYS B 55 -10.38 -5.51 -4.89
CA LYS B 55 -9.29 -5.28 -5.84
C LYS B 55 -9.18 -6.51 -6.76
N SER B 56 -9.11 -6.26 -8.07
CA SER B 56 -9.14 -7.35 -9.08
C SER B 56 -9.01 -6.93 -10.54
N VAL B 57 -7.95 -7.37 -11.21
CA VAL B 57 -7.79 -7.06 -12.64
C VAL B 57 -8.64 -7.95 -13.55
N VAL B 58 -9.22 -7.35 -14.57
CA VAL B 58 -9.93 -8.08 -15.61
C VAL B 58 -9.26 -7.80 -16.95
N TYR B 59 -8.25 -8.61 -17.27
CA TYR B 59 -7.46 -8.43 -18.50
C TYR B 59 -8.25 -8.78 -19.77
N GLN B 60 -7.58 -8.58 -20.90
CA GLN B 60 -7.91 -9.19 -22.17
C GLN B 60 -6.57 -9.48 -22.82
N GLU B 61 -6.29 -10.76 -23.06
CA GLU B 61 -5.08 -11.12 -23.79
C GLU B 61 -5.17 -10.63 -25.22
N THR B 62 -4.02 -10.58 -25.88
CA THR B 62 -3.92 -10.10 -27.26
C THR B 62 -4.71 -10.99 -28.24
N ASN B 63 -4.79 -12.28 -27.90
CA ASN B 63 -5.56 -13.28 -28.65
C ASN B 63 -7.07 -13.22 -28.42
N GLY B 64 -7.47 -12.37 -27.48
CA GLY B 64 -8.88 -12.13 -27.15
C GLY B 64 -9.33 -12.72 -25.84
N GLU B 65 -8.61 -13.74 -25.38
CA GLU B 65 -8.98 -14.45 -24.17
C GLU B 65 -9.14 -13.50 -22.99
N THR B 66 -10.12 -13.81 -22.15
CA THR B 66 -10.32 -13.05 -20.93
C THR B 66 -9.44 -13.59 -19.81
N ARG B 67 -9.02 -12.69 -18.94
CA ARG B 67 -8.30 -13.04 -17.74
C ARG B 67 -8.73 -12.23 -16.54
N VAL B 68 -8.82 -12.91 -15.41
CA VAL B 68 -9.26 -12.30 -14.17
C VAL B 68 -8.27 -12.71 -13.10
N GLU B 69 -7.91 -11.76 -12.25
CA GLU B 69 -6.99 -11.99 -11.13
C GLU B 69 -7.69 -11.32 -9.94
N ILE B 70 -7.94 -12.09 -8.90
CA ILE B 70 -8.49 -11.54 -7.66
C ILE B 70 -7.30 -11.10 -6.81
N LYS B 71 -7.21 -9.81 -6.52
CA LYS B 71 -6.06 -9.23 -5.81
C LYS B 71 -6.24 -9.16 -4.28
N GLU B 72 -7.10 -10.03 -3.72
CA GLU B 72 -7.27 -10.13 -2.27
C GLU B 72 -7.82 -11.49 -1.84
N SER B 73 -7.58 -11.85 -0.59
CA SER B 73 -7.99 -13.16 -0.05
C SER B 73 -9.50 -13.23 0.15
N VAL B 74 -10.06 -14.39 -0.16
CA VAL B 74 -11.51 -14.63 -0.09
C VAL B 74 -11.85 -15.81 0.86
N ARG B 75 -10.85 -16.65 1.15
CA ARG B 75 -11.00 -17.84 2.01
C ARG B 75 -12.21 -17.79 2.93
N GLY B 76 -13.24 -18.55 2.56
CA GLY B 76 -14.38 -18.81 3.45
C GLY B 76 -15.43 -17.71 3.50
N GLN B 77 -15.24 -16.65 2.72
CA GLN B 77 -16.15 -15.50 2.74
C GLN B 77 -17.19 -15.46 1.61
N ASP B 78 -18.27 -14.70 1.88
CA ASP B 78 -19.39 -14.50 0.95
C ASP B 78 -19.16 -13.26 0.06
N ILE B 79 -19.07 -13.52 -1.25
CA ILE B 79 -18.65 -12.54 -2.25
C ILE B 79 -19.75 -12.18 -3.26
N PHE B 80 -19.84 -10.89 -3.57
CA PHE B 80 -20.83 -10.37 -4.52
C PHE B 80 -20.18 -9.88 -5.80
N ILE B 81 -20.49 -10.51 -6.91
CA ILE B 81 -19.99 -10.03 -8.18
C ILE B 81 -21.06 -9.10 -8.73
N ILE B 82 -20.65 -8.04 -9.42
CA ILE B 82 -21.58 -7.20 -10.17
C ILE B 82 -21.23 -7.25 -11.67
N GLN B 83 -22.23 -7.46 -12.51
CA GLN B 83 -22.01 -7.48 -13.95
C GLN B 83 -23.09 -6.72 -14.64
N THR B 84 -22.67 -5.80 -15.49
CA THR B 84 -23.53 -5.18 -16.47
C THR B 84 -23.12 -5.65 -17.89
N ILE B 85 -24.04 -5.69 -18.84
CA ILE B 85 -23.69 -6.16 -20.21
C ILE B 85 -23.72 -5.01 -21.22
N PRO B 86 -22.56 -4.65 -21.79
CA PRO B 86 -22.45 -3.64 -22.83
C PRO B 86 -22.09 -4.16 -24.23
N ARG B 87 -23.05 -4.78 -24.91
CA ARG B 87 -22.95 -5.00 -26.36
C ARG B 87 -22.13 -6.24 -26.71
N ASP B 88 -20.85 -6.29 -26.32
CA ASP B 88 -20.10 -7.53 -26.51
C ASP B 88 -20.53 -8.43 -25.38
N VAL B 89 -21.70 -9.04 -25.57
CA VAL B 89 -22.37 -9.66 -24.42
C VAL B 89 -21.58 -10.89 -24.11
N ASN B 90 -21.15 -11.57 -25.17
CA ASN B 90 -20.34 -12.79 -25.08
C ASN B 90 -19.10 -12.68 -24.14
N THR B 91 -18.47 -11.53 -24.10
CA THR B 91 -17.29 -11.36 -23.27
C THR B 91 -17.69 -11.11 -21.81
N ALA B 92 -18.72 -10.28 -21.65
CA ALA B 92 -19.31 -9.98 -20.35
C ALA B 92 -19.67 -11.24 -19.57
N VAL B 93 -20.10 -12.28 -20.30
CA VAL B 93 -20.55 -13.53 -19.65
C VAL B 93 -19.35 -14.38 -19.25
N MET B 94 -18.29 -14.34 -20.03
CA MET B 94 -17.09 -15.13 -19.68
C MET B 94 -16.42 -14.46 -18.49
N GLU B 95 -16.18 -13.15 -18.61
CA GLU B 95 -15.71 -12.32 -17.51
C GLU B 95 -16.45 -12.67 -16.20
N LEU B 96 -17.76 -12.80 -16.30
CA LEU B 96 -18.57 -13.21 -15.15
C LEU B 96 -18.22 -14.63 -14.74
N LEU B 97 -18.44 -15.56 -15.66
CA LEU B 97 -18.17 -16.98 -15.39
C LEU B 97 -16.77 -17.17 -14.84
N ILE B 98 -15.80 -16.66 -15.57
CA ILE B 98 -14.41 -16.73 -15.16
C ILE B 98 -14.18 -16.16 -13.75
N MET B 99 -14.75 -15.01 -13.46
CA MET B 99 -14.56 -14.42 -12.13
C MET B 99 -15.15 -15.30 -11.06
N ALA B 100 -16.35 -15.82 -11.30
CA ALA B 100 -17.00 -16.73 -10.34
C ALA B 100 -16.10 -17.93 -10.07
N TYR B 101 -15.66 -18.54 -11.17
CA TYR B 101 -14.82 -19.73 -11.16
C TYR B 101 -13.49 -19.48 -10.44
N ALA B 102 -12.93 -18.30 -10.62
CA ALA B 102 -11.73 -17.91 -9.86
C ALA B 102 -12.01 -17.67 -8.35
N LEU B 103 -13.18 -17.15 -8.00
CA LEU B 103 -13.53 -16.94 -6.60
C LEU B 103 -13.88 -18.28 -5.94
N LYS B 104 -14.45 -19.19 -6.72
CA LYS B 104 -14.73 -20.56 -6.26
C LYS B 104 -13.41 -21.25 -5.94
N THR B 105 -12.43 -21.12 -6.82
CA THR B 105 -11.07 -21.65 -6.58
C THR B 105 -10.36 -20.99 -5.37
N ALA B 106 -10.59 -19.69 -5.17
CA ALA B 106 -10.10 -18.96 -3.96
C ALA B 106 -10.86 -19.34 -2.67
N CYS B 107 -11.85 -20.23 -2.81
CA CYS B 107 -12.61 -20.79 -1.67
C CYS B 107 -13.61 -19.80 -1.11
N ALA B 108 -14.36 -19.18 -1.99
CA ALA B 108 -15.45 -18.31 -1.59
C ALA B 108 -16.50 -19.23 -0.99
N ARG B 109 -17.04 -18.87 0.18
CA ARG B 109 -18.14 -19.66 0.72
C ARG B 109 -19.32 -19.50 -0.22
N ASN B 110 -19.84 -18.28 -0.33
CA ASN B 110 -20.96 -17.99 -1.23
C ASN B 110 -20.62 -16.94 -2.26
N ILE B 111 -20.96 -17.25 -3.51
CA ILE B 111 -20.72 -16.39 -4.67
C ILE B 111 -22.07 -15.90 -5.17
N ILE B 112 -22.32 -14.61 -5.02
CA ILE B 112 -23.61 -14.02 -5.35
C ILE B 112 -23.46 -13.14 -6.59
N GLY B 113 -24.22 -13.47 -7.62
CA GLY B 113 -24.19 -12.73 -8.86
C GLY B 113 -25.22 -11.62 -8.84
N VAL B 114 -24.76 -10.40 -8.96
CA VAL B 114 -25.67 -9.29 -9.11
C VAL B 114 -25.63 -8.98 -10.58
N ILE B 115 -26.65 -9.42 -11.29
CA ILE B 115 -26.75 -9.25 -12.73
C ILE B 115 -28.04 -8.49 -12.97
N PRO B 116 -27.97 -7.17 -12.96
CA PRO B 116 -29.21 -6.45 -13.05
C PRO B 116 -29.95 -6.84 -14.29
N TYR B 117 -29.39 -6.60 -15.47
CA TYR B 117 -29.95 -7.15 -16.71
C TYR B 117 -29.33 -8.50 -16.94
N PHE B 118 -30.14 -9.55 -16.88
CA PHE B 118 -29.64 -10.90 -17.22
C PHE B 118 -29.60 -11.14 -18.75
N PRO B 119 -28.40 -11.39 -19.31
CA PRO B 119 -28.22 -11.53 -20.75
C PRO B 119 -28.80 -12.82 -21.32
N TYR B 120 -28.94 -12.87 -22.63
CA TYR B 120 -29.65 -13.99 -23.28
C TYR B 120 -31.07 -14.26 -22.76
N SER B 121 -31.61 -13.33 -21.95
CA SER B 121 -32.92 -13.51 -21.29
C SER B 121 -34.12 -13.45 -22.25
N LYS B 122 -33.95 -12.81 -23.40
CA LYS B 122 -34.97 -12.92 -24.46
C LYS B 122 -34.96 -14.32 -25.11
N GLN B 123 -33.84 -15.04 -25.03
CA GLN B 123 -33.76 -16.42 -25.58
C GLN B 123 -34.29 -17.47 -24.57
N SER B 124 -35.49 -17.19 -24.05
CA SER B 124 -36.11 -17.97 -22.95
C SER B 124 -37.23 -18.92 -23.40
N LYS B 125 -37.94 -18.56 -24.47
CA LYS B 125 -38.73 -19.52 -25.27
C LYS B 125 -37.75 -20.28 -26.15
N MET B 126 -38.20 -21.35 -26.79
CA MET B 126 -37.47 -21.93 -27.93
C MET B 126 -38.14 -21.53 -29.22
N ARG B 127 -37.41 -20.91 -30.14
CA ARG B 127 -38.00 -20.52 -31.44
C ARG B 127 -38.12 -21.75 -32.34
N LYS B 128 -37.17 -21.93 -33.24
CA LYS B 128 -37.27 -22.94 -34.29
C LYS B 128 -36.57 -24.18 -33.76
N ARG B 129 -35.59 -24.70 -34.50
CA ARG B 129 -34.82 -25.85 -34.03
C ARG B 129 -33.69 -25.42 -33.09
N GLY B 130 -33.67 -24.13 -32.78
CA GLY B 130 -32.69 -23.53 -31.88
C GLY B 130 -32.67 -24.07 -30.46
N SER B 131 -32.56 -23.17 -29.49
CA SER B 131 -32.49 -23.56 -28.07
C SER B 131 -32.81 -22.44 -27.10
N ILE B 132 -33.22 -22.84 -25.91
CA ILE B 132 -33.41 -21.91 -24.80
C ILE B 132 -32.05 -21.58 -24.18
N VAL B 133 -31.24 -20.76 -24.85
CA VAL B 133 -29.87 -20.51 -24.37
C VAL B 133 -29.83 -19.76 -23.03
N CYS B 134 -30.95 -19.21 -22.59
CA CYS B 134 -31.01 -18.57 -21.28
C CYS B 134 -30.81 -19.61 -20.19
N LYS B 135 -31.30 -20.81 -20.46
CA LYS B 135 -31.21 -21.92 -19.50
C LYS B 135 -29.80 -22.44 -19.50
N LEU B 136 -29.28 -22.66 -20.70
CA LEU B 136 -27.87 -23.03 -20.85
C LEU B 136 -27.01 -22.13 -19.98
N LEU B 137 -27.21 -20.83 -20.12
CA LEU B 137 -26.41 -19.86 -19.39
C LEU B 137 -26.58 -20.03 -17.87
N ALA B 138 -27.81 -20.27 -17.44
CA ALA B 138 -28.11 -20.45 -16.01
C ALA B 138 -27.49 -21.71 -15.42
N SER B 139 -27.17 -22.67 -16.29
CA SER B 139 -26.48 -23.90 -15.90
C SER B 139 -24.98 -23.67 -15.71
N MET B 140 -24.42 -22.95 -16.69
CA MET B 140 -22.98 -22.68 -16.75
C MET B 140 -22.59 -21.77 -15.60
N LEU B 141 -23.44 -20.81 -15.35
CA LEU B 141 -23.29 -19.92 -14.22
C LEU B 141 -23.10 -20.69 -12.91
N ALA B 142 -23.82 -21.79 -12.75
CA ALA B 142 -23.70 -22.64 -11.56
C ALA B 142 -22.42 -23.48 -11.55
N LYS B 143 -22.10 -24.03 -12.72
CA LYS B 143 -20.84 -24.74 -12.92
C LYS B 143 -19.65 -23.88 -12.49
N ALA B 144 -19.65 -22.62 -12.93
CA ALA B 144 -18.63 -21.62 -12.52
C ALA B 144 -18.67 -21.33 -11.00
N GLY B 145 -19.67 -21.88 -10.35
CA GLY B 145 -19.82 -21.84 -8.90
C GLY B 145 -20.50 -20.58 -8.42
N LEU B 146 -21.77 -20.43 -8.75
CA LEU B 146 -22.54 -19.25 -8.34
C LEU B 146 -23.55 -19.77 -7.36
N THR B 147 -23.52 -19.25 -6.13
CA THR B 147 -24.43 -19.70 -5.08
C THR B 147 -25.86 -19.28 -5.42
N HIS B 148 -25.99 -18.04 -5.84
CA HIS B 148 -27.29 -17.50 -6.23
C HIS B 148 -27.20 -16.10 -6.82
N ILE B 149 -28.23 -15.72 -7.58
CA ILE B 149 -28.20 -14.40 -8.22
C ILE B 149 -29.30 -13.45 -7.75
N ILE B 150 -28.92 -12.18 -7.68
CA ILE B 150 -29.84 -11.06 -7.56
C ILE B 150 -29.99 -10.47 -8.95
N THR B 151 -31.20 -10.11 -9.34
CA THR B 151 -31.39 -9.52 -10.67
C THR B 151 -32.62 -8.64 -10.62
N MET B 152 -32.87 -7.91 -11.71
CA MET B 152 -34.09 -7.10 -11.84
C MET B 152 -34.99 -7.34 -13.04
N ASP B 153 -36.29 -7.40 -12.74
CA ASP B 153 -37.36 -7.53 -13.75
C ASP B 153 -36.99 -8.51 -14.86
N LEU B 154 -36.76 -9.76 -14.48
CA LEU B 154 -36.59 -10.87 -15.42
C LEU B 154 -37.65 -10.76 -16.52
N HIS B 155 -37.26 -11.06 -17.77
CA HIS B 155 -38.17 -11.04 -18.94
C HIS B 155 -39.46 -11.81 -18.69
N GLN B 156 -39.35 -12.96 -18.06
CA GLN B 156 -40.50 -13.79 -17.72
C GLN B 156 -40.16 -14.34 -16.33
N LYS B 157 -41.14 -14.33 -15.42
CA LYS B 157 -40.86 -14.62 -14.00
C LYS B 157 -40.52 -16.10 -13.92
N GLU B 158 -41.15 -16.83 -14.82
CA GLU B 158 -40.91 -18.27 -15.01
C GLU B 158 -39.41 -18.62 -15.25
N ILE B 159 -38.69 -17.74 -15.90
CA ILE B 159 -37.25 -18.00 -16.21
C ILE B 159 -36.47 -18.31 -14.93
N GLN B 160 -36.92 -17.72 -13.81
CA GLN B 160 -36.41 -17.97 -12.43
C GLN B 160 -36.31 -19.46 -12.08
N GLY B 161 -37.17 -20.24 -12.70
CA GLY B 161 -37.04 -21.69 -12.70
C GLY B 161 -35.78 -22.26 -13.35
N PHE B 162 -35.18 -21.55 -14.31
CA PHE B 162 -34.01 -22.08 -15.04
C PHE B 162 -32.82 -22.28 -14.10
N PHE B 163 -32.82 -21.57 -12.98
CA PHE B 163 -31.67 -21.56 -12.07
C PHE B 163 -31.80 -22.62 -10.98
N SER B 164 -30.74 -23.41 -10.85
CA SER B 164 -30.68 -24.47 -9.86
C SER B 164 -30.24 -23.94 -8.50
N PHE B 165 -30.26 -22.63 -8.35
CA PHE B 165 -29.93 -22.01 -7.09
C PHE B 165 -30.85 -20.83 -6.89
N PRO B 166 -30.90 -20.27 -5.65
CA PRO B 166 -31.85 -19.21 -5.36
C PRO B 166 -31.70 -17.98 -6.21
N VAL B 167 -32.80 -17.28 -6.37
CA VAL B 167 -32.83 -16.05 -7.12
C VAL B 167 -33.62 -14.98 -6.36
N ASP B 168 -33.30 -13.73 -6.61
CA ASP B 168 -34.19 -12.63 -6.28
C ASP B 168 -34.45 -11.79 -7.53
N ASN B 169 -35.70 -11.84 -7.99
CA ASN B 169 -36.06 -11.15 -9.21
C ASN B 169 -36.75 -9.86 -8.84
N LEU B 170 -35.93 -8.85 -8.60
CA LEU B 170 -36.39 -7.56 -8.06
C LEU B 170 -37.06 -6.72 -9.11
N ARG B 171 -37.97 -5.88 -8.65
CA ARG B 171 -38.82 -5.07 -9.49
C ARG B 171 -38.31 -3.64 -9.54
N ALA B 172 -38.50 -2.99 -10.67
CA ALA B 172 -38.19 -1.57 -10.82
C ALA B 172 -39.44 -0.71 -10.75
N SER B 173 -40.61 -1.34 -10.76
CA SER B 173 -41.87 -0.60 -10.69
C SER B 173 -41.84 0.51 -9.65
N PRO B 174 -41.55 0.20 -8.37
CA PRO B 174 -41.60 1.25 -7.37
C PRO B 174 -41.03 2.57 -7.86
N PHE B 175 -39.83 2.52 -8.43
CA PHE B 175 -39.14 3.72 -8.92
C PHE B 175 -39.77 4.28 -10.21
N LEU B 176 -39.93 3.42 -11.21
CA LEU B 176 -40.52 3.83 -12.48
C LEU B 176 -41.89 4.45 -12.26
N LEU B 177 -42.67 3.84 -11.39
CA LEU B 177 -43.99 4.37 -10.98
C LEU B 177 -43.89 5.75 -10.35
N GLN B 178 -42.93 5.90 -9.44
CA GLN B 178 -42.67 7.18 -8.76
C GLN B 178 -42.42 8.27 -9.82
N TYR B 179 -41.57 7.92 -10.79
CA TYR B 179 -41.25 8.82 -11.91
C TYR B 179 -42.47 9.23 -12.75
N ILE B 180 -43.45 8.33 -12.87
CA ILE B 180 -44.70 8.68 -13.54
C ILE B 180 -45.28 9.89 -12.81
N GLN B 181 -45.46 9.72 -11.51
CA GLN B 181 -46.06 10.76 -10.69
C GLN B 181 -45.09 11.84 -10.25
N GLU B 182 -43.93 11.93 -10.88
CA GLU B 182 -42.92 12.92 -10.50
C GLU B 182 -42.88 14.00 -11.55
N GLU B 183 -42.45 13.62 -12.75
CA GLU B 183 -42.45 14.53 -13.89
C GLU B 183 -42.98 13.85 -15.13
N ILE B 184 -44.09 13.16 -14.98
CA ILE B 184 -45.06 13.07 -16.08
C ILE B 184 -46.22 14.04 -15.74
N PRO B 185 -46.27 15.18 -16.45
CA PRO B 185 -47.32 16.14 -16.24
C PRO B 185 -48.68 15.53 -16.48
N ASN B 186 -49.56 15.68 -15.50
CA ASN B 186 -50.97 15.23 -15.57
C ASN B 186 -51.09 13.75 -15.93
N TYR B 187 -50.29 12.92 -15.27
CA TYR B 187 -50.28 11.47 -15.54
C TYR B 187 -51.67 10.84 -15.45
N ARG B 188 -52.46 11.29 -14.48
CA ARG B 188 -53.81 10.74 -14.24
C ARG B 188 -54.73 10.74 -15.47
N ASN B 189 -54.51 11.67 -16.39
CA ASN B 189 -55.23 11.64 -17.69
C ASN B 189 -54.60 10.61 -18.67
N ALA B 190 -53.47 10.03 -18.28
CA ALA B 190 -52.75 9.08 -19.11
C ALA B 190 -53.41 7.73 -19.13
N VAL B 191 -53.04 6.94 -20.13
CA VAL B 191 -53.50 5.55 -20.26
C VAL B 191 -52.29 4.62 -20.53
N ILE B 192 -52.08 3.65 -19.64
CA ILE B 192 -50.98 2.69 -19.78
C ILE B 192 -51.20 1.75 -20.98
N VAL B 193 -50.18 1.59 -21.79
CA VAL B 193 -50.29 0.84 -23.04
C VAL B 193 -49.32 -0.33 -23.09
N ALA B 194 -49.73 -1.39 -23.78
CA ALA B 194 -48.86 -2.53 -24.02
C ALA B 194 -48.55 -2.64 -25.51
N LYS B 195 -47.27 -2.49 -25.81
CA LYS B 195 -46.68 -2.62 -27.16
C LYS B 195 -47.15 -3.88 -27.89
N SER B 196 -47.38 -4.95 -27.13
CA SER B 196 -47.93 -6.17 -27.70
C SER B 196 -48.61 -7.04 -26.63
N PRO B 197 -49.41 -8.03 -27.06
CA PRO B 197 -50.04 -8.93 -26.10
C PRO B 197 -49.08 -9.45 -25.05
N ASP B 198 -47.90 -9.92 -25.47
CA ASP B 198 -46.85 -10.41 -24.53
C ASP B 198 -46.59 -9.43 -23.38
N ALA B 199 -46.71 -8.13 -23.66
CA ALA B 199 -46.46 -7.08 -22.69
C ALA B 199 -47.68 -6.69 -21.89
N ALA B 200 -48.80 -7.35 -22.19
CA ALA B 200 -50.10 -7.05 -21.57
C ALA B 200 -50.05 -7.09 -20.06
N LYS B 201 -49.31 -8.06 -19.54
CA LYS B 201 -49.19 -8.32 -18.08
C LYS B 201 -48.38 -7.25 -17.35
N ARG B 202 -47.21 -6.94 -17.89
CA ARG B 202 -46.32 -5.91 -17.31
C ARG B 202 -47.09 -4.60 -17.19
N ALA B 203 -47.85 -4.31 -18.24
CA ALA B 203 -48.65 -3.11 -18.33
C ALA B 203 -49.80 -3.14 -17.31
N GLN B 204 -50.45 -4.29 -17.20
CA GLN B 204 -51.56 -4.51 -16.26
C GLN B 204 -51.20 -4.05 -14.86
N SER B 205 -49.97 -4.33 -14.45
CA SER B 205 -49.52 -4.04 -13.10
C SER B 205 -49.41 -2.55 -12.83
N TYR B 206 -49.13 -1.77 -13.88
CA TYR B 206 -48.99 -0.31 -13.76
C TYR B 206 -50.38 0.35 -13.73
N ALA B 207 -51.25 -0.10 -14.63
CA ALA B 207 -52.65 0.32 -14.63
C ALA B 207 -53.31 0.06 -13.27
N GLU B 208 -53.18 -1.17 -12.79
CA GLU B 208 -53.71 -1.56 -11.47
C GLU B 208 -53.21 -0.66 -10.32
N ARG B 209 -51.92 -0.36 -10.33
CA ARG B 209 -51.31 0.35 -9.20
C ARG B 209 -51.57 1.86 -9.28
N LEU B 210 -51.60 2.40 -10.49
CA LEU B 210 -51.82 3.85 -10.73
C LEU B 210 -53.31 4.26 -10.83
N ARG B 211 -54.18 3.25 -10.85
CA ARG B 211 -55.64 3.42 -11.03
C ARG B 211 -56.03 4.01 -12.40
N LEU B 212 -55.31 3.63 -13.45
CA LEU B 212 -55.53 4.19 -14.79
C LEU B 212 -56.03 3.15 -15.79
N GLY B 213 -56.42 3.65 -16.96
CA GLY B 213 -56.90 2.83 -18.05
C GLY B 213 -55.81 1.97 -18.62
N LEU B 214 -56.17 1.05 -19.50
CA LEU B 214 -55.21 0.13 -20.12
C LEU B 214 -55.60 -0.22 -21.53
N ALA B 215 -54.67 -0.06 -22.46
CA ALA B 215 -54.86 -0.49 -23.84
C ALA B 215 -53.75 -1.42 -24.25
N VAL B 216 -53.93 -2.10 -25.38
CA VAL B 216 -52.90 -3.01 -25.90
C VAL B 216 -52.88 -2.96 -27.41
N ILE B 217 -51.67 -2.98 -27.96
CA ILE B 217 -51.49 -2.85 -29.39
C ILE B 217 -51.22 -4.21 -30.00
N HIS B 218 -51.61 -4.36 -31.26
CA HIS B 218 -51.24 -5.54 -32.06
C HIS B 218 -51.64 -5.38 -33.51
N PRO B 258 -47.35 -5.65 -38.83
CA PRO B 258 -48.66 -6.29 -38.66
C PRO B 258 -49.78 -5.44 -39.21
N PRO B 259 -51.04 -5.93 -39.13
CA PRO B 259 -52.21 -5.07 -39.38
C PRO B 259 -52.30 -3.92 -38.37
N ILE B 260 -51.38 -3.92 -37.40
CA ILE B 260 -51.14 -2.84 -36.40
C ILE B 260 -52.38 -2.03 -36.00
N THR B 261 -52.98 -2.40 -34.88
CA THR B 261 -54.13 -1.69 -34.38
C THR B 261 -54.04 -1.58 -32.87
N VAL B 262 -54.52 -0.46 -32.32
CA VAL B 262 -54.69 -0.35 -30.86
C VAL B 262 -56.04 -0.91 -30.47
N VAL B 263 -56.06 -1.55 -29.30
CA VAL B 263 -57.25 -2.10 -28.66
C VAL B 263 -57.44 -1.36 -27.35
N GLY B 264 -58.44 -0.50 -27.33
CA GLY B 264 -58.70 0.37 -26.19
C GLY B 264 -58.90 1.81 -26.64
N ASP B 265 -59.68 2.55 -25.87
CA ASP B 265 -59.78 4.00 -26.06
C ASP B 265 -58.44 4.59 -25.64
N VAL B 266 -57.83 5.36 -26.52
CA VAL B 266 -56.58 6.06 -26.17
C VAL B 266 -56.71 7.57 -26.39
N GLY B 267 -57.49 7.93 -27.39
CA GLY B 267 -57.74 9.32 -27.77
C GLY B 267 -57.89 10.31 -26.63
N GLY B 268 -57.49 11.55 -26.88
CA GLY B 268 -57.57 12.64 -25.90
C GLY B 268 -56.75 12.46 -24.64
N ARG B 269 -55.80 11.55 -24.69
CA ARG B 269 -55.04 11.17 -23.51
C ARG B 269 -53.56 11.02 -23.82
N ILE B 270 -52.76 11.21 -22.77
CA ILE B 270 -51.32 10.95 -22.82
C ILE B 270 -51.15 9.44 -22.78
N ALA B 271 -50.52 8.88 -23.80
CA ALA B 271 -50.22 7.43 -23.82
C ALA B 271 -48.94 7.14 -23.02
N ILE B 272 -48.97 6.05 -22.24
CA ILE B 272 -47.73 5.56 -21.59
C ILE B 272 -47.51 4.09 -21.92
N ILE B 273 -46.49 3.80 -22.72
CA ILE B 273 -46.19 2.41 -23.04
C ILE B 273 -45.28 1.80 -21.98
N VAL B 274 -45.63 0.62 -21.51
CA VAL B 274 -44.83 -0.09 -20.52
C VAL B 274 -44.38 -1.44 -21.03
N ASP B 275 -43.10 -1.71 -20.77
CA ASP B 275 -42.47 -2.96 -21.16
C ASP B 275 -41.25 -3.16 -20.29
N ASP B 276 -40.63 -4.32 -20.40
CA ASP B 276 -39.46 -4.64 -19.56
C ASP B 276 -38.14 -4.19 -20.20
N ILE B 277 -38.01 -4.41 -21.51
CA ILE B 277 -36.78 -4.13 -22.26
C ILE B 277 -37.04 -3.25 -23.50
N ILE B 278 -36.06 -2.39 -23.80
CA ILE B 278 -35.98 -1.63 -25.03
C ILE B 278 -34.65 -1.98 -25.69
N ASP B 279 -34.70 -3.00 -26.54
CA ASP B 279 -33.54 -3.42 -27.32
C ASP B 279 -33.68 -2.76 -28.69
N ASP B 280 -34.50 -3.35 -29.54
CA ASP B 280 -34.73 -2.89 -30.90
C ASP B 280 -36.01 -2.07 -30.91
N VAL B 281 -35.79 -0.77 -31.02
CA VAL B 281 -36.82 0.24 -30.93
C VAL B 281 -37.94 0.19 -32.03
N GLU B 282 -37.72 -0.52 -33.12
CA GLU B 282 -38.67 -0.51 -34.26
C GLU B 282 -40.16 -0.57 -33.91
N SER B 283 -40.55 -1.55 -33.11
CA SER B 283 -41.97 -1.74 -32.73
C SER B 283 -42.42 -0.75 -31.64
N PHE B 284 -41.47 -0.16 -30.92
CA PHE B 284 -41.80 0.90 -29.94
C PHE B 284 -42.24 2.16 -30.67
N VAL B 285 -41.64 2.38 -31.85
CA VAL B 285 -41.97 3.50 -32.74
C VAL B 285 -43.32 3.27 -33.42
N ALA B 286 -43.44 2.18 -34.16
CA ALA B 286 -44.72 1.84 -34.84
C ALA B 286 -45.92 1.96 -33.88
N ALA B 287 -45.71 1.52 -32.65
CA ALA B 287 -46.67 1.74 -31.55
C ALA B 287 -46.98 3.21 -31.24
N ALA B 288 -45.98 4.05 -31.32
CA ALA B 288 -46.11 5.48 -30.96
C ALA B 288 -46.83 6.26 -32.04
N GLU B 289 -46.57 5.92 -33.29
CA GLU B 289 -47.24 6.57 -34.43
C GLU B 289 -48.73 6.20 -34.46
N ILE B 290 -49.04 4.92 -34.33
CA ILE B 290 -50.44 4.48 -34.30
C ILE B 290 -51.20 5.02 -33.09
N LEU B 291 -50.54 5.06 -31.94
CA LEU B 291 -51.10 5.71 -30.74
C LEU B 291 -51.44 7.18 -31.04
N LYS B 292 -50.47 7.91 -31.58
CA LYS B 292 -50.66 9.29 -32.04
C LYS B 292 -51.87 9.42 -32.97
N GLU B 293 -51.87 8.54 -33.97
CA GLU B 293 -52.90 8.52 -35.01
C GLU B 293 -54.30 8.17 -34.48
N ARG B 294 -54.36 7.78 -33.20
CA ARG B 294 -55.63 7.51 -32.49
C ARG B 294 -55.92 8.56 -31.40
N GLY B 295 -55.25 9.70 -31.50
CA GLY B 295 -55.46 10.82 -30.58
C GLY B 295 -54.65 10.74 -29.30
N ALA B 296 -53.42 10.26 -29.41
CA ALA B 296 -52.48 10.28 -28.29
C ALA B 296 -51.61 11.52 -28.41
N TYR B 297 -51.78 12.45 -27.47
CA TYR B 297 -51.09 13.74 -27.52
C TYR B 297 -49.66 13.68 -26.96
N LYS B 298 -49.44 12.81 -25.97
CA LYS B 298 -48.09 12.55 -25.43
C LYS B 298 -47.82 11.04 -25.37
N ILE B 299 -46.62 10.65 -25.77
CA ILE B 299 -46.19 9.25 -25.72
C ILE B 299 -44.97 9.08 -24.82
N TYR B 300 -45.11 8.34 -23.73
CA TYR B 300 -43.96 7.97 -22.88
C TYR B 300 -43.70 6.49 -22.99
N VAL B 301 -42.44 6.11 -23.26
CA VAL B 301 -42.05 4.70 -23.17
C VAL B 301 -41.25 4.40 -21.90
N MET B 302 -41.81 3.49 -21.10
CA MET B 302 -41.19 3.07 -19.85
C MET B 302 -40.65 1.65 -19.97
N ALA B 303 -39.48 1.42 -19.39
CA ALA B 303 -38.87 0.08 -19.37
C ALA B 303 -37.83 -0.04 -18.28
N THR B 304 -37.50 -1.27 -17.94
CA THR B 304 -36.46 -1.51 -16.92
C THR B 304 -35.08 -1.49 -17.56
N HIS B 305 -34.92 -2.30 -18.60
CA HIS B 305 -33.61 -2.57 -19.21
C HIS B 305 -33.45 -1.86 -20.52
N GLY B 306 -32.66 -0.81 -20.50
CA GLY B 306 -32.54 0.05 -21.67
C GLY B 306 -31.26 -0.23 -22.42
N ILE B 307 -31.26 -1.28 -23.23
CA ILE B 307 -30.04 -1.64 -23.94
C ILE B 307 -29.92 -0.84 -25.21
N LEU B 308 -31.04 -0.62 -25.89
CA LEU B 308 -31.10 0.34 -27.01
C LEU B 308 -30.00 0.09 -28.05
N SER B 309 -29.92 -1.14 -28.53
CA SER B 309 -28.83 -1.53 -29.42
C SER B 309 -28.98 -0.90 -30.84
N ALA B 310 -27.82 -0.68 -31.48
CA ALA B 310 -27.74 -0.25 -32.88
C ALA B 310 -28.18 1.21 -33.05
N GLU B 311 -28.95 1.52 -34.09
CA GLU B 311 -29.41 2.91 -34.32
C GLU B 311 -30.73 3.26 -33.60
N ALA B 312 -30.96 2.65 -32.46
CA ALA B 312 -32.18 2.89 -31.69
C ALA B 312 -32.34 4.34 -31.27
N PRO B 313 -31.25 4.98 -30.79
CA PRO B 313 -31.35 6.36 -30.35
C PRO B 313 -31.67 7.35 -31.47
N ARG B 314 -31.19 7.05 -32.67
CA ARG B 314 -31.52 7.88 -33.82
C ARG B 314 -33.02 7.77 -34.11
N LEU B 315 -33.49 6.53 -34.26
CA LEU B 315 -34.89 6.23 -34.57
C LEU B 315 -35.89 6.85 -33.59
N ILE B 316 -35.47 6.98 -32.32
CA ILE B 316 -36.29 7.60 -31.27
C ILE B 316 -36.47 9.10 -31.49
N GLU B 317 -35.38 9.77 -31.84
CA GLU B 317 -35.44 11.18 -32.25
C GLU B 317 -36.48 11.31 -33.36
N GLU B 318 -36.23 10.60 -34.46
CA GLU B 318 -37.05 10.70 -35.69
C GLU B 318 -38.53 10.34 -35.47
N SER B 319 -38.80 9.54 -34.44
CA SER B 319 -40.16 9.17 -34.09
C SER B 319 -40.86 10.20 -33.21
N SER B 320 -42.16 9.97 -33.01
CA SER B 320 -42.99 10.91 -32.26
C SER B 320 -43.04 10.61 -30.76
N VAL B 321 -42.35 9.55 -30.33
CA VAL B 321 -42.27 9.24 -28.90
C VAL B 321 -41.59 10.42 -28.21
N ASP B 322 -42.24 10.94 -27.19
CA ASP B 322 -41.83 12.20 -26.59
C ASP B 322 -40.69 12.01 -25.62
N GLU B 323 -40.75 10.93 -24.85
CA GLU B 323 -39.76 10.66 -23.81
C GLU B 323 -39.57 9.17 -23.65
N VAL B 324 -38.34 8.73 -23.43
CA VAL B 324 -38.06 7.33 -23.08
C VAL B 324 -37.38 7.28 -21.73
N VAL B 325 -37.97 6.52 -20.83
CA VAL B 325 -37.48 6.40 -19.48
C VAL B 325 -37.03 4.98 -19.21
N VAL B 326 -35.75 4.85 -18.89
CA VAL B 326 -35.18 3.57 -18.52
C VAL B 326 -34.46 3.68 -17.18
N THR B 327 -34.03 2.54 -16.68
CA THR B 327 -33.24 2.46 -15.45
C THR B 327 -31.76 2.29 -15.83
N ASN B 328 -30.86 2.62 -14.91
CA ASN B 328 -29.43 2.40 -15.11
C ASN B 328 -29.06 0.94 -14.89
N THR B 329 -29.99 0.05 -15.12
CA THR B 329 -29.71 -1.39 -15.08
C THR B 329 -28.62 -1.74 -16.11
N VAL B 330 -28.70 -1.19 -17.33
CA VAL B 330 -27.59 -1.37 -18.31
C VAL B 330 -27.03 -0.01 -18.68
N PRO B 331 -25.74 0.06 -19.01
CA PRO B 331 -25.11 1.32 -19.42
C PRO B 331 -25.61 1.93 -20.73
N HIS B 332 -25.82 3.26 -20.70
CA HIS B 332 -26.42 4.06 -21.81
C HIS B 332 -25.57 5.13 -22.45
N GLU B 333 -24.61 5.62 -21.68
CA GLU B 333 -24.24 7.05 -21.72
C GLU B 333 -24.19 7.65 -23.14
N VAL B 334 -23.67 6.86 -24.06
CA VAL B 334 -23.44 7.26 -25.45
C VAL B 334 -24.74 7.45 -26.23
N GLN B 335 -25.69 6.58 -25.93
CA GLN B 335 -26.92 6.48 -26.69
C GLN B 335 -27.94 7.45 -26.16
N LYS B 336 -27.70 7.95 -24.95
CA LYS B 336 -28.54 9.00 -24.39
C LYS B 336 -27.94 10.40 -24.66
N LEU B 337 -26.71 10.42 -25.17
CA LEU B 337 -26.10 11.59 -25.80
C LEU B 337 -26.69 11.80 -27.18
N GLN B 338 -26.80 10.69 -27.92
CA GLN B 338 -27.45 10.67 -29.23
C GLN B 338 -28.86 11.23 -29.14
N CYS B 339 -29.59 10.76 -28.15
CA CYS B 339 -31.00 11.06 -28.02
C CYS B 339 -31.30 11.54 -26.60
N PRO B 340 -31.44 12.86 -26.41
CA PRO B 340 -31.70 13.43 -25.08
C PRO B 340 -33.15 13.19 -24.66
N LYS B 341 -33.93 12.66 -25.61
CA LYS B 341 -35.29 12.16 -25.40
C LYS B 341 -35.28 11.08 -24.30
N ILE B 342 -34.12 10.46 -24.11
CA ILE B 342 -33.96 9.36 -23.16
C ILE B 342 -33.56 9.85 -21.77
N LYS B 343 -34.54 9.86 -20.87
CA LYS B 343 -34.28 10.13 -19.47
C LYS B 343 -34.03 8.78 -18.78
N THR B 344 -33.18 8.78 -17.75
CA THR B 344 -32.77 7.54 -17.06
C THR B 344 -32.97 7.59 -15.53
N VAL B 345 -33.59 6.55 -14.96
CA VAL B 345 -33.83 6.45 -13.49
C VAL B 345 -32.84 5.55 -12.72
N ASP B 346 -32.33 6.08 -11.61
CA ASP B 346 -31.34 5.37 -10.78
C ASP B 346 -31.95 4.29 -9.92
N ILE B 347 -31.29 3.15 -9.92
CA ILE B 347 -31.86 1.95 -9.35
C ILE B 347 -30.92 1.33 -8.33
N SER B 348 -29.71 1.87 -8.24
CA SER B 348 -28.65 1.36 -7.35
C SER B 348 -29.07 1.18 -5.89
N LEU B 349 -30.13 1.89 -5.47
CA LEU B 349 -30.62 1.82 -4.10
C LEU B 349 -31.30 0.48 -3.80
N ILE B 350 -32.20 0.07 -4.69
CA ILE B 350 -32.86 -1.22 -4.54
C ILE B 350 -31.82 -2.35 -4.48
N LEU B 351 -30.77 -2.20 -5.28
CA LEU B 351 -29.68 -3.18 -5.36
C LEU B 351 -28.81 -3.09 -4.14
N SER B 352 -28.41 -1.87 -3.80
CA SER B 352 -27.69 -1.59 -2.57
C SER B 352 -28.35 -2.39 -1.46
N GLU B 353 -29.66 -2.18 -1.30
CA GLU B 353 -30.45 -2.83 -0.26
C GLU B 353 -30.42 -4.35 -0.34
N ALA B 354 -30.83 -4.89 -1.47
CA ALA B 354 -30.91 -6.35 -1.67
C ALA B 354 -29.61 -7.04 -1.28
N ILE B 355 -28.51 -6.46 -1.73
CA ILE B 355 -27.16 -6.93 -1.37
C ILE B 355 -26.94 -6.86 0.14
N ARG B 356 -27.39 -5.77 0.75
CA ARG B 356 -27.26 -5.59 2.20
C ARG B 356 -28.00 -6.67 2.96
N ARG B 357 -29.16 -7.04 2.47
CA ARG B 357 -30.03 -7.96 3.20
C ARG B 357 -29.45 -9.36 3.28
N ILE B 358 -29.15 -9.95 2.14
CA ILE B 358 -28.74 -11.36 2.11
C ILE B 358 -27.41 -11.55 2.84
N HIS B 359 -26.59 -10.49 2.83
CA HIS B 359 -25.32 -10.50 3.55
C HIS B 359 -25.55 -10.65 5.05
N ASN B 360 -26.23 -9.67 5.63
CA ASN B 360 -26.56 -9.69 7.07
C ASN B 360 -27.55 -10.80 7.44
N GLY B 361 -28.09 -11.46 6.42
CA GLY B 361 -29.05 -12.55 6.61
C GLY B 361 -30.45 -12.05 6.87
N GLU B 362 -30.73 -10.82 6.45
CA GLU B 362 -32.03 -10.16 6.69
C GLU B 362 -33.11 -10.70 5.75
N SER B 363 -34.34 -10.21 5.95
CA SER B 363 -35.46 -10.58 5.10
C SER B 363 -35.66 -9.60 3.95
N MET B 364 -35.93 -10.12 2.76
CA MET B 364 -36.17 -9.30 1.55
C MET B 364 -37.67 -9.15 1.22
N ALA B 365 -38.49 -9.10 2.26
CA ALA B 365 -39.95 -8.92 2.11
C ALA B 365 -40.29 -7.51 1.61
N TYR B 366 -39.49 -6.56 2.04
CA TYR B 366 -39.63 -5.13 1.68
C TYR B 366 -39.46 -4.86 0.19
N LEU B 367 -38.55 -5.61 -0.43
CA LEU B 367 -38.18 -5.43 -1.85
C LEU B 367 -39.20 -6.10 -2.80
N PHE B 368 -40.02 -6.99 -2.25
CA PHE B 368 -41.05 -7.72 -3.01
C PHE B 368 -42.45 -7.23 -2.63
N ARG B 369 -42.91 -7.61 -1.43
CA ARG B 369 -44.28 -7.25 -0.98
C ARG B 369 -44.30 -5.86 -0.33
N GLY C 26 -39.91 7.00 6.26
CA GLY C 26 -39.39 5.69 5.77
C GLY C 26 -38.01 5.27 6.27
N TYR C 27 -37.27 6.23 6.83
CA TYR C 27 -36.14 6.00 7.75
C TYR C 27 -35.50 7.34 8.03
N ARG C 28 -35.86 7.96 9.14
CA ARG C 28 -35.37 9.29 9.37
C ARG C 28 -34.46 9.31 10.57
N VAL C 29 -33.17 9.42 10.30
CA VAL C 29 -32.15 9.47 11.34
C VAL C 29 -31.15 10.60 11.06
N PHE C 30 -30.98 11.48 12.04
CA PHE C 30 -30.13 12.64 11.93
C PHE C 30 -29.02 12.58 12.97
N SER C 31 -27.90 13.25 12.69
CA SER C 31 -26.87 13.48 13.70
C SER C 31 -26.95 14.91 14.16
N ALA C 32 -26.85 15.13 15.47
CA ALA C 32 -26.75 16.49 16.00
C ALA C 32 -25.28 16.88 16.20
N ASN C 33 -24.38 16.04 15.75
CA ASN C 33 -22.94 16.30 15.91
C ASN C 33 -22.43 17.28 14.84
N SER C 34 -21.42 18.05 15.22
CA SER C 34 -20.79 19.05 14.34
C SER C 34 -19.33 18.68 13.97
N THR C 35 -18.60 18.09 14.92
CA THR C 35 -17.30 17.46 14.63
C THR C 35 -17.54 16.25 13.77
N ALA C 36 -16.81 16.16 12.66
CA ALA C 36 -17.11 15.16 11.64
C ALA C 36 -16.45 13.78 11.87
N ALA C 37 -15.94 13.56 13.08
CA ALA C 37 -15.50 12.23 13.54
C ALA C 37 -16.35 11.79 14.74
N CYS C 38 -16.98 12.79 15.32
CA CYS C 38 -17.99 12.63 16.34
C CYS C 38 -19.33 12.26 15.69
N THR C 39 -19.28 12.02 14.39
CA THR C 39 -20.40 11.56 13.58
C THR C 39 -20.08 10.21 12.94
N GLU C 40 -19.02 9.56 13.41
CA GLU C 40 -18.52 8.31 12.83
C GLU C 40 -19.49 7.17 13.08
N LEU C 41 -19.89 7.03 14.34
CA LEU C 41 -20.82 5.98 14.78
C LEU C 41 -22.20 6.07 14.10
N ALA C 42 -22.65 7.30 13.92
CA ALA C 42 -23.95 7.62 13.35
C ALA C 42 -23.93 7.27 11.86
N LYS C 43 -22.83 7.67 11.24
CA LYS C 43 -22.50 7.29 9.86
C LYS C 43 -22.61 5.78 9.76
N ARG C 44 -22.03 5.07 10.71
CA ARG C 44 -21.96 3.60 10.70
C ARG C 44 -23.29 2.91 10.82
N ILE C 45 -24.06 3.33 11.81
CA ILE C 45 -25.43 2.82 12.03
C ILE C 45 -26.25 2.86 10.74
N THR C 46 -26.31 4.04 10.11
CA THR C 46 -27.08 4.25 8.89
C THR C 46 -26.60 3.32 7.74
N GLU C 47 -25.30 3.04 7.69
CA GLU C 47 -24.76 2.10 6.70
C GLU C 47 -25.46 0.75 6.86
N ARG C 48 -25.59 0.32 8.12
CA ARG C 48 -26.17 -0.99 8.47
C ARG C 48 -27.69 -1.01 8.29
N LEU C 49 -28.30 0.17 8.25
CA LEU C 49 -29.76 0.32 7.98
C LEU C 49 -30.04 0.55 6.49
N GLY C 50 -28.98 0.64 5.69
CA GLY C 50 -29.07 1.08 4.30
C GLY C 50 -29.51 2.54 4.18
N ALA C 51 -29.82 3.15 5.31
CA ALA C 51 -30.36 4.50 5.36
C ALA C 51 -29.29 5.55 5.13
N GLU C 52 -29.75 6.76 4.84
CA GLU C 52 -28.89 7.88 4.58
C GLU C 52 -29.23 8.95 5.58
N LEU C 53 -28.20 9.56 6.14
CA LEU C 53 -28.40 10.57 7.15
C LEU C 53 -29.28 11.68 6.62
N GLY C 54 -30.04 12.27 7.53
CA GLY C 54 -30.91 13.38 7.19
C GLY C 54 -30.03 14.59 6.94
N LYS C 55 -30.41 15.39 5.95
CA LYS C 55 -29.62 16.58 5.62
C LYS C 55 -29.93 17.67 6.67
N SER C 56 -28.88 18.29 7.21
CA SER C 56 -29.02 19.22 8.34
C SER C 56 -27.72 19.87 8.85
N VAL C 57 -27.64 21.20 8.76
CA VAL C 57 -26.46 21.92 9.26
C VAL C 57 -26.51 22.14 10.79
N VAL C 58 -25.36 21.96 11.42
CA VAL C 58 -25.20 22.24 12.85
C VAL C 58 -24.12 23.30 13.00
N TYR C 59 -24.54 24.56 12.90
CA TYR C 59 -23.59 25.70 12.97
C TYR C 59 -22.99 25.90 14.37
N GLN C 60 -22.13 26.90 14.45
CA GLN C 60 -21.71 27.55 15.68
C GLN C 60 -21.54 29.01 15.31
N GLU C 61 -22.34 29.89 15.90
CA GLU C 61 -22.16 31.32 15.66
C GLU C 61 -20.82 31.76 16.23
N THR C 62 -20.40 32.95 15.82
CA THR C 62 -19.14 33.52 16.27
C THR C 62 -19.14 33.79 17.79
N ASN C 63 -20.33 34.09 18.31
CA ASN C 63 -20.55 34.34 19.76
C ASN C 63 -20.62 33.07 20.60
N GLY C 64 -20.59 31.93 19.91
CA GLY C 64 -20.59 30.60 20.53
C GLY C 64 -21.91 29.87 20.43
N GLU C 65 -22.99 30.61 20.23
CA GLU C 65 -24.32 30.02 20.16
C GLU C 65 -24.39 28.90 19.12
N THR C 66 -25.14 27.87 19.46
CA THR C 66 -25.38 26.77 18.55
C THR C 66 -26.55 27.10 17.63
N ARG C 67 -26.45 26.59 16.41
CA ARG C 67 -27.55 26.67 15.46
C ARG C 67 -27.72 25.38 14.66
N VAL C 68 -28.99 25.03 14.45
CA VAL C 68 -29.35 23.82 13.75
C VAL C 68 -30.39 24.18 12.72
N GLU C 69 -30.24 23.61 11.53
CA GLU C 69 -31.18 23.83 10.42
C GLU C 69 -31.45 22.44 9.86
N ILE C 70 -32.72 22.03 9.86
CA ILE C 70 -33.11 20.76 9.28
C ILE C 70 -33.38 21.04 7.81
N LYS C 71 -32.60 20.41 6.92
CA LYS C 71 -32.67 20.66 5.46
C LYS C 71 -33.66 19.74 4.71
N GLU C 72 -34.63 19.19 5.41
CA GLU C 72 -35.67 18.36 4.78
C GLU C 72 -36.95 18.30 5.60
N SER C 73 -38.07 18.02 4.93
CA SER C 73 -39.38 17.99 5.59
C SER C 73 -39.55 16.78 6.51
N VAL C 74 -40.19 17.01 7.66
CA VAL C 74 -40.38 16.00 8.69
C VAL C 74 -41.89 15.78 9.03
N ARG C 75 -42.73 16.72 8.60
CA ARG C 75 -44.19 16.68 8.81
C ARG C 75 -44.75 15.28 9.09
N GLY C 76 -45.02 15.03 10.37
CA GLY C 76 -45.78 13.84 10.77
C GLY C 76 -44.97 12.56 10.87
N GLN C 77 -43.66 12.64 10.64
CA GLN C 77 -42.80 11.46 10.64
C GLN C 77 -42.02 11.22 11.94
N ASP C 78 -41.59 9.97 12.12
CA ASP C 78 -40.80 9.52 13.28
C ASP C 78 -39.30 9.62 12.99
N ILE C 79 -38.63 10.46 13.78
CA ILE C 79 -37.23 10.86 13.56
C ILE C 79 -36.28 10.38 14.66
N PHE C 80 -35.10 9.92 14.24
CA PHE C 80 -34.04 9.43 15.13
C PHE C 80 -32.85 10.38 15.14
N ILE C 81 -32.56 10.97 16.28
CA ILE C 81 -31.37 11.78 16.42
C ILE C 81 -30.28 10.88 16.98
N ILE C 82 -29.05 11.06 16.53
CA ILE C 82 -27.90 10.36 17.12
C ILE C 82 -26.93 11.39 17.71
N GLN C 83 -26.51 11.18 18.95
CA GLN C 83 -25.58 12.08 19.61
C GLN C 83 -24.53 11.31 20.33
N THR C 84 -23.30 11.67 20.06
CA THR C 84 -22.16 11.25 20.85
C THR C 84 -21.61 12.48 21.59
N ILE C 85 -20.97 12.29 22.75
CA ILE C 85 -20.41 13.44 23.50
C ILE C 85 -18.88 13.44 23.48
N PRO C 86 -18.25 14.46 22.85
CA PRO C 86 -16.80 14.65 22.83
C PRO C 86 -16.26 15.84 23.64
N ARG C 87 -16.27 15.73 24.96
CA ARG C 87 -15.48 16.64 25.80
C ARG C 87 -16.18 17.96 26.10
N ASP C 88 -16.51 18.73 25.08
CA ASP C 88 -17.33 19.93 25.30
C ASP C 88 -18.74 19.41 25.44
N VAL C 89 -19.04 18.88 26.61
CA VAL C 89 -20.25 18.06 26.75
C VAL C 89 -21.40 19.03 26.69
N ASN C 90 -21.21 20.18 27.33
CA ASN C 90 -22.21 21.26 27.35
C ASN C 90 -22.77 21.70 25.97
N THR C 91 -21.96 21.62 24.93
CA THR C 91 -22.41 22.01 23.59
C THR C 91 -23.16 20.85 22.89
N ALA C 92 -22.65 19.64 23.11
CA ALA C 92 -23.30 18.41 22.64
C ALA C 92 -24.74 18.27 23.12
N VAL C 93 -25.02 18.78 24.31
CA VAL C 93 -26.39 18.66 24.86
C VAL C 93 -27.30 19.70 24.25
N MET C 94 -26.77 20.89 23.96
CA MET C 94 -27.61 21.93 23.38
C MET C 94 -27.92 21.54 21.94
N GLU C 95 -26.87 21.26 21.19
CA GLU C 95 -27.00 20.70 19.85
C GLU C 95 -28.12 19.66 19.80
N LEU C 96 -28.11 18.76 20.79
CA LEU C 96 -29.16 17.74 20.91
C LEU C 96 -30.52 18.37 21.19
N LEU C 97 -30.61 19.09 22.32
CA LEU C 97 -31.84 19.76 22.72
C LEU C 97 -32.39 20.60 21.61
N ILE C 98 -31.54 21.49 21.10
CA ILE C 98 -31.89 22.37 19.98
C ILE C 98 -32.40 21.60 18.76
N MET C 99 -31.72 20.52 18.39
CA MET C 99 -32.16 19.73 17.23
C MET C 99 -33.54 19.13 17.47
N ALA C 100 -33.75 18.57 18.67
CA ALA C 100 -35.04 17.97 19.02
C ALA C 100 -36.15 19.00 18.88
N TYR C 101 -35.89 20.15 19.50
CA TYR C 101 -36.80 21.29 19.53
C TYR C 101 -37.10 21.82 18.11
N ALA C 102 -36.09 21.82 17.25
CA ALA C 102 -36.32 22.16 15.84
C ALA C 102 -37.12 21.08 15.07
N LEU C 103 -36.95 19.82 15.41
CA LEU C 103 -37.73 18.76 14.78
C LEU C 103 -39.17 18.76 15.32
N LYS C 104 -39.31 19.10 16.61
CA LYS C 104 -40.63 19.25 17.22
C LYS C 104 -41.40 20.38 16.52
N THR C 105 -40.74 21.49 16.29
CA THR C 105 -41.33 22.60 15.53
C THR C 105 -41.65 22.26 14.06
N ALA C 106 -40.82 21.43 13.43
CA ALA C 106 -41.08 20.86 12.08
C ALA C 106 -42.20 19.82 12.07
N CYS C 107 -42.75 19.52 13.25
CA CYS C 107 -43.90 18.61 13.41
C CYS C 107 -43.50 17.15 13.25
N ALA C 108 -42.43 16.77 13.92
CA ALA C 108 -42.05 15.37 13.99
C ALA C 108 -43.10 14.68 14.82
N ARG C 109 -43.59 13.54 14.36
CA ARG C 109 -44.51 12.78 15.20
C ARG C 109 -43.73 12.30 16.42
N ASN C 110 -42.75 11.44 16.18
CA ASN C 110 -41.90 10.95 17.27
C ASN C 110 -40.44 11.29 17.07
N ILE C 111 -39.84 11.79 18.16
CA ILE C 111 -38.43 12.17 18.21
C ILE C 111 -37.69 11.22 19.13
N ILE C 112 -36.84 10.38 18.54
CA ILE C 112 -36.14 9.34 19.29
C ILE C 112 -34.66 9.70 19.43
N GLY C 113 -34.22 9.83 20.68
CA GLY C 113 -32.84 10.16 20.96
C GLY C 113 -32.00 8.91 21.07
N VAL C 114 -31.02 8.77 20.19
CA VAL C 114 -30.07 7.69 20.30
C VAL C 114 -28.86 8.33 20.93
N ILE C 115 -28.69 8.11 22.22
CA ILE C 115 -27.60 8.71 22.99
C ILE C 115 -26.85 7.55 23.59
N PRO C 116 -25.89 7.00 22.86
CA PRO C 116 -25.25 5.82 23.37
C PRO C 116 -24.69 6.07 24.73
N TYR C 117 -23.74 6.99 24.86
CA TYR C 117 -23.33 7.43 26.21
C TYR C 117 -24.19 8.59 26.61
N PHE C 118 -24.99 8.41 27.66
CA PHE C 118 -25.81 9.51 28.20
C PHE C 118 -24.97 10.43 29.14
N PRO C 119 -24.80 11.71 28.78
CA PRO C 119 -23.96 12.62 29.54
C PRO C 119 -24.54 13.02 30.89
N TYR C 120 -23.71 13.60 31.74
CA TYR C 120 -24.11 13.89 33.13
C TYR C 120 -24.63 12.68 33.92
N SER C 121 -24.45 11.47 33.37
CA SER C 121 -24.99 10.24 33.98
C SER C 121 -24.28 9.83 35.27
N LYS C 122 -23.04 10.24 35.46
CA LYS C 122 -22.39 10.06 36.76
C LYS C 122 -22.99 10.99 37.82
N GLN C 123 -23.62 12.09 37.40
CA GLN C 123 -24.29 13.02 38.33
C GLN C 123 -25.73 12.56 38.67
N SER C 124 -25.84 11.28 39.05
CA SER C 124 -27.14 10.59 39.26
C SER C 124 -27.51 10.38 40.76
N LYS C 125 -26.51 10.24 41.61
CA LYS C 125 -26.68 10.46 43.06
C LYS C 125 -26.71 11.98 43.28
N MET C 126 -27.06 12.41 44.48
CA MET C 126 -26.76 13.77 44.91
C MET C 126 -25.57 13.75 45.85
N ARG C 127 -24.52 14.50 45.55
CA ARG C 127 -23.35 14.55 46.46
C ARG C 127 -23.69 15.44 47.67
N LYS C 128 -23.24 16.69 47.63
CA LYS C 128 -23.31 17.57 48.79
C LYS C 128 -24.61 18.36 48.69
N ARG C 129 -24.52 19.70 48.69
CA ARG C 129 -25.71 20.52 48.51
C ARG C 129 -26.02 20.70 47.02
N GLY C 130 -25.26 20.01 46.18
CA GLY C 130 -25.45 20.05 44.73
C GLY C 130 -26.79 19.54 44.22
N SER C 131 -26.76 18.76 43.14
CA SER C 131 -28.00 18.27 42.51
C SER C 131 -27.81 17.07 41.60
N ILE C 132 -28.89 16.32 41.43
CA ILE C 132 -28.92 15.22 40.49
C ILE C 132 -29.10 15.80 39.07
N VAL C 133 -28.06 16.38 38.50
CA VAL C 133 -28.23 17.05 37.19
C VAL C 133 -28.56 16.08 36.03
N CYS C 134 -28.41 14.79 36.26
CA CYS C 134 -28.80 13.81 35.25
C CYS C 134 -30.32 13.86 35.05
N LYS C 135 -31.02 14.13 36.15
CA LYS C 135 -32.49 14.20 36.12
C LYS C 135 -32.92 15.47 35.46
N LEU C 136 -32.30 16.56 35.89
CA LEU C 136 -32.52 17.85 35.23
C LEU C 136 -32.42 17.68 33.73
N LEU C 137 -31.35 17.04 33.27
CA LEU C 137 -31.13 16.86 31.84
C LEU C 137 -32.25 16.04 31.23
N ALA C 138 -32.69 15.00 31.92
CA ALA C 138 -33.76 14.12 31.41
C ALA C 138 -35.10 14.82 31.29
N SER C 139 -35.27 15.92 32.03
CA SER C 139 -36.48 16.76 32.00
C SER C 139 -36.46 17.67 30.80
N MET C 140 -35.30 18.27 30.58
CA MET C 140 -35.07 19.27 29.52
C MET C 140 -35.16 18.62 28.19
N LEU C 141 -34.59 17.43 28.12
CA LEU C 141 -34.68 16.59 26.96
C LEU C 141 -36.12 16.40 26.51
N ALA C 142 -37.04 16.27 27.46
CA ALA C 142 -38.48 16.10 27.16
C ALA C 142 -39.14 17.40 26.73
N LYS C 143 -38.79 18.48 27.43
CA LYS C 143 -39.21 19.84 27.06
C LYS C 143 -38.86 20.17 25.62
N ALA C 144 -37.64 19.83 25.21
CA ALA C 144 -37.18 19.95 23.80
C ALA C 144 -37.97 19.03 22.85
N GLY C 145 -38.81 18.18 23.43
CA GLY C 145 -39.71 17.32 22.70
C GLY C 145 -39.07 16.03 22.25
N LEU C 146 -38.73 15.17 23.19
CA LEU C 146 -38.09 13.88 22.87
C LEU C 146 -39.11 12.84 23.27
N THR C 147 -39.54 12.03 22.33
CA THR C 147 -40.56 11.00 22.58
C THR C 147 -40.00 9.93 23.48
N HIS C 148 -38.78 9.54 23.18
CA HIS C 148 -38.08 8.53 23.99
C HIS C 148 -36.63 8.32 23.55
N ILE C 149 -35.83 7.76 24.45
CA ILE C 149 -34.42 7.52 24.12
C ILE C 149 -33.98 6.07 24.13
N ILE C 150 -33.13 5.75 23.16
CA ILE C 150 -32.33 4.53 23.12
C ILE C 150 -30.96 4.88 23.68
N THR C 151 -30.40 4.02 24.49
CA THR C 151 -29.07 4.28 25.05
C THR C 151 -28.41 2.97 25.38
N MET C 152 -27.15 3.02 25.81
CA MET C 152 -26.44 1.81 26.28
C MET C 152 -25.80 1.85 27.65
N ASP C 153 -25.99 0.76 28.38
CA ASP C 153 -25.40 0.54 29.70
C ASP C 153 -25.41 1.81 30.58
N LEU C 154 -26.60 2.30 30.85
CA LEU C 154 -26.80 3.38 31.82
C LEU C 154 -25.97 3.10 33.09
N HIS C 155 -25.38 4.14 33.66
CA HIS C 155 -24.57 4.05 34.89
C HIS C 155 -25.27 3.29 36.02
N GLN C 156 -26.56 3.53 36.14
CA GLN C 156 -27.37 2.84 37.14
C GLN C 156 -28.67 2.62 36.40
N LYS C 157 -29.28 1.44 36.59
CA LYS C 157 -30.46 1.06 35.76
C LYS C 157 -31.64 1.88 36.25
N GLU C 158 -31.56 2.21 37.54
CA GLU C 158 -32.52 3.11 38.22
C GLU C 158 -32.62 4.49 37.58
N ILE C 159 -31.55 4.99 36.99
CA ILE C 159 -31.58 6.32 36.30
C ILE C 159 -32.68 6.39 35.20
N GLN C 160 -32.99 5.23 34.60
CA GLN C 160 -34.10 5.04 33.64
C GLN C 160 -35.45 5.58 34.13
N GLY C 161 -35.59 5.59 35.45
CA GLY C 161 -36.70 6.29 36.13
C GLY C 161 -36.72 7.79 35.93
N PHE C 162 -35.56 8.42 35.73
CA PHE C 162 -35.52 9.89 35.62
C PHE C 162 -36.32 10.40 34.44
N PHE C 163 -36.53 9.54 33.44
CA PHE C 163 -37.15 9.93 32.18
C PHE C 163 -38.65 9.74 32.22
N SER C 164 -39.35 10.80 31.86
CA SER C 164 -40.81 10.81 31.79
C SER C 164 -41.31 10.23 30.46
N PHE C 165 -40.43 9.56 29.73
CA PHE C 165 -40.83 8.88 28.50
C PHE C 165 -40.07 7.59 28.41
N PRO C 166 -40.46 6.70 27.46
CA PRO C 166 -39.83 5.40 27.38
C PRO C 166 -38.36 5.43 27.11
N VAL C 167 -37.69 4.38 27.56
CA VAL C 167 -36.26 4.21 27.39
C VAL C 167 -35.95 2.76 26.96
N ASP C 168 -34.84 2.59 26.25
CA ASP C 168 -34.24 1.28 26.08
C ASP C 168 -32.78 1.32 26.51
N ASN C 169 -32.49 0.68 27.63
CA ASN C 169 -31.15 0.74 28.18
C ASN C 169 -30.40 -0.50 27.75
N LEU C 170 -29.82 -0.43 26.57
CA LEU C 170 -29.22 -1.61 25.93
C LEU C 170 -27.89 -1.95 26.55
N ARG C 171 -27.54 -3.22 26.47
CA ARG C 171 -26.36 -3.77 27.10
C ARG C 171 -25.27 -3.99 26.07
N ALA C 172 -24.03 -3.82 26.49
CA ALA C 172 -22.89 -4.11 25.63
C ALA C 172 -22.30 -5.47 25.94
N SER C 173 -22.70 -6.06 27.06
CA SER C 173 -22.15 -7.35 27.49
C SER C 173 -22.01 -8.33 26.34
N PRO C 174 -23.12 -8.63 25.61
CA PRO C 174 -22.99 -9.62 24.55
C PRO C 174 -21.68 -9.51 23.79
N PHE C 175 -21.37 -8.30 23.33
CA PHE C 175 -20.16 -8.04 22.51
C PHE C 175 -18.87 -8.10 23.32
N LEU C 176 -18.83 -7.35 24.42
CA LEU C 176 -17.68 -7.35 25.31
C LEU C 176 -17.32 -8.75 25.76
N LEU C 177 -18.34 -9.51 26.13
CA LEU C 177 -18.19 -10.92 26.52
C LEU C 177 -17.59 -11.75 25.39
N GLN C 178 -18.10 -11.55 24.18
CA GLN C 178 -17.61 -12.25 23.00
C GLN C 178 -16.11 -12.00 22.85
N TYR C 179 -15.73 -10.73 22.99
CA TYR C 179 -14.33 -10.30 22.95
C TYR C 179 -13.43 -10.97 24.01
N ILE C 180 -13.99 -11.23 25.19
CA ILE C 180 -13.26 -11.99 26.21
C ILE C 180 -12.83 -13.31 25.56
N GLN C 181 -13.81 -14.05 25.06
CA GLN C 181 -13.58 -15.36 24.48
C GLN C 181 -13.09 -15.32 23.02
N GLU C 182 -12.62 -14.17 22.57
CA GLU C 182 -12.15 -14.01 21.18
C GLU C 182 -10.64 -13.91 21.19
N GLU C 183 -10.16 -12.82 21.76
CA GLU C 183 -8.71 -12.64 21.93
C GLU C 183 -8.38 -12.09 23.32
N ILE C 184 -8.97 -12.72 24.32
CA ILE C 184 -8.28 -12.85 25.60
C ILE C 184 -7.76 -14.29 25.69
N PRO C 185 -6.45 -14.47 25.53
CA PRO C 185 -5.84 -15.77 25.62
C PRO C 185 -6.11 -16.43 26.98
N ASN C 186 -6.63 -17.65 26.93
CA ASN C 186 -6.89 -18.47 28.13
C ASN C 186 -7.75 -17.76 29.15
N TYR C 187 -8.83 -17.13 28.69
CA TYR C 187 -9.72 -16.35 29.57
C TYR C 187 -10.22 -17.16 30.76
N ARG C 188 -10.49 -18.44 30.52
CA ARG C 188 -11.04 -19.34 31.56
C ARG C 188 -10.20 -19.41 32.85
N ASN C 189 -8.91 -19.18 32.76
CA ASN C 189 -8.06 -19.05 33.96
C ASN C 189 -8.18 -17.65 34.60
N ALA C 190 -8.89 -16.75 33.93
CA ALA C 190 -9.06 -15.38 34.40
C ALA C 190 -10.05 -15.29 35.54
N VAL C 191 -9.99 -14.16 36.23
CA VAL C 191 -10.93 -13.85 37.31
C VAL C 191 -11.48 -12.42 37.13
N ILE C 192 -12.80 -12.30 37.01
CA ILE C 192 -13.45 -10.99 36.86
C ILE C 192 -13.34 -10.14 38.14
N VAL C 193 -12.94 -8.89 37.99
CA VAL C 193 -12.69 -8.02 39.13
C VAL C 193 -13.53 -6.77 39.10
N ALA C 194 -13.86 -6.27 40.28
CA ALA C 194 -14.59 -5.02 40.42
C ALA C 194 -13.70 -3.97 41.10
N LYS C 195 -13.42 -2.93 40.33
CA LYS C 195 -12.63 -1.76 40.76
C LYS C 195 -13.07 -1.23 42.11
N SER C 196 -14.37 -1.30 42.38
CA SER C 196 -14.90 -0.89 43.68
C SER C 196 -16.23 -1.57 44.00
N PRO C 197 -16.67 -1.51 45.27
CA PRO C 197 -17.96 -2.09 45.63
C PRO C 197 -19.08 -1.69 44.68
N ASP C 198 -19.18 -0.40 44.36
CA ASP C 198 -20.18 0.12 43.39
C ASP C 198 -20.24 -0.68 42.09
N ALA C 199 -19.07 -1.17 41.66
CA ALA C 199 -18.93 -1.94 40.41
C ALA C 199 -19.13 -3.43 40.60
N ALA C 200 -19.41 -3.84 41.84
CA ALA C 200 -19.56 -5.26 42.19
C ALA C 200 -20.59 -5.97 41.35
N LYS C 201 -21.69 -5.26 41.06
CA LYS C 201 -22.85 -5.80 40.32
C LYS C 201 -22.56 -6.02 38.82
N ARG C 202 -22.01 -5.00 38.18
CA ARG C 202 -21.63 -5.07 36.76
C ARG C 202 -20.70 -6.24 36.53
N ALA C 203 -19.78 -6.42 37.47
CA ALA C 203 -18.81 -7.50 37.44
C ALA C 203 -19.48 -8.86 37.65
N GLN C 204 -20.41 -8.90 38.59
CA GLN C 204 -21.16 -10.13 38.94
C GLN C 204 -21.76 -10.76 37.71
N SER C 205 -22.26 -9.93 36.82
CA SER C 205 -22.95 -10.40 35.62
C SER C 205 -22.01 -11.07 34.63
N TYR C 206 -20.74 -10.67 34.64
CA TYR C 206 -19.73 -11.25 33.74
C TYR C 206 -19.25 -12.58 34.31
N ALA C 207 -18.95 -12.60 35.61
CA ALA C 207 -18.59 -13.83 36.32
C ALA C 207 -19.68 -14.91 36.13
N GLU C 208 -20.92 -14.54 36.42
CA GLU C 208 -22.08 -15.44 36.25
C GLU C 208 -22.14 -16.03 34.82
N ARG C 209 -21.96 -15.18 33.82
CA ARG C 209 -22.20 -15.58 32.44
C ARG C 209 -21.03 -16.37 31.86
N LEU C 210 -19.81 -16.03 32.29
CA LEU C 210 -18.57 -16.70 31.83
C LEU C 210 -18.17 -17.92 32.68
N ARG C 211 -18.90 -18.14 33.78
CA ARG C 211 -18.61 -19.22 34.75
C ARG C 211 -17.25 -19.06 35.46
N LEU C 212 -16.85 -17.82 35.74
CA LEU C 212 -15.54 -17.55 36.35
C LEU C 212 -15.63 -16.96 37.76
N GLY C 213 -14.47 -16.88 38.39
CA GLY C 213 -14.35 -16.35 39.74
C GLY C 213 -14.65 -14.87 39.76
N LEU C 214 -14.73 -14.31 40.96
CA LEU C 214 -15.03 -12.88 41.12
C LEU C 214 -14.35 -12.29 42.36
N ALA C 215 -13.65 -11.19 42.15
CA ALA C 215 -13.05 -10.46 43.26
C ALA C 215 -13.51 -9.02 43.22
N VAL C 216 -13.27 -8.30 44.31
CA VAL C 216 -13.61 -6.88 44.36
C VAL C 216 -12.58 -6.11 45.17
N ILE C 217 -12.25 -4.92 44.69
CA ILE C 217 -11.20 -4.13 45.30
C ILE C 217 -11.83 -3.05 46.14
N HIS C 218 -11.09 -2.64 47.17
CA HIS C 218 -11.47 -1.46 47.95
C HIS C 218 -10.35 -1.09 48.94
N PRO C 258 -7.12 4.97 49.15
CA PRO C 258 -7.68 4.18 50.26
C PRO C 258 -6.64 3.23 50.86
N PRO C 259 -7.05 2.45 51.90
CA PRO C 259 -6.20 1.34 52.37
C PRO C 259 -6.02 0.26 51.30
N ILE C 260 -6.67 0.47 50.16
CA ILE C 260 -6.55 -0.31 48.90
C ILE C 260 -6.18 -1.78 49.09
N THR C 261 -7.18 -2.63 49.05
CA THR C 261 -6.96 -4.07 49.17
C THR C 261 -7.88 -4.81 48.22
N VAL C 262 -7.40 -5.93 47.68
CA VAL C 262 -8.28 -6.85 46.94
C VAL C 262 -8.94 -7.83 47.90
N VAL C 263 -10.18 -8.15 47.57
CA VAL C 263 -10.99 -9.12 48.30
C VAL C 263 -11.32 -10.26 47.33
N GLY C 264 -10.66 -11.38 47.55
CA GLY C 264 -10.77 -12.53 46.67
C GLY C 264 -9.38 -13.06 46.33
N ASP C 265 -9.30 -14.35 46.02
CA ASP C 265 -8.09 -14.94 45.45
C ASP C 265 -7.97 -14.43 44.02
N VAL C 266 -6.83 -13.83 43.71
CA VAL C 266 -6.58 -13.37 42.35
C VAL C 266 -5.31 -14.01 41.79
N GLY C 267 -4.34 -14.24 42.67
CA GLY C 267 -3.04 -14.84 42.33
C GLY C 267 -3.06 -15.95 41.30
N GLY C 268 -1.96 -16.06 40.55
CA GLY C 268 -1.77 -17.08 39.52
C GLY C 268 -2.78 -17.02 38.39
N ARG C 269 -3.45 -15.89 38.25
CA ARG C 269 -4.53 -15.74 37.28
C ARG C 269 -4.49 -14.42 36.54
N ILE C 270 -5.04 -14.45 35.34
CA ILE C 270 -5.25 -13.23 34.53
C ILE C 270 -6.42 -12.45 35.14
N ALA C 271 -6.17 -11.23 35.60
CA ALA C 271 -7.24 -10.37 36.16
C ALA C 271 -8.03 -9.69 35.03
N ILE C 272 -9.35 -9.64 35.15
CA ILE C 272 -10.17 -8.85 34.23
C ILE C 272 -11.07 -7.90 35.01
N ILE C 273 -10.79 -6.60 34.93
CA ILE C 273 -11.61 -5.62 35.61
C ILE C 273 -12.79 -5.24 34.73
N VAL C 274 -13.98 -5.22 35.32
CA VAL C 274 -15.19 -4.81 34.59
C VAL C 274 -15.87 -3.64 35.26
N ASP C 275 -16.26 -2.70 34.41
CA ASP C 275 -16.94 -1.50 34.84
C ASP C 275 -17.68 -0.93 33.65
N ASP C 276 -18.51 0.07 33.89
CA ASP C 276 -19.32 0.66 32.82
C ASP C 276 -18.59 1.78 32.06
N ILE C 277 -17.91 2.64 32.81
CA ILE C 277 -17.22 3.82 32.27
C ILE C 277 -15.74 3.87 32.65
N ILE C 278 -14.94 4.39 31.73
CA ILE C 278 -13.54 4.77 31.98
C ILE C 278 -13.36 6.24 31.65
N ASP C 279 -13.56 7.07 32.66
CA ASP C 279 -13.41 8.52 32.53
C ASP C 279 -12.01 8.84 33.05
N ASP C 280 -11.87 8.89 34.36
CA ASP C 280 -10.61 9.22 35.02
C ASP C 280 -9.95 7.91 35.46
N VAL C 281 -8.93 7.57 34.71
CA VAL C 281 -8.20 6.33 34.84
C VAL C 281 -7.50 6.07 36.21
N GLU C 282 -7.29 7.09 37.02
CA GLU C 282 -6.51 6.95 38.28
C GLU C 282 -6.76 5.69 39.11
N SER C 283 -8.03 5.41 39.42
CA SER C 283 -8.37 4.24 40.25
C SER C 283 -8.33 2.92 39.46
N PHE C 284 -8.41 3.01 38.14
CA PHE C 284 -8.26 1.81 37.27
C PHE C 284 -6.82 1.32 37.31
N VAL C 285 -5.89 2.27 37.43
CA VAL C 285 -4.45 1.99 37.58
C VAL C 285 -4.13 1.42 38.97
N ALA C 286 -4.45 2.17 40.01
CA ALA C 286 -4.24 1.71 41.41
C ALA C 286 -4.73 0.27 41.59
N ALA C 287 -5.89 -0.02 41.01
CA ALA C 287 -6.44 -1.38 40.95
C ALA C 287 -5.55 -2.40 40.22
N ALA C 288 -4.89 -1.96 39.16
CA ALA C 288 -4.06 -2.85 38.33
C ALA C 288 -2.74 -3.18 38.99
N GLU C 289 -2.17 -2.20 39.71
CA GLU C 289 -0.92 -2.41 40.44
C GLU C 289 -1.15 -3.37 41.61
N ILE C 290 -2.19 -3.11 42.41
CA ILE C 290 -2.50 -3.98 43.57
C ILE C 290 -2.87 -5.41 43.12
N LEU C 291 -3.62 -5.51 42.04
CA LEU C 291 -3.92 -6.80 41.42
C LEU C 291 -2.61 -7.52 41.07
N LYS C 292 -1.75 -6.83 40.34
CA LYS C 292 -0.39 -7.34 40.02
C LYS C 292 0.33 -7.84 41.26
N GLU C 293 0.36 -6.96 42.26
CA GLU C 293 1.06 -7.19 43.53
C GLU C 293 0.49 -8.38 44.31
N ARG C 294 -0.66 -8.89 43.87
CA ARG C 294 -1.29 -10.08 44.46
C ARG C 294 -1.23 -11.30 43.52
N GLY C 295 -0.32 -11.23 42.55
CA GLY C 295 -0.08 -12.34 41.62
C GLY C 295 -0.99 -12.35 40.41
N ALA C 296 -1.32 -11.16 39.90
CA ALA C 296 -2.08 -11.04 38.66
C ALA C 296 -1.10 -10.85 37.51
N TYR C 297 -1.02 -11.85 36.64
CA TYR C 297 -0.04 -11.84 35.56
C TYR C 297 -0.48 -11.02 34.32
N LYS C 298 -1.80 -11.00 34.08
CA LYS C 298 -2.40 -10.16 33.01
C LYS C 298 -3.57 -9.35 33.56
N ILE C 299 -3.62 -8.07 33.20
CA ILE C 299 -4.71 -7.18 33.59
C ILE C 299 -5.46 -6.64 32.39
N TYR C 300 -6.73 -7.00 32.26
CA TYR C 300 -7.59 -6.41 31.22
C TYR C 300 -8.63 -5.51 31.87
N VAL C 301 -8.78 -4.29 31.36
CA VAL C 301 -9.90 -3.43 31.77
C VAL C 301 -10.98 -3.36 30.69
N MET C 302 -12.17 -3.79 31.07
CA MET C 302 -13.33 -3.77 30.19
C MET C 302 -14.31 -2.68 30.63
N ALA C 303 -14.91 -2.02 29.65
CA ALA C 303 -15.94 -1.02 29.92
C ALA C 303 -16.78 -0.74 28.69
N THR C 304 -17.94 -0.13 28.90
CA THR C 304 -18.82 0.24 27.77
C THR C 304 -18.39 1.59 27.21
N HIS C 305 -18.35 2.58 28.10
CA HIS C 305 -18.17 4.00 27.71
C HIS C 305 -16.76 4.47 27.96
N GLY C 306 -16.02 4.61 26.90
CA GLY C 306 -14.61 4.93 27.00
C GLY C 306 -14.36 6.38 26.70
N ILE C 307 -14.57 7.24 27.70
CA ILE C 307 -14.42 8.68 27.46
C ILE C 307 -12.96 9.08 27.68
N LEU C 308 -12.32 8.49 28.68
CA LEU C 308 -10.86 8.59 28.84
C LEU C 308 -10.39 10.05 28.77
N SER C 309 -10.98 10.87 29.63
CA SER C 309 -10.71 12.30 29.60
C SER C 309 -9.32 12.64 30.16
N ALA C 310 -8.75 13.73 29.65
CA ALA C 310 -7.48 14.32 30.13
C ALA C 310 -6.27 13.45 29.77
N GLU C 311 -5.33 13.28 30.69
CA GLU C 311 -4.13 12.46 30.42
C GLU C 311 -4.33 10.97 30.75
N ALA C 312 -5.53 10.46 30.56
CA ALA C 312 -5.84 9.06 30.83
C ALA C 312 -5.03 8.10 29.95
N PRO C 313 -4.90 8.41 28.65
CA PRO C 313 -4.15 7.50 27.78
C PRO C 313 -2.66 7.40 28.10
N ARG C 314 -2.08 8.50 28.59
CA ARG C 314 -0.69 8.49 29.03
C ARG C 314 -0.55 7.56 30.24
N LEU C 315 -1.38 7.81 31.25
CA LEU C 315 -1.37 7.05 32.52
C LEU C 315 -1.53 5.53 32.32
N ILE C 316 -2.28 5.15 31.29
CA ILE C 316 -2.49 3.74 30.93
C ILE C 316 -1.21 3.09 30.41
N GLU C 317 -0.51 3.79 29.52
CA GLU C 317 0.81 3.35 29.07
C GLU C 317 1.67 3.07 30.30
N GLU C 318 1.87 4.12 31.11
CA GLU C 318 2.77 4.10 32.29
C GLU C 318 2.40 3.03 33.31
N SER C 319 1.13 2.65 33.34
CA SER C 319 0.64 1.60 34.24
C SER C 319 0.85 0.19 33.69
N SER C 320 0.60 -0.79 34.55
CA SER C 320 0.81 -2.19 34.20
C SER C 320 -0.42 -2.86 33.58
N VAL C 321 -1.50 -2.10 33.43
CA VAL C 321 -2.69 -2.62 32.75
C VAL C 321 -2.30 -2.98 31.30
N ASP C 322 -2.56 -4.21 30.92
CA ASP C 322 -2.03 -4.75 29.69
C ASP C 322 -2.85 -4.31 28.49
N GLU C 323 -4.16 -4.30 28.66
CA GLU C 323 -5.09 -3.95 27.58
C GLU C 323 -6.31 -3.24 28.12
N VAL C 324 -6.81 -2.25 27.40
CA VAL C 324 -8.09 -1.62 27.74
C VAL C 324 -9.04 -1.76 26.57
N VAL C 325 -10.19 -2.32 26.86
CA VAL C 325 -11.19 -2.61 25.84
C VAL C 325 -12.43 -1.80 26.13
N VAL C 326 -12.78 -0.96 25.18
CA VAL C 326 -14.00 -0.17 25.24
C VAL C 326 -14.81 -0.33 23.96
N THR C 327 -16.02 0.20 23.99
CA THR C 327 -16.91 0.20 22.83
C THR C 327 -16.80 1.56 22.14
N ASN C 328 -17.20 1.63 20.87
CA ASN C 328 -17.26 2.91 20.15
C ASN C 328 -18.49 3.71 20.52
N THR C 329 -18.99 3.49 21.74
CA THR C 329 -20.09 4.30 22.25
C THR C 329 -19.70 5.80 22.28
N VAL C 330 -18.47 6.12 22.72
CA VAL C 330 -17.99 7.52 22.61
C VAL C 330 -16.74 7.55 21.75
N PRO C 331 -16.50 8.66 21.03
CA PRO C 331 -15.32 8.79 20.20
C PRO C 331 -13.98 8.80 20.94
N HIS C 332 -13.01 8.08 20.39
CA HIS C 332 -11.66 7.84 20.98
C HIS C 332 -10.45 8.33 20.23
N GLU C 333 -10.61 8.46 18.92
CA GLU C 333 -9.53 8.14 17.98
C GLU C 333 -8.13 8.64 18.43
N VAL C 334 -8.12 9.85 18.96
CA VAL C 334 -6.90 10.56 19.37
C VAL C 334 -6.23 9.92 20.57
N GLN C 335 -7.05 9.42 21.48
CA GLN C 335 -6.59 8.94 22.77
C GLN C 335 -6.16 7.49 22.64
N LYS C 336 -6.60 6.84 21.57
CA LYS C 336 -6.19 5.47 21.30
C LYS C 336 -4.99 5.46 20.33
N LEU C 337 -4.68 6.63 19.80
CA LEU C 337 -3.41 6.87 19.13
C LEU C 337 -2.32 7.02 20.20
N GLN C 338 -2.64 7.81 21.22
CA GLN C 338 -1.74 8.01 22.38
C GLN C 338 -1.34 6.67 22.99
N CYS C 339 -2.34 5.83 23.16
CA CYS C 339 -2.18 4.57 23.87
C CYS C 339 -2.75 3.45 23.03
N PRO C 340 -1.89 2.68 22.35
CA PRO C 340 -2.34 1.56 21.51
C PRO C 340 -2.76 0.34 22.36
N LYS C 341 -2.51 0.47 23.67
CA LYS C 341 -2.99 -0.44 24.71
C LYS C 341 -4.53 -0.52 24.67
N ILE C 342 -5.15 0.52 24.12
CA ILE C 342 -6.62 0.63 24.03
C ILE C 342 -7.16 0.01 22.75
N LYS C 343 -7.75 -1.16 22.90
CA LYS C 343 -8.49 -1.81 21.82
C LYS C 343 -9.96 -1.40 21.95
N THR C 344 -10.66 -1.29 20.82
CA THR C 344 -12.06 -0.80 20.79
C THR C 344 -13.02 -1.76 20.06
N VAL C 345 -14.17 -2.06 20.70
CA VAL C 345 -15.22 -2.96 20.11
C VAL C 345 -16.41 -2.22 19.50
N ASP C 346 -16.76 -2.61 18.27
CA ASP C 346 -17.86 -1.98 17.51
C ASP C 346 -19.23 -2.42 18.03
N ILE C 347 -20.09 -1.43 18.16
CA ILE C 347 -21.37 -1.62 18.82
C ILE C 347 -22.53 -1.18 17.95
N SER C 348 -22.22 -0.54 16.82
CA SER C 348 -23.23 0.01 15.90
C SER C 348 -24.32 -0.98 15.48
N LEU C 349 -24.04 -2.27 15.59
CA LEU C 349 -24.99 -3.32 15.20
C LEU C 349 -26.17 -3.41 16.15
N ILE C 350 -25.86 -3.44 17.44
CA ILE C 350 -26.90 -3.45 18.46
C ILE C 350 -27.80 -2.22 18.29
N LEU C 351 -27.18 -1.09 17.96
CA LEU C 351 -27.89 0.18 17.79
C LEU C 351 -28.65 0.19 16.49
N SER C 352 -27.97 -0.22 15.42
CA SER C 352 -28.62 -0.46 14.13
C SER C 352 -29.94 -1.17 14.34
N GLU C 353 -29.86 -2.31 15.01
CA GLU C 353 -31.02 -3.14 15.31
C GLU C 353 -32.10 -2.42 16.10
N ALA C 354 -31.75 -1.93 17.28
CA ALA C 354 -32.71 -1.25 18.19
C ALA C 354 -33.52 -0.18 17.48
N ILE C 355 -32.81 0.63 16.70
CA ILE C 355 -33.42 1.65 15.85
C ILE C 355 -34.37 1.02 14.82
N ARG C 356 -33.95 -0.10 14.23
CA ARG C 356 -34.78 -0.81 13.26
C ARG C 356 -36.08 -1.27 13.87
N ARG C 357 -36.01 -1.76 15.10
CA ARG C 357 -37.16 -2.39 15.75
C ARG C 357 -38.28 -1.40 16.04
N ILE C 358 -37.96 -0.34 16.79
CA ILE C 358 -39.00 0.59 17.23
C ILE C 358 -39.63 1.32 16.05
N HIS C 359 -38.87 1.46 14.98
CA HIS C 359 -39.38 2.05 13.73
C HIS C 359 -40.48 1.19 13.11
N ASN C 360 -40.14 -0.04 12.76
CA ASN C 360 -41.10 -1.00 12.19
C ASN C 360 -42.16 -1.45 13.21
N GLY C 361 -41.97 -1.07 14.48
CA GLY C 361 -42.88 -1.41 15.56
C GLY C 361 -42.65 -2.81 16.10
N GLU C 362 -41.43 -3.33 15.89
CA GLU C 362 -41.07 -4.70 16.29
C GLU C 362 -40.82 -4.81 17.80
N SER C 363 -40.57 -6.03 18.24
CA SER C 363 -40.26 -6.30 19.64
C SER C 363 -38.74 -6.28 19.90
N MET C 364 -38.34 -5.66 21.01
CA MET C 364 -36.92 -5.58 21.41
C MET C 364 -36.55 -6.60 22.51
N ALA C 365 -37.19 -7.77 22.46
CA ALA C 365 -36.92 -8.86 23.41
C ALA C 365 -35.52 -9.44 23.19
N TYR C 366 -35.12 -9.48 21.92
CA TYR C 366 -33.81 -10.00 21.49
C TYR C 366 -32.63 -9.24 22.08
N LEU C 367 -32.79 -7.92 22.19
CA LEU C 367 -31.73 -7.01 22.64
C LEU C 367 -31.58 -7.00 24.17
N PHE C 368 -32.59 -7.53 24.86
CA PHE C 368 -32.61 -7.59 26.34
C PHE C 368 -32.47 -9.06 26.82
N ARG C 369 -33.53 -9.86 26.66
CA ARG C 369 -33.54 -11.25 27.14
C ARG C 369 -32.93 -12.22 26.13
N GLY D 26 45.82 59.16 26.87
CA GLY D 26 44.47 59.68 27.20
C GLY D 26 43.47 59.53 26.07
N TYR D 27 43.15 58.27 25.73
CA TYR D 27 42.22 57.90 24.63
C TYR D 27 42.49 58.55 23.27
N ARG D 28 43.12 57.80 22.38
CA ARG D 28 43.20 58.20 20.99
C ARG D 28 42.07 57.52 20.25
N VAL D 29 41.07 58.31 19.89
CA VAL D 29 39.89 57.81 19.20
C VAL D 29 39.57 58.72 18.03
N PHE D 30 39.47 58.11 16.85
CA PHE D 30 39.23 58.84 15.62
C PHE D 30 37.93 58.36 14.99
N SER D 31 37.31 59.21 14.18
CA SER D 31 36.21 58.80 13.30
C SER D 31 36.72 58.69 11.88
N ALA D 32 36.32 57.63 11.18
CA ALA D 32 36.60 57.53 9.74
C ALA D 32 35.41 57.99 8.91
N ASN D 33 34.43 58.60 9.58
CA ASN D 33 33.25 59.10 8.89
C ASN D 33 33.49 60.49 8.27
N SER D 34 32.80 60.74 7.16
CA SER D 34 32.91 62.00 6.42
C SER D 34 31.61 62.83 6.47
N THR D 35 30.46 62.15 6.45
CA THR D 35 29.15 62.77 6.74
C THR D 35 29.11 63.14 8.20
N ALA D 36 28.77 64.40 8.49
CA ALA D 36 28.96 64.94 9.85
C ALA D 36 27.78 64.67 10.80
N ALA D 37 26.89 63.79 10.39
CA ALA D 37 25.85 63.24 11.27
C ALA D 37 26.07 61.75 11.45
N CYS D 38 26.85 61.21 10.55
CA CYS D 38 27.37 59.86 10.61
C CYS D 38 28.55 59.79 11.58
N THR D 39 28.81 60.90 12.24
CA THR D 39 29.85 61.06 13.24
C THR D 39 29.24 61.42 14.60
N GLU D 40 27.92 61.28 14.69
CA GLU D 40 27.15 61.70 15.88
C GLU D 40 27.47 60.82 17.08
N LEU D 41 27.39 59.52 16.85
CA LEU D 41 27.65 58.50 17.87
C LEU D 41 29.08 58.57 18.41
N ALA D 42 30.01 58.84 17.51
CA ALA D 42 31.44 58.89 17.83
C ALA D 42 31.70 60.12 18.67
N LYS D 43 31.10 61.21 18.24
CA LYS D 43 31.07 62.47 18.98
C LYS D 43 30.61 62.18 20.42
N ARG D 44 29.53 61.40 20.52
CA ARG D 44 28.91 61.10 21.81
C ARG D 44 29.74 60.28 22.75
N ILE D 45 30.30 59.21 22.22
CA ILE D 45 31.22 58.33 22.97
C ILE D 45 32.34 59.14 23.63
N THR D 46 33.04 59.95 22.83
CA THR D 46 34.15 60.76 23.33
C THR D 46 33.71 61.74 24.43
N GLU D 47 32.47 62.24 24.36
CA GLU D 47 31.91 63.13 25.39
C GLU D 47 31.92 62.37 26.72
N ARG D 48 31.49 61.12 26.67
CA ARG D 48 31.37 60.26 27.86
C ARG D 48 32.75 59.83 28.40
N LEU D 49 33.77 59.88 27.53
CA LEU D 49 35.17 59.56 27.90
C LEU D 49 35.94 60.81 28.33
N GLY D 50 35.28 61.96 28.24
CA GLY D 50 35.95 63.27 28.38
C GLY D 50 36.95 63.56 27.26
N ALA D 51 37.14 62.57 26.38
CA ALA D 51 38.13 62.65 25.31
C ALA D 51 37.67 63.54 24.17
N GLU D 52 38.63 63.89 23.33
CA GLU D 52 38.39 64.73 22.18
C GLU D 52 38.80 63.94 20.96
N LEU D 53 37.98 64.00 19.93
CA LEU D 53 38.27 63.27 18.71
C LEU D 53 39.64 63.66 18.17
N GLY D 54 40.27 62.69 17.52
CA GLY D 54 41.57 62.91 16.92
C GLY D 54 41.34 63.77 15.68
N LYS D 55 42.26 64.69 15.44
CA LYS D 55 42.15 65.58 14.28
C LYS D 55 42.53 64.79 13.03
N SER D 56 41.70 64.87 11.99
CA SER D 56 41.89 64.05 10.79
C SER D 56 40.88 64.28 9.67
N VAL D 57 41.35 64.74 8.51
CA VAL D 57 40.46 64.90 7.34
C VAL D 57 40.17 63.59 6.62
N VAL D 58 38.91 63.44 6.20
CA VAL D 58 38.47 62.33 5.37
C VAL D 58 37.92 62.88 4.07
N TYR D 59 38.81 63.09 3.10
CA TYR D 59 38.41 63.67 1.81
C TYR D 59 37.55 62.70 0.96
N GLN D 60 37.17 63.24 -0.19
CA GLN D 60 36.71 62.47 -1.34
C GLN D 60 37.24 63.22 -2.54
N GLU D 61 38.11 62.58 -3.33
CA GLU D 61 38.58 63.20 -4.57
C GLU D 61 37.43 63.32 -5.58
N THR D 62 37.65 64.16 -6.57
CA THR D 62 36.63 64.42 -7.59
C THR D 62 36.30 63.14 -8.39
N ASN D 63 37.30 62.27 -8.54
CA ASN D 63 37.18 60.96 -9.21
C ASN D 63 36.49 59.88 -8.37
N GLY D 64 36.21 60.24 -7.12
CA GLY D 64 35.51 59.37 -6.16
C GLY D 64 36.40 58.71 -5.09
N GLU D 65 37.69 58.65 -5.38
CA GLU D 65 38.64 58.04 -4.47
C GLU D 65 38.56 58.68 -3.09
N THR D 66 38.72 57.83 -2.08
CA THR D 66 38.73 58.29 -0.70
C THR D 66 40.13 58.70 -0.32
N ARG D 67 40.21 59.69 0.56
CA ARG D 67 41.47 60.14 1.14
C ARG D 67 41.37 60.45 2.63
N VAL D 68 42.40 60.04 3.36
CA VAL D 68 42.45 60.22 4.79
C VAL D 68 43.80 60.81 5.14
N GLU D 69 43.79 61.77 6.05
CA GLU D 69 45.02 62.42 6.52
C GLU D 69 44.86 62.46 8.03
N ILE D 70 45.80 61.86 8.74
CA ILE D 70 45.80 61.92 10.19
C ILE D 70 46.57 63.18 10.55
N LYS D 71 45.90 64.11 11.24
CA LYS D 71 46.50 65.43 11.56
C LYS D 71 47.19 65.47 12.93
N GLU D 72 47.63 64.33 13.44
CA GLU D 72 48.39 64.29 14.71
C GLU D 72 49.24 63.03 14.83
N SER D 73 50.29 63.10 15.65
CA SER D 73 51.25 61.99 15.79
C SER D 73 50.63 60.81 16.56
N VAL D 74 50.96 59.61 16.11
CA VAL D 74 50.43 58.37 16.70
C VAL D 74 51.55 57.45 17.20
N ARG D 75 52.79 57.69 16.75
CA ARG D 75 53.97 56.90 17.09
C ARG D 75 53.84 56.09 18.40
N GLY D 76 53.62 54.80 18.23
CA GLY D 76 53.67 53.85 19.35
C GLY D 76 52.45 53.80 20.24
N GLN D 77 51.39 54.52 19.87
CA GLN D 77 50.16 54.57 20.68
C GLN D 77 49.00 53.69 20.19
N ASP D 78 48.08 53.42 21.12
CA ASP D 78 46.89 52.60 20.87
C ASP D 78 45.69 53.47 20.48
N ILE D 79 45.22 53.27 19.25
CA ILE D 79 44.23 54.14 18.61
C ILE D 79 42.90 53.44 18.36
N PHE D 80 41.81 54.18 18.59
CA PHE D 80 40.43 53.68 18.37
C PHE D 80 39.75 54.38 17.20
N ILE D 81 39.41 53.63 16.17
CA ILE D 81 38.65 54.19 15.07
C ILE D 81 37.20 53.91 15.37
N ILE D 82 36.32 54.85 15.02
CA ILE D 82 34.87 54.62 15.07
C ILE D 82 34.28 54.72 13.66
N GLN D 83 33.46 53.75 13.31
CA GLN D 83 32.80 53.76 12.00
C GLN D 83 31.36 53.36 12.11
N THR D 84 30.51 54.20 11.57
CA THR D 84 29.12 53.84 11.33
C THR D 84 28.93 53.69 9.81
N ILE D 85 27.95 52.90 9.38
CA ILE D 85 27.71 52.73 7.93
C ILE D 85 26.37 53.39 7.53
N PRO D 86 26.42 54.43 6.67
CA PRO D 86 25.24 55.07 6.10
C PRO D 86 24.98 54.87 4.59
N ARG D 87 24.58 53.68 4.21
CA ARG D 87 24.00 53.45 2.87
C ARG D 87 25.05 53.25 1.77
N ASP D 88 25.93 54.21 1.56
CA ASP D 88 27.06 53.96 0.65
C ASP D 88 28.05 53.15 1.49
N VAL D 89 27.78 51.86 1.60
CA VAL D 89 28.46 51.04 2.60
C VAL D 89 29.88 50.85 2.07
N ASN D 90 29.97 50.63 0.77
CA ASN D 90 31.24 50.46 0.08
C ASN D 90 32.31 51.56 0.34
N THR D 91 31.87 52.80 0.57
CA THR D 91 32.80 53.89 0.84
C THR D 91 33.21 53.92 2.31
N ALA D 92 32.23 53.65 3.17
CA ALA D 92 32.44 53.54 4.63
C ALA D 92 33.52 52.50 4.98
N VAL D 93 33.61 51.45 4.16
CA VAL D 93 34.56 50.37 4.46
C VAL D 93 35.96 50.77 4.01
N MET D 94 36.07 51.52 2.91
CA MET D 94 37.38 51.97 2.42
C MET D 94 37.92 53.03 3.37
N GLU D 95 37.09 54.04 3.64
CA GLU D 95 37.37 55.03 4.67
C GLU D 95 37.95 54.37 5.92
N LEU D 96 37.32 53.27 6.33
CA LEU D 96 37.77 52.52 7.51
C LEU D 96 39.12 51.89 7.22
N LEU D 97 39.15 51.02 6.21
CA LEU D 97 40.38 50.33 5.80
C LEU D 97 41.53 51.30 5.59
N ILE D 98 41.27 52.30 4.77
CA ILE D 98 42.25 53.36 4.51
C ILE D 98 42.73 54.05 5.78
N MET D 99 41.82 54.39 6.69
CA MET D 99 42.24 55.02 7.94
C MET D 99 43.13 54.11 8.77
N ALA D 100 42.74 52.84 8.87
CA ALA D 100 43.53 51.88 9.63
C ALA D 100 44.93 51.82 9.08
N TYR D 101 45.00 51.62 7.77
CA TYR D 101 46.24 51.49 7.01
C TYR D 101 47.13 52.73 7.16
N ALA D 102 46.52 53.90 7.17
CA ALA D 102 47.25 55.14 7.43
C ALA D 102 47.74 55.24 8.91
N LEU D 103 46.98 54.71 9.86
CA LEU D 103 47.42 54.71 11.26
C LEU D 103 48.51 53.65 11.47
N LYS D 104 48.41 52.54 10.76
CA LYS D 104 49.44 51.51 10.76
C LYS D 104 50.76 52.10 10.25
N THR D 105 50.69 52.82 9.14
CA THR D 105 51.87 53.53 8.59
C THR D 105 52.44 54.60 9.54
N ALA D 106 51.56 55.28 10.27
CA ALA D 106 51.97 56.25 11.32
C ALA D 106 52.53 55.56 12.58
N CYS D 107 52.55 54.22 12.55
CA CYS D 107 53.15 53.40 13.61
C CYS D 107 52.28 53.31 14.86
N ALA D 108 51.00 53.09 14.64
CA ALA D 108 50.07 52.85 15.74
C ALA D 108 50.46 51.52 16.35
N ARG D 109 50.57 51.46 17.67
CA ARG D 109 50.85 50.18 18.31
C ARG D 109 49.65 49.31 18.07
N ASN D 110 48.50 49.70 18.63
CA ASN D 110 47.25 48.97 18.44
C ASN D 110 46.15 49.80 17.80
N ILE D 111 45.51 49.20 16.80
CA ILE D 111 44.43 49.82 16.03
C ILE D 111 43.13 49.09 16.32
N ILE D 112 42.25 49.75 17.03
CA ILE D 112 41.02 49.12 17.51
C ILE D 112 39.82 49.69 16.74
N GLY D 113 39.13 48.79 16.07
CA GLY D 113 37.97 49.18 15.28
C GLY D 113 36.70 49.13 16.12
N VAL D 114 36.06 50.27 16.27
CA VAL D 114 34.77 50.30 16.91
C VAL D 114 33.78 50.40 15.77
N ILE D 115 33.19 49.26 15.42
CA ILE D 115 32.25 49.15 14.32
C ILE D 115 30.93 48.64 14.89
N PRO D 116 30.10 49.56 15.41
CA PRO D 116 28.94 49.08 16.11
C PRO D 116 28.16 48.15 15.23
N TYR D 117 27.66 48.64 14.09
CA TYR D 117 27.06 47.73 13.09
C TYR D 117 28.16 47.30 12.15
N PHE D 118 28.47 46.00 12.14
CA PHE D 118 29.46 45.46 11.19
C PHE D 118 28.84 45.19 9.81
N PRO D 119 29.32 45.89 8.75
CA PRO D 119 28.71 45.78 7.42
C PRO D 119 28.99 44.45 6.74
N TYR D 120 28.25 44.17 5.68
CA TYR D 120 28.28 42.86 5.03
C TYR D 120 28.01 41.68 5.97
N SER D 121 27.53 41.94 7.18
CA SER D 121 27.36 40.89 8.22
C SER D 121 26.21 39.94 7.93
N LYS D 122 25.24 40.38 7.13
CA LYS D 122 24.23 39.43 6.63
C LYS D 122 24.84 38.48 5.59
N GLN D 123 25.92 38.87 4.93
CA GLN D 123 26.60 37.99 3.96
C GLN D 123 27.57 36.99 4.64
N SER D 124 27.04 36.31 5.66
CA SER D 124 27.84 35.43 6.55
C SER D 124 27.65 33.92 6.28
N LYS D 125 26.46 33.52 5.83
CA LYS D 125 26.30 32.23 5.16
C LYS D 125 26.86 32.39 3.75
N MET D 126 26.97 31.29 3.00
CA MET D 126 27.12 31.34 1.54
C MET D 126 25.80 30.98 0.89
N ARG D 127 25.27 31.84 0.03
CA ARG D 127 24.01 31.53 -0.66
C ARG D 127 24.28 30.56 -1.80
N LYS D 128 24.41 31.07 -3.01
CA LYS D 128 24.48 30.22 -4.21
C LYS D 128 25.96 29.99 -4.51
N ARG D 129 26.40 30.34 -5.72
CA ARG D 129 27.82 30.24 -6.07
C ARG D 129 28.59 31.47 -5.62
N GLY D 130 27.91 32.35 -4.88
CA GLY D 130 28.51 33.55 -4.32
C GLY D 130 29.65 33.33 -3.34
N SER D 131 29.62 34.09 -2.24
CA SER D 131 30.69 34.04 -1.23
C SER D 131 30.30 34.64 0.12
N ILE D 132 31.02 34.19 1.14
CA ILE D 132 30.88 34.74 2.48
C ILE D 132 31.69 36.04 2.53
N VAL D 133 31.17 37.10 1.94
CA VAL D 133 31.96 38.36 1.87
C VAL D 133 32.19 39.01 3.24
N CYS D 134 31.50 38.54 4.27
CA CYS D 134 31.74 39.05 5.64
C CYS D 134 33.12 38.61 6.12
N LYS D 135 33.53 37.44 5.65
CA LYS D 135 34.83 36.89 6.02
C LYS D 135 35.91 37.61 5.23
N LEU D 136 35.68 37.75 3.93
CA LEU D 136 36.56 38.56 3.09
C LEU D 136 36.85 39.88 3.79
N LEU D 137 35.81 40.57 4.22
CA LEU D 137 35.97 41.87 4.84
C LEU D 137 36.82 41.79 6.10
N ALA D 138 36.59 40.73 6.89
CA ALA D 138 37.30 40.53 8.15
C ALA D 138 38.79 40.25 7.96
N SER D 139 39.13 39.77 6.76
CA SER D 139 40.52 39.52 6.36
C SER D 139 41.20 40.82 5.99
N MET D 140 40.50 41.62 5.20
CA MET D 140 41.01 42.86 4.64
C MET D 140 41.21 43.84 5.75
N LEU D 141 40.26 43.86 6.65
CA LEU D 141 40.36 44.68 7.84
C LEU D 141 41.70 44.46 8.58
N ALA D 142 42.15 43.22 8.62
CA ALA D 142 43.42 42.87 9.28
C ALA D 142 44.65 43.30 8.46
N LYS D 143 44.55 43.09 7.15
CA LYS D 143 45.58 43.55 6.20
C LYS D 143 45.82 45.04 6.33
N ALA D 144 44.74 45.81 6.44
CA ALA D 144 44.80 47.26 6.72
C ALA D 144 45.39 47.58 8.09
N GLY D 145 45.63 46.53 8.86
CA GLY D 145 46.28 46.60 10.17
C GLY D 145 45.32 46.93 11.29
N LEU D 146 44.42 46.02 11.61
CA LEU D 146 43.45 46.26 12.67
C LEU D 146 43.84 45.25 13.75
N THR D 147 44.16 45.72 14.94
CA THR D 147 44.57 44.84 16.04
C THR D 147 43.39 44.01 16.51
N HIS D 148 42.25 44.67 16.64
CA HIS D 148 41.01 44.01 17.03
C HIS D 148 39.79 44.93 16.94
N ILE D 149 38.61 44.33 16.93
CA ILE D 149 37.39 45.15 16.86
C ILE D 149 36.44 44.96 18.03
N ILE D 150 35.83 46.08 18.41
CA ILE D 150 34.68 46.13 19.30
C ILE D 150 33.47 46.27 18.39
N THR D 151 32.40 45.56 18.70
CA THR D 151 31.19 45.66 17.91
C THR D 151 29.99 45.32 18.78
N MET D 152 28.79 45.49 18.22
CA MET D 152 27.55 45.09 18.91
C MET D 152 26.61 44.16 18.19
N ASP D 153 26.12 43.18 18.94
CA ASP D 153 25.12 42.20 18.48
C ASP D 153 25.39 41.69 17.04
N LEU D 154 26.54 41.07 16.86
CA LEU D 154 26.86 40.39 15.62
C LEU D 154 25.67 39.54 15.16
N HIS D 155 25.39 39.55 13.86
CA HIS D 155 24.28 38.77 13.26
C HIS D 155 24.26 37.31 13.71
N GLN D 156 25.44 36.72 13.77
CA GLN D 156 25.60 35.34 14.23
C GLN D 156 26.88 35.36 15.06
N LYS D 157 26.86 34.72 16.22
CA LYS D 157 27.97 34.90 17.22
C LYS D 157 29.18 34.19 16.64
N GLU D 158 28.86 33.17 15.83
CA GLU D 158 29.85 32.41 15.06
C GLU D 158 30.72 33.26 14.14
N ILE D 159 30.16 34.32 13.58
CA ILE D 159 30.92 35.20 12.67
C ILE D 159 32.22 35.73 13.32
N GLN D 160 32.19 35.86 14.67
CA GLN D 160 33.35 36.24 15.51
C GLN D 160 34.59 35.37 15.24
N GLY D 161 34.33 34.18 14.73
CA GLY D 161 35.36 33.30 14.19
C GLY D 161 36.04 33.83 12.94
N PHE D 162 35.35 34.62 12.13
CA PHE D 162 35.94 35.08 10.82
C PHE D 162 37.20 35.94 11.06
N PHE D 163 37.28 36.53 12.24
CA PHE D 163 38.34 37.49 12.55
C PHE D 163 39.56 36.83 13.14
N SER D 164 40.71 37.11 12.54
CA SER D 164 41.98 36.55 12.94
C SER D 164 42.60 37.34 14.10
N PHE D 165 41.81 38.21 14.70
CA PHE D 165 42.26 39.00 15.85
C PHE D 165 41.09 39.10 16.81
N PRO D 166 41.35 39.54 18.05
CA PRO D 166 40.31 39.54 19.07
C PRO D 166 39.12 40.37 18.73
N VAL D 167 38.01 39.96 19.30
CA VAL D 167 36.73 40.67 19.13
C VAL D 167 35.99 40.85 20.47
N ASP D 168 35.18 41.89 20.58
CA ASP D 168 34.18 41.97 21.63
C ASP D 168 32.82 42.20 21.02
N ASN D 169 31.98 41.19 21.09
CA ASN D 169 30.69 41.26 20.45
C ASN D 169 29.70 41.61 21.54
N LEU D 170 29.54 42.91 21.77
CA LEU D 170 28.73 43.43 22.87
C LEU D 170 27.27 43.36 22.55
N ARG D 171 26.48 43.28 23.62
CA ARG D 171 25.04 43.08 23.54
C ARG D 171 24.31 44.37 23.81
N ALA D 172 23.17 44.54 23.17
CA ALA D 172 22.30 45.68 23.41
C ALA D 172 21.13 45.32 24.33
N SER D 173 20.95 44.02 24.59
CA SER D 173 19.83 43.56 25.42
C SER D 173 19.67 44.40 26.67
N PRO D 174 20.74 44.54 27.50
CA PRO D 174 20.54 45.30 28.74
C PRO D 174 19.65 46.54 28.56
N PHE D 175 19.99 47.36 27.57
CA PHE D 175 19.28 48.62 27.29
C PHE D 175 17.90 48.40 26.66
N LEU D 176 17.84 47.61 25.59
CA LEU D 176 16.58 47.29 24.94
C LEU D 176 15.58 46.69 25.92
N LEU D 177 16.06 45.78 26.76
CA LEU D 177 15.27 45.17 27.83
C LEU D 177 14.75 46.20 28.82
N GLN D 178 15.63 47.12 29.20
CA GLN D 178 15.27 48.21 30.13
C GLN D 178 14.11 49.00 29.55
N TYR D 179 14.24 49.34 28.26
CA TYR D 179 13.18 50.04 27.51
C TYR D 179 11.84 49.31 27.48
N ILE D 180 11.87 47.98 27.43
CA ILE D 180 10.64 47.19 27.51
C ILE D 180 9.93 47.60 28.80
N GLN D 181 10.65 47.50 29.90
CA GLN D 181 10.09 47.80 31.22
C GLN D 181 10.11 49.27 31.58
N GLU D 182 10.28 50.14 30.59
CA GLU D 182 10.35 51.59 30.83
C GLU D 182 9.07 52.21 30.32
N GLU D 183 8.90 52.17 28.99
CA GLU D 183 7.67 52.64 28.37
C GLU D 183 7.20 51.68 27.30
N ILE D 184 7.17 50.40 27.65
CA ILE D 184 6.15 49.51 27.11
C ILE D 184 5.11 49.31 28.21
N PRO D 185 3.93 49.94 28.07
CA PRO D 185 2.85 49.79 29.02
C PRO D 185 2.43 48.34 29.17
N ASN D 186 2.44 47.87 30.42
CA ASN D 186 1.97 46.52 30.77
C ASN D 186 2.70 45.41 30.01
N TYR D 187 4.02 45.54 29.92
CA TYR D 187 4.85 44.60 29.16
C TYR D 187 4.64 43.15 29.58
N ARG D 188 4.43 42.94 30.88
CA ARG D 188 4.24 41.59 31.45
C ARG D 188 3.10 40.77 30.80
N ASN D 189 2.09 41.44 30.26
CA ASN D 189 1.05 40.76 29.45
C ASN D 189 1.52 40.50 28.01
N ALA D 190 2.70 41.01 27.67
CA ALA D 190 3.27 40.84 26.34
C ALA D 190 3.83 39.46 26.10
N VAL D 191 4.03 39.14 24.84
CA VAL D 191 4.65 37.88 24.43
C VAL D 191 5.75 38.16 23.40
N ILE D 192 6.99 37.76 23.70
CA ILE D 192 8.12 37.95 22.77
C ILE D 192 7.98 37.06 21.52
N VAL D 193 8.15 37.65 20.34
CA VAL D 193 7.94 36.94 19.08
C VAL D 193 9.19 36.93 18.22
N ALA D 194 9.32 35.86 17.44
CA ALA D 194 10.41 35.76 16.47
C ALA D 194 9.83 35.77 15.06
N LYS D 195 10.23 36.80 14.33
CA LYS D 195 9.89 37.02 12.91
C LYS D 195 10.10 35.78 12.05
N SER D 196 11.11 34.99 12.39
CA SER D 196 11.34 33.72 11.70
C SER D 196 12.14 32.75 12.57
N PRO D 197 12.18 31.47 12.16
CA PRO D 197 12.96 30.50 12.91
C PRO D 197 14.37 30.98 13.22
N ASP D 198 15.07 31.52 12.22
CA ASP D 198 16.44 32.09 12.40
C ASP D 198 16.53 33.04 13.61
N ALA D 199 15.44 33.77 13.86
CA ALA D 199 15.36 34.75 14.96
C ALA D 199 14.87 34.15 16.28
N ALA D 200 14.63 32.85 16.27
CA ALA D 200 14.11 32.13 17.43
C ALA D 200 15.01 32.30 18.65
N LYS D 201 16.30 32.25 18.42
CA LYS D 201 17.31 32.31 19.49
C LYS D 201 17.40 33.67 20.14
N ARG D 202 17.51 34.72 19.31
CA ARG D 202 17.56 36.12 19.80
C ARG D 202 16.36 36.42 20.67
N ALA D 203 15.20 35.93 20.21
CA ALA D 203 13.94 36.09 20.91
C ALA D 203 13.93 35.31 22.23
N GLN D 204 14.46 34.08 22.19
CA GLN D 204 14.54 33.19 23.37
C GLN D 204 15.16 33.90 24.57
N SER D 205 16.21 34.67 24.30
CA SER D 205 16.96 35.34 25.34
C SER D 205 16.16 36.42 26.06
N TYR D 206 15.21 37.02 25.34
CA TYR D 206 14.37 38.09 25.89
C TYR D 206 13.25 37.49 26.74
N ALA D 207 12.62 36.45 26.20
CA ALA D 207 11.61 35.67 26.92
C ALA D 207 12.18 35.11 28.23
N GLU D 208 13.34 34.47 28.15
CA GLU D 208 14.04 33.94 29.35
C GLU D 208 14.31 35.02 30.40
N ARG D 209 14.76 36.18 29.96
CA ARG D 209 15.20 37.22 30.90
C ARG D 209 14.03 38.00 31.48
N LEU D 210 12.99 38.23 30.67
CA LEU D 210 11.77 38.97 31.10
C LEU D 210 10.69 38.08 31.78
N ARG D 211 10.91 36.76 31.77
CA ARG D 211 9.95 35.77 32.28
C ARG D 211 8.63 35.75 31.50
N LEU D 212 8.69 35.92 30.18
CA LEU D 212 7.48 35.98 29.34
C LEU D 212 7.36 34.86 28.32
N GLY D 213 6.19 34.76 27.72
CA GLY D 213 5.91 33.75 26.72
C GLY D 213 6.75 33.97 25.47
N LEU D 214 6.71 33.01 24.55
CA LEU D 214 7.47 33.07 23.32
C LEU D 214 6.74 32.41 22.17
N ALA D 215 6.64 33.12 21.06
CA ALA D 215 6.08 32.55 19.84
C ALA D 215 7.07 32.74 18.69
N VAL D 216 6.82 32.07 17.58
CA VAL D 216 7.66 32.23 16.40
C VAL D 216 6.82 32.13 15.15
N ILE D 217 7.14 32.98 14.18
CA ILE D 217 6.36 33.05 12.95
C ILE D 217 7.08 32.33 11.84
N HIS D 218 6.31 31.79 10.89
CA HIS D 218 6.86 31.23 9.66
C HIS D 218 5.76 30.91 8.66
N PRO D 258 5.26 33.45 2.34
CA PRO D 258 5.13 32.06 2.78
C PRO D 258 3.69 31.70 3.11
N PRO D 259 3.44 30.44 3.53
CA PRO D 259 2.13 30.09 4.11
C PRO D 259 1.86 30.87 5.40
N ILE D 260 2.85 31.66 5.83
CA ILE D 260 2.80 32.63 6.95
C ILE D 260 1.82 32.27 8.06
N THR D 261 2.35 31.69 9.13
CA THR D 261 1.54 31.33 10.29
C THR D 261 2.33 31.62 11.55
N VAL D 262 1.63 32.02 12.61
CA VAL D 262 2.28 32.11 13.93
C VAL D 262 2.18 30.77 14.63
N VAL D 263 3.24 30.45 15.36
CA VAL D 263 3.34 29.27 16.20
C VAL D 263 3.46 29.74 17.65
N GLY D 264 2.39 29.53 18.39
CA GLY D 264 2.28 30.00 19.77
C GLY D 264 0.97 30.75 19.97
N ASP D 265 0.47 30.73 21.21
CA ASP D 265 -0.65 31.58 21.61
C ASP D 265 -0.15 33.01 21.64
N VAL D 266 -0.81 33.88 20.90
CA VAL D 266 -0.45 35.29 20.92
C VAL D 266 -1.63 36.16 21.34
N GLY D 267 -2.83 35.71 20.97
CA GLY D 267 -4.09 36.39 21.26
C GLY D 267 -4.20 37.05 22.62
N GLY D 268 -4.98 38.13 22.69
CA GLY D 268 -5.24 38.87 23.93
C GLY D 268 -4.03 39.47 24.59
N ARG D 269 -2.95 39.58 23.82
CA ARG D 269 -1.67 40.04 24.34
C ARG D 269 -0.97 41.03 23.42
N ILE D 270 -0.14 41.85 24.04
CA ILE D 270 0.74 42.77 23.32
C ILE D 270 1.89 41.93 22.74
N ALA D 271 2.03 41.93 21.42
CA ALA D 271 3.14 41.22 20.76
C ALA D 271 4.42 42.07 20.79
N ILE D 272 5.55 41.43 21.04
CA ILE D 272 6.86 42.10 20.90
C ILE D 272 7.79 41.28 20.03
N ILE D 273 8.08 41.79 18.83
CA ILE D 273 8.98 41.08 17.95
C ILE D 273 10.40 41.46 18.27
N VAL D 274 11.27 40.46 18.34
CA VAL D 274 12.70 40.71 18.58
C VAL D 274 13.55 40.15 17.45
N ASP D 275 14.52 40.96 17.07
CA ASP D 275 15.47 40.59 16.05
C ASP D 275 16.70 41.47 16.16
N ASP D 276 17.74 41.14 15.43
CA ASP D 276 18.98 41.90 15.54
C ASP D 276 18.99 43.14 14.64
N ILE D 277 18.52 42.95 13.40
CA ILE D 277 18.57 44.01 12.36
C ILE D 277 17.20 44.25 11.75
N ILE D 278 16.96 45.52 11.39
CA ILE D 278 15.81 45.95 10.59
C ILE D 278 16.36 46.65 9.35
N ASP D 279 16.55 45.88 8.30
CA ASP D 279 17.02 46.41 7.03
C ASP D 279 15.78 46.62 6.16
N ASP D 280 15.29 45.52 5.59
CA ASP D 280 14.12 45.51 4.72
C ASP D 280 12.92 45.08 5.52
N VAL D 281 12.11 46.07 5.81
CA VAL D 281 10.94 45.97 6.67
C VAL D 281 9.83 44.98 6.22
N GLU D 282 9.83 44.57 4.96
CA GLU D 282 8.73 43.74 4.38
C GLU D 282 8.20 42.61 5.30
N SER D 283 9.09 41.75 5.76
CA SER D 283 8.69 40.60 6.59
C SER D 283 8.37 41.00 8.04
N PHE D 284 8.85 42.15 8.48
CA PHE D 284 8.49 42.71 9.80
C PHE D 284 7.03 43.12 9.81
N VAL D 285 6.56 43.62 8.66
CA VAL D 285 5.17 44.03 8.46
C VAL D 285 4.24 42.81 8.37
N ALA D 286 4.51 41.93 7.39
CA ALA D 286 3.75 40.66 7.24
C ALA D 286 3.56 39.95 8.58
N ALA D 287 4.62 39.93 9.37
CA ALA D 287 4.58 39.44 10.77
C ALA D 287 3.60 40.20 11.66
N ALA D 288 3.52 41.51 11.49
CA ALA D 288 2.71 42.36 12.37
C ALA D 288 1.22 42.24 12.07
N GLU D 289 0.91 42.07 10.79
CA GLU D 289 -0.49 41.88 10.34
C GLU D 289 -1.00 40.53 10.83
N ILE D 290 -0.23 39.46 10.58
CA ILE D 290 -0.63 38.12 11.03
C ILE D 290 -0.74 38.01 12.54
N LEU D 291 0.19 38.64 13.25
CA LEU D 291 0.12 38.76 14.72
C LEU D 291 -1.21 39.43 15.13
N LYS D 292 -1.49 40.57 14.52
CA LYS D 292 -2.77 41.30 14.71
C LYS D 292 -3.96 40.38 14.49
N GLU D 293 -3.94 39.72 13.34
CA GLU D 293 -5.00 38.82 12.88
C GLU D 293 -5.20 37.60 13.81
N ARG D 294 -4.27 37.41 14.75
CA ARG D 294 -4.36 36.34 15.78
C ARG D 294 -4.63 36.92 17.17
N GLY D 295 -5.10 38.16 17.21
CA GLY D 295 -5.47 38.81 18.47
C GLY D 295 -4.32 39.50 19.18
N ALA D 296 -3.43 40.10 18.40
CA ALA D 296 -2.35 40.93 18.96
C ALA D 296 -2.79 42.40 18.93
N TYR D 297 -3.00 42.95 20.13
CA TYR D 297 -3.53 44.31 20.26
C TYR D 297 -2.48 45.42 20.12
N LYS D 298 -1.26 45.11 20.53
CA LYS D 298 -0.10 46.00 20.35
C LYS D 298 1.06 45.24 19.75
N ILE D 299 1.72 45.84 18.78
CA ILE D 299 2.93 45.27 18.15
C ILE D 299 4.14 46.18 18.35
N TYR D 300 5.16 45.67 19.03
CA TYR D 300 6.46 46.38 19.13
C TYR D 300 7.54 45.61 18.40
N VAL D 301 8.28 46.28 17.52
CA VAL D 301 9.46 45.67 16.92
C VAL D 301 10.74 46.20 17.57
N MET D 302 11.50 45.28 18.16
CA MET D 302 12.79 45.58 18.78
C MET D 302 13.93 45.07 17.92
N ALA D 303 14.99 45.85 17.84
CA ALA D 303 16.23 45.44 17.14
C ALA D 303 17.43 46.25 17.60
N THR D 304 18.62 45.75 17.30
CA THR D 304 19.86 46.46 17.63
C THR D 304 20.18 47.46 16.52
N HIS D 305 20.26 46.93 15.30
CA HIS D 305 20.77 47.66 14.15
C HIS D 305 19.67 48.12 13.22
N GLY D 306 19.39 49.42 13.28
CA GLY D 306 18.26 49.97 12.58
C GLY D 306 18.69 50.68 11.32
N ILE D 307 18.95 49.92 10.27
CA ILE D 307 19.44 50.54 9.04
C ILE D 307 18.26 51.01 8.19
N LEU D 308 17.19 50.23 8.17
CA LEU D 308 15.91 50.69 7.61
C LEU D 308 16.09 51.28 6.22
N SER D 309 16.68 50.49 5.32
CA SER D 309 17.02 50.99 3.99
C SER D 309 15.78 51.15 3.12
N ALA D 310 15.85 52.08 2.16
CA ALA D 310 14.85 52.30 1.09
C ALA D 310 13.55 52.89 1.66
N GLU D 311 12.39 52.41 1.20
CA GLU D 311 11.11 52.94 1.70
C GLU D 311 10.59 52.24 2.98
N ALA D 312 11.50 51.80 3.83
CA ALA D 312 11.12 51.10 5.05
C ALA D 312 10.29 51.98 5.98
N PRO D 313 10.68 53.26 6.16
CA PRO D 313 9.93 54.12 7.09
C PRO D 313 8.51 54.39 6.65
N ARG D 314 8.29 54.45 5.35
CA ARG D 314 6.94 54.64 4.79
C ARG D 314 6.10 53.40 5.13
N LEU D 315 6.64 52.24 4.77
CA LEU D 315 5.95 50.94 4.97
C LEU D 315 5.53 50.72 6.44
N ILE D 316 6.35 51.22 7.37
CA ILE D 316 6.09 51.11 8.80
C ILE D 316 4.86 51.93 9.22
N GLU D 317 4.78 53.16 8.72
CA GLU D 317 3.58 53.98 8.91
C GLU D 317 2.37 53.19 8.45
N GLU D 318 2.39 52.80 7.17
CA GLU D 318 1.25 52.11 6.51
C GLU D 318 0.86 50.79 7.16
N SER D 319 1.80 50.17 7.85
CA SER D 319 1.56 48.92 8.61
C SER D 319 1.00 49.17 10.01
N SER D 320 0.58 48.08 10.64
CA SER D 320 -0.08 48.14 11.94
C SER D 320 0.91 48.05 13.11
N VAL D 321 2.20 47.93 12.79
CA VAL D 321 3.23 47.92 13.84
C VAL D 321 3.15 49.26 14.58
N ASP D 322 3.02 49.19 15.89
CA ASP D 322 2.70 50.37 16.67
C ASP D 322 3.92 51.19 16.95
N GLU D 323 5.04 50.52 17.24
CA GLU D 323 6.29 51.19 17.59
C GLU D 323 7.47 50.37 17.09
N VAL D 324 8.52 51.06 16.62
CA VAL D 324 9.78 50.39 16.30
C VAL D 324 10.91 50.98 17.11
N VAL D 325 11.59 50.13 17.85
CA VAL D 325 12.65 50.57 18.74
C VAL D 325 13.97 50.01 18.29
N VAL D 326 14.89 50.92 17.99
CA VAL D 326 16.23 50.56 17.60
C VAL D 326 17.24 51.34 18.42
N THR D 327 18.50 50.93 18.27
CA THR D 327 19.61 51.60 18.94
C THR D 327 20.28 52.56 17.94
N ASN D 328 21.02 53.54 18.46
CA ASN D 328 21.77 54.46 17.61
C ASN D 328 23.05 53.83 17.09
N THR D 329 23.04 52.51 16.99
CA THR D 329 24.17 51.79 16.40
C THR D 329 24.42 52.27 14.97
N VAL D 330 23.37 52.47 14.17
CA VAL D 330 23.52 53.09 12.85
C VAL D 330 22.70 54.37 12.81
N PRO D 331 23.13 55.37 12.03
CA PRO D 331 22.39 56.62 11.85
C PRO D 331 21.01 56.50 11.17
N HIS D 332 20.02 57.20 11.75
CA HIS D 332 18.58 57.16 11.35
C HIS D 332 17.97 58.45 10.83
N GLU D 333 18.54 59.56 11.27
CA GLU D 333 17.74 60.76 11.60
C GLU D 333 16.60 61.05 10.60
N VAL D 334 16.92 60.85 9.34
CA VAL D 334 16.01 61.13 8.23
C VAL D 334 14.82 60.19 8.17
N GLN D 335 15.08 58.95 8.52
CA GLN D 335 14.10 57.89 8.35
C GLN D 335 13.21 57.80 9.57
N LYS D 336 13.63 58.45 10.65
CA LYS D 336 12.80 58.53 11.85
C LYS D 336 12.03 59.87 11.88
N LEU D 337 12.37 60.74 10.93
CA LEU D 337 11.57 61.91 10.58
C LEU D 337 10.38 61.47 9.74
N GLN D 338 10.66 60.61 8.77
CA GLN D 338 9.64 59.96 7.93
C GLN D 338 8.58 59.26 8.77
N CYS D 339 9.07 58.50 9.74
CA CYS D 339 8.22 57.67 10.55
C CYS D 339 8.52 57.91 12.04
N PRO D 340 7.64 58.66 12.73
CA PRO D 340 7.85 58.96 14.15
C PRO D 340 7.48 57.76 15.03
N LYS D 341 6.94 56.73 14.36
CA LYS D 341 6.70 55.41 14.92
C LYS D 341 8.01 54.81 15.48
N ILE D 342 9.13 55.28 14.91
CA ILE D 342 10.45 54.79 15.25
C ILE D 342 11.06 55.56 16.40
N LYS D 343 11.07 54.91 17.57
CA LYS D 343 11.77 55.42 18.73
C LYS D 343 13.18 54.80 18.75
N THR D 344 14.16 55.54 19.26
CA THR D 344 15.58 55.11 19.24
C THR D 344 16.24 55.12 20.62
N VAL D 345 16.96 54.05 20.96
CA VAL D 345 17.70 53.94 22.26
C VAL D 345 19.22 54.19 22.17
N ASP D 346 19.72 55.02 23.08
CA ASP D 346 21.14 55.37 23.13
C ASP D 346 22.02 54.28 23.71
N ILE D 347 23.12 54.04 23.02
CA ILE D 347 23.95 52.89 23.29
C ILE D 347 25.40 53.30 23.53
N SER D 348 25.69 54.58 23.30
CA SER D 348 27.06 55.12 23.42
C SER D 348 27.74 54.83 24.77
N LEU D 349 26.96 54.53 25.79
CA LEU D 349 27.50 54.26 27.12
C LEU D 349 28.20 52.91 27.19
N ILE D 350 27.54 51.88 26.66
CA ILE D 350 28.16 50.55 26.58
C ILE D 350 29.47 50.62 25.80
N LEU D 351 29.48 51.42 24.73
CA LEU D 351 30.64 51.59 23.89
C LEU D 351 31.69 52.42 24.58
N SER D 352 31.26 53.57 25.12
CA SER D 352 32.12 54.40 25.98
C SER D 352 32.93 53.50 26.90
N GLU D 353 32.20 52.68 27.65
CA GLU D 353 32.79 51.75 28.62
C GLU D 353 33.78 50.79 28.00
N ALA D 354 33.33 50.01 27.02
CA ALA D 354 34.16 48.99 26.36
C ALA D 354 35.50 49.55 25.89
N ILE D 355 35.43 50.72 25.28
CA ILE D 355 36.61 51.44 24.84
C ILE D 355 37.48 51.80 26.03
N ARG D 356 36.85 52.24 27.12
CA ARG D 356 37.58 52.59 28.35
C ARG D 356 38.34 51.41 28.91
N ARG D 357 37.72 50.24 28.88
CA ARG D 357 38.30 49.06 29.50
C ARG D 357 39.58 48.60 28.83
N ILE D 358 39.51 48.31 27.53
CA ILE D 358 40.65 47.71 26.84
C ILE D 358 41.84 48.67 26.82
N HIS D 359 41.54 49.97 26.84
CA HIS D 359 42.58 50.99 26.93
C HIS D 359 43.37 50.87 28.23
N ASN D 360 42.68 51.04 29.35
CA ASN D 360 43.31 50.93 30.69
C ASN D 360 43.77 49.50 31.00
N GLY D 361 43.39 48.56 30.15
CA GLY D 361 43.73 47.15 30.31
C GLY D 361 42.80 46.43 31.30
N GLU D 362 41.60 46.98 31.47
CA GLU D 362 40.62 46.46 32.45
C GLU D 362 39.94 45.19 31.92
N SER D 363 39.09 44.60 32.77
CA SER D 363 38.31 43.43 32.40
C SER D 363 36.93 43.83 31.87
N MET D 364 36.50 43.16 30.80
CA MET D 364 35.18 43.41 30.20
C MET D 364 34.13 42.36 30.59
N ALA D 365 34.25 41.85 31.82
CA ALA D 365 33.31 40.85 32.36
C ALA D 365 31.93 41.46 32.57
N TYR D 366 31.92 42.73 32.94
CA TYR D 366 30.70 43.51 33.21
C TYR D 366 29.81 43.65 31.97
N LEU D 367 30.44 43.80 30.82
CA LEU D 367 29.73 44.06 29.55
C LEU D 367 29.16 42.78 28.95
N PHE D 368 29.63 41.64 29.43
CA PHE D 368 29.19 40.32 28.96
C PHE D 368 28.35 39.61 30.05
N ARG D 369 29.01 39.12 31.11
CA ARG D 369 28.32 38.33 32.17
C ARG D 369 27.68 39.20 33.23
N GLY E 26 -25.46 -40.52 -40.90
CA GLY E 26 -25.01 -40.40 -42.33
C GLY E 26 -24.21 -39.13 -42.60
N TYR E 27 -23.03 -39.04 -41.97
CA TYR E 27 -22.18 -37.83 -41.96
C TYR E 27 -22.93 -36.55 -41.74
N ARG E 28 -23.09 -36.21 -40.48
CA ARG E 28 -23.63 -34.92 -40.09
C ARG E 28 -22.53 -34.10 -39.45
N VAL E 29 -22.09 -33.08 -40.18
CA VAL E 29 -21.03 -32.18 -39.75
C VAL E 29 -21.43 -30.74 -40.00
N PHE E 30 -21.38 -29.93 -38.96
CA PHE E 30 -21.80 -28.54 -39.00
C PHE E 30 -20.65 -27.63 -38.60
N SER E 31 -20.67 -26.39 -39.10
CA SER E 31 -19.76 -25.36 -38.61
C SER E 31 -20.52 -24.42 -37.68
N ALA E 32 -19.91 -24.06 -36.56
CA ALA E 32 -20.47 -23.03 -35.69
C ALA E 32 -19.87 -21.67 -35.99
N ASN E 33 -19.11 -21.59 -37.06
CA ASN E 33 -18.47 -20.34 -37.45
C ASN E 33 -19.42 -19.41 -38.22
N SER E 34 -19.21 -18.11 -38.07
CA SER E 34 -20.04 -17.08 -38.71
C SER E 34 -19.23 -16.28 -39.76
N THR E 35 -17.95 -16.03 -39.49
CA THR E 35 -17.02 -15.49 -40.50
C THR E 35 -16.80 -16.55 -41.54
N ALA E 36 -16.95 -16.18 -42.81
CA ALA E 36 -16.98 -17.18 -43.89
C ALA E 36 -15.60 -17.57 -44.46
N ALA E 37 -14.53 -17.21 -43.74
CA ALA E 37 -13.17 -17.71 -44.00
C ALA E 37 -12.66 -18.48 -42.78
N CYS E 38 -13.35 -18.25 -41.68
CA CYS E 38 -13.22 -19.01 -40.46
C CYS E 38 -13.97 -20.34 -40.56
N THR E 39 -14.51 -20.59 -41.75
CA THR E 39 -15.22 -21.80 -42.11
C THR E 39 -14.51 -22.49 -43.27
N GLU E 40 -13.27 -22.08 -43.54
CA GLU E 40 -12.48 -22.60 -44.66
C GLU E 40 -12.07 -24.06 -44.44
N LEU E 41 -11.51 -24.32 -43.26
CA LEU E 41 -11.04 -25.66 -42.85
C LEU E 41 -12.17 -26.66 -42.79
N ALA E 42 -13.32 -26.21 -42.31
CA ALA E 42 -14.51 -27.05 -42.15
C ALA E 42 -15.06 -27.41 -43.52
N LYS E 43 -15.10 -26.41 -44.37
CA LYS E 43 -15.41 -26.56 -45.80
C LYS E 43 -14.52 -27.66 -46.39
N ARG E 44 -13.23 -27.59 -46.06
CA ARG E 44 -12.20 -28.50 -46.60
C ARG E 44 -12.34 -29.93 -46.16
N ILE E 45 -12.51 -30.12 -44.87
CA ILE E 45 -12.75 -31.44 -44.29
C ILE E 45 -13.90 -32.16 -44.99
N THR E 46 -15.05 -31.50 -45.08
CA THR E 46 -16.23 -32.09 -45.73
C THR E 46 -15.99 -32.46 -47.20
N GLU E 47 -15.16 -31.69 -47.90
CA GLU E 47 -14.77 -32.01 -49.29
C GLU E 47 -14.14 -33.41 -49.31
N ARG E 48 -13.22 -33.63 -48.37
CA ARG E 48 -12.45 -34.88 -48.28
C ARG E 48 -13.33 -36.05 -47.81
N LEU E 49 -14.46 -35.74 -47.17
CA LEU E 49 -15.44 -36.76 -46.73
C LEU E 49 -16.53 -36.98 -47.77
N GLY E 50 -16.47 -36.22 -48.87
CA GLY E 50 -17.56 -36.15 -49.84
C GLY E 50 -18.83 -35.54 -49.28
N ALA E 51 -18.82 -35.25 -47.98
CA ALA E 51 -19.99 -34.75 -47.25
C ALA E 51 -20.25 -33.28 -47.54
N GLU E 52 -21.45 -32.87 -47.15
CA GLU E 52 -21.90 -31.51 -47.34
C GLU E 52 -22.23 -30.95 -45.97
N LEU E 53 -21.83 -29.71 -45.74
CA LEU E 53 -22.08 -29.10 -44.46
C LEU E 53 -23.57 -29.10 -44.14
N GLY E 54 -23.87 -29.18 -42.86
CA GLY E 54 -25.24 -29.13 -42.40
C GLY E 54 -25.74 -27.71 -42.56
N LYS E 55 -26.99 -27.57 -42.95
CA LYS E 55 -27.56 -26.24 -43.16
C LYS E 55 -27.89 -25.65 -41.78
N SER E 56 -27.48 -24.40 -41.55
CA SER E 56 -27.59 -23.78 -40.22
C SER E 56 -27.09 -22.33 -40.14
N VAL E 57 -27.99 -21.40 -39.82
CA VAL E 57 -27.60 -19.99 -39.61
C VAL E 57 -26.97 -19.75 -38.24
N VAL E 58 -25.92 -18.94 -38.24
CA VAL E 58 -25.28 -18.47 -37.01
C VAL E 58 -25.35 -16.95 -36.98
N TYR E 59 -26.46 -16.43 -36.45
CA TYR E 59 -26.70 -14.97 -36.40
C TYR E 59 -25.76 -14.24 -35.43
N GLN E 60 -25.96 -12.93 -35.38
CA GLN E 60 -25.54 -12.07 -34.28
C GLN E 60 -26.60 -11.01 -34.15
N GLU E 61 -27.29 -10.98 -33.02
CA GLU E 61 -28.28 -9.92 -32.81
C GLU E 61 -27.59 -8.57 -32.75
N THR E 62 -28.39 -7.53 -32.86
CA THR E 62 -27.90 -6.15 -32.83
C THR E 62 -27.28 -5.83 -31.47
N ASN E 63 -27.82 -6.44 -30.42
CA ASN E 63 -27.32 -6.28 -29.03
C ASN E 63 -26.06 -7.09 -28.73
N GLY E 64 -25.64 -7.89 -29.71
CA GLY E 64 -24.42 -8.70 -29.67
C GLY E 64 -24.66 -10.19 -29.47
N GLU E 65 -25.82 -10.52 -28.92
CA GLU E 65 -26.15 -11.89 -28.61
C GLU E 65 -25.98 -12.79 -29.81
N THR E 66 -25.49 -14.00 -29.56
CA THR E 66 -25.36 -15.00 -30.61
C THR E 66 -26.65 -15.78 -30.77
N ARG E 67 -26.90 -16.16 -32.01
CA ARG E 67 -28.03 -17.02 -32.33
C ARG E 67 -27.67 -18.08 -33.35
N VAL E 68 -28.20 -19.27 -33.11
CA VAL E 68 -27.96 -20.44 -33.96
C VAL E 68 -29.28 -21.11 -34.26
N GLU E 69 -29.48 -21.47 -35.52
CA GLU E 69 -30.68 -22.15 -35.96
C GLU E 69 -30.18 -23.34 -36.79
N ILE E 70 -30.57 -24.54 -36.40
CA ILE E 70 -30.22 -25.72 -37.16
C ILE E 70 -31.34 -25.90 -38.20
N LYS E 71 -30.98 -25.85 -39.48
CA LYS E 71 -31.97 -25.87 -40.58
C LYS E 71 -32.25 -27.28 -41.12
N GLU E 72 -32.00 -28.31 -40.31
CA GLU E 72 -32.31 -29.70 -40.69
C GLU E 72 -32.49 -30.62 -39.47
N SER E 73 -33.22 -31.70 -39.66
CA SER E 73 -33.54 -32.63 -38.57
C SER E 73 -32.32 -33.44 -38.13
N VAL E 74 -32.19 -33.65 -36.83
CA VAL E 74 -31.06 -34.35 -36.23
C VAL E 74 -31.51 -35.59 -35.41
N ARG E 75 -32.80 -35.64 -35.08
CA ARG E 75 -33.40 -36.72 -34.27
C ARG E 75 -32.59 -38.01 -34.30
N GLY E 76 -31.90 -38.27 -33.20
CA GLY E 76 -31.27 -39.56 -32.95
C GLY E 76 -29.94 -39.79 -33.65
N GLN E 77 -29.43 -38.78 -34.35
CA GLN E 77 -28.20 -38.92 -35.12
C GLN E 77 -26.94 -38.35 -34.46
N ASP E 78 -25.79 -38.82 -34.93
CA ASP E 78 -24.47 -38.41 -34.44
C ASP E 78 -23.91 -37.25 -35.28
N ILE E 79 -23.71 -36.11 -34.60
CA ILE E 79 -23.38 -34.81 -35.25
C ILE E 79 -21.99 -34.29 -34.89
N PHE E 80 -21.29 -33.76 -35.90
CA PHE E 80 -19.95 -33.21 -35.76
C PHE E 80 -19.97 -31.70 -35.93
N ILE E 81 -19.59 -30.97 -34.89
CA ILE E 81 -19.48 -29.54 -35.01
C ILE E 81 -18.02 -29.26 -35.31
N ILE E 82 -17.75 -28.27 -36.15
CA ILE E 82 -16.38 -27.78 -36.37
C ILE E 82 -16.26 -26.32 -35.91
N GLN E 83 -15.23 -26.02 -35.14
CA GLN E 83 -15.01 -24.67 -34.66
C GLN E 83 -13.56 -24.32 -34.78
N THR E 84 -13.32 -23.19 -35.42
CA THR E 84 -12.04 -22.53 -35.37
C THR E 84 -12.20 -21.22 -34.54
N ILE E 85 -11.12 -20.74 -33.93
CA ILE E 85 -11.19 -19.50 -33.14
C ILE E 85 -10.40 -18.36 -33.84
N PRO E 86 -11.11 -17.28 -34.27
CA PRO E 86 -10.51 -16.09 -34.84
C PRO E 86 -10.60 -14.81 -33.99
N ARG E 87 -9.83 -14.73 -32.91
CA ARG E 87 -9.58 -13.46 -32.20
C ARG E 87 -10.68 -13.10 -31.22
N ASP E 88 -11.92 -12.93 -31.68
CA ASP E 88 -13.02 -12.75 -30.73
C ASP E 88 -13.34 -14.13 -30.20
N VAL E 89 -12.50 -14.59 -29.27
CA VAL E 89 -12.49 -16.00 -28.91
C VAL E 89 -13.77 -16.23 -28.13
N ASN E 90 -14.10 -15.26 -27.27
CA ASN E 90 -15.31 -15.30 -26.45
C ASN E 90 -16.65 -15.58 -27.21
N THR E 91 -16.74 -15.14 -28.47
CA THR E 91 -17.96 -15.37 -29.26
C THR E 91 -17.92 -16.75 -29.92
N ALA E 92 -16.74 -17.14 -30.40
CA ALA E 92 -16.49 -18.47 -30.96
C ALA E 92 -16.86 -19.59 -30.01
N VAL E 93 -16.71 -19.35 -28.69
CA VAL E 93 -17.03 -20.37 -27.68
C VAL E 93 -18.53 -20.42 -27.40
N MET E 94 -19.21 -19.30 -27.49
CA MET E 94 -20.66 -19.30 -27.25
C MET E 94 -21.32 -19.94 -28.48
N GLU E 95 -20.97 -19.44 -29.65
CA GLU E 95 -21.37 -20.05 -30.91
C GLU E 95 -21.27 -21.56 -30.81
N LEU E 96 -20.15 -22.04 -30.28
CA LEU E 96 -19.93 -23.48 -30.11
C LEU E 96 -20.90 -24.07 -29.10
N LEU E 97 -20.83 -23.54 -27.88
CA LEU E 97 -21.70 -23.98 -26.79
C LEU E 97 -23.16 -23.96 -27.23
N ILE E 98 -23.58 -22.80 -27.73
CA ILE E 98 -24.96 -22.59 -28.20
C ILE E 98 -25.36 -23.60 -29.28
N MET E 99 -24.48 -23.84 -30.24
CA MET E 99 -24.79 -24.82 -31.26
C MET E 99 -24.95 -26.21 -30.68
N ALA E 100 -24.05 -26.60 -29.78
CA ALA E 100 -24.12 -27.93 -29.13
C ALA E 100 -25.45 -28.08 -28.41
N TYR E 101 -25.75 -27.07 -27.61
CA TYR E 101 -26.97 -27.01 -26.81
C TYR E 101 -28.23 -27.05 -27.67
N ALA E 102 -28.20 -26.40 -28.83
CA ALA E 102 -29.30 -26.48 -29.81
C ALA E 102 -29.41 -27.88 -30.47
N LEU E 103 -28.28 -28.54 -30.72
CA LEU E 103 -28.29 -29.89 -31.28
C LEU E 103 -28.75 -30.90 -30.22
N LYS E 104 -28.37 -30.63 -28.97
CA LYS E 104 -28.82 -31.47 -27.85
C LYS E 104 -30.33 -31.39 -27.74
N THR E 105 -30.87 -30.18 -27.83
CA THR E 105 -32.32 -29.98 -27.81
C THR E 105 -33.03 -30.61 -29.03
N ALA E 106 -32.37 -30.60 -30.18
CA ALA E 106 -32.85 -31.30 -31.40
C ALA E 106 -32.74 -32.83 -31.30
N CYS E 107 -32.21 -33.31 -30.17
CA CYS E 107 -32.09 -34.75 -29.86
C CYS E 107 -30.99 -35.46 -30.62
N ALA E 108 -29.83 -34.81 -30.67
CA ALA E 108 -28.66 -35.42 -31.28
C ALA E 108 -28.27 -36.56 -30.38
N ARG E 109 -28.00 -37.73 -30.94
CA ARG E 109 -27.52 -38.83 -30.12
C ARG E 109 -26.16 -38.43 -29.59
N ASN E 110 -25.20 -38.29 -30.49
CA ASN E 110 -23.84 -37.86 -30.12
C ASN E 110 -23.40 -36.56 -30.79
N ILE E 111 -22.87 -35.67 -29.96
CA ILE E 111 -22.39 -34.35 -30.37
C ILE E 111 -20.87 -34.34 -30.26
N ILE E 112 -20.20 -34.31 -31.40
CA ILE E 112 -18.74 -34.38 -31.43
C ILE E 112 -18.15 -33.03 -31.83
N GLY E 113 -17.34 -32.49 -30.93
CA GLY E 113 -16.70 -31.22 -31.15
C GLY E 113 -15.36 -31.40 -31.84
N VAL E 114 -15.24 -30.85 -33.03
CA VAL E 114 -13.98 -30.81 -33.70
C VAL E 114 -13.45 -29.43 -33.46
N ILE E 115 -12.53 -29.31 -32.52
CA ILE E 115 -11.98 -28.03 -32.14
C ILE E 115 -10.46 -28.13 -32.35
N PRO E 116 -10.00 -27.86 -33.59
CA PRO E 116 -8.60 -28.11 -33.83
C PRO E 116 -7.76 -27.37 -32.84
N TYR E 117 -7.84 -26.05 -32.80
CA TYR E 117 -7.20 -25.30 -31.71
C TYR E 117 -8.21 -25.14 -30.57
N PHE E 118 -7.94 -25.75 -29.43
CA PHE E 118 -8.81 -25.58 -28.26
C PHE E 118 -8.50 -24.26 -27.51
N PRO E 119 -9.48 -23.34 -27.44
CA PRO E 119 -9.26 -22.03 -26.83
C PRO E 119 -9.14 -22.05 -25.31
N TYR E 120 -8.61 -20.97 -24.76
CA TYR E 120 -8.24 -20.92 -23.34
C TYR E 120 -7.28 -22.01 -22.87
N SER E 121 -6.67 -22.72 -23.83
CA SER E 121 -5.79 -23.87 -23.52
C SER E 121 -4.46 -23.47 -22.88
N LYS E 122 -4.00 -22.24 -23.12
CA LYS E 122 -2.84 -21.74 -22.36
C LYS E 122 -3.23 -21.47 -20.91
N GLN E 123 -4.51 -21.27 -20.62
CA GLN E 123 -4.98 -21.06 -19.24
C GLN E 123 -5.24 -22.39 -18.51
N SER E 124 -4.23 -23.27 -18.56
CA SER E 124 -4.32 -24.66 -18.05
C SER E 124 -3.60 -24.90 -16.69
N LYS E 125 -2.50 -24.18 -16.45
CA LYS E 125 -1.96 -24.03 -15.10
C LYS E 125 -2.88 -23.03 -14.40
N MET E 126 -2.68 -22.86 -13.10
CA MET E 126 -3.21 -21.68 -12.39
C MET E 126 -2.11 -20.71 -12.10
N ARG E 127 -2.22 -19.46 -12.55
CA ARG E 127 -1.17 -18.46 -12.27
C ARG E 127 -1.28 -17.97 -10.82
N LYS E 128 -1.92 -16.83 -10.62
CA LYS E 128 -1.94 -16.18 -9.31
C LYS E 128 -3.20 -16.64 -8.59
N ARG E 129 -4.04 -15.70 -8.14
CA ARG E 129 -5.32 -16.07 -7.51
C ARG E 129 -6.40 -16.33 -8.56
N GLY E 130 -6.00 -16.33 -9.82
CA GLY E 130 -6.88 -16.60 -10.94
C GLY E 130 -7.50 -17.99 -10.97
N SER E 131 -7.53 -18.60 -12.16
CA SER E 131 -8.18 -19.91 -12.34
C SER E 131 -7.75 -20.65 -13.58
N ILE E 132 -7.92 -21.96 -13.54
CA ILE E 132 -7.68 -22.81 -14.69
C ILE E 132 -8.93 -22.74 -15.59
N VAL E 133 -9.09 -21.63 -16.31
CA VAL E 133 -10.34 -21.46 -17.12
C VAL E 133 -10.47 -22.50 -18.27
N CYS E 134 -9.40 -23.20 -18.60
CA CYS E 134 -9.47 -24.23 -19.63
C CYS E 134 -10.36 -25.37 -19.13
N LYS E 135 -10.34 -25.59 -17.81
CA LYS E 135 -11.14 -26.64 -17.19
C LYS E 135 -12.57 -26.22 -17.11
N LEU E 136 -12.78 -24.99 -16.63
CA LEU E 136 -14.10 -24.36 -16.67
C LEU E 136 -14.74 -24.58 -18.05
N LEU E 137 -14.01 -24.23 -19.09
CA LEU E 137 -14.54 -24.35 -20.44
C LEU E 137 -14.90 -25.80 -20.77
N ALA E 138 -14.06 -26.73 -20.33
CA ALA E 138 -14.27 -28.16 -20.62
C ALA E 138 -15.49 -28.73 -19.90
N SER E 139 -15.90 -28.06 -18.82
CA SER E 139 -17.10 -28.41 -18.05
C SER E 139 -18.36 -27.93 -18.77
N MET E 140 -18.28 -26.68 -19.22
CA MET E 140 -19.40 -25.97 -19.85
C MET E 140 -19.71 -26.61 -21.18
N LEU E 141 -18.65 -26.95 -21.88
CA LEU E 141 -18.77 -27.71 -23.12
C LEU E 141 -19.63 -28.96 -22.95
N ALA E 142 -19.49 -29.63 -21.82
CA ALA E 142 -20.28 -30.85 -21.52
C ALA E 142 -21.73 -30.51 -21.15
N LYS E 143 -21.90 -29.46 -20.35
CA LYS E 143 -23.22 -28.95 -20.01
C LYS E 143 -24.03 -28.64 -21.25
N ALA E 144 -23.41 -27.98 -22.22
CA ALA E 144 -24.01 -27.73 -23.56
C ALA E 144 -24.30 -29.00 -24.33
N GLY E 145 -23.86 -30.12 -23.77
CA GLY E 145 -24.13 -31.46 -24.30
C GLY E 145 -23.17 -31.88 -25.39
N LEU E 146 -21.90 -32.07 -25.04
CA LEU E 146 -20.89 -32.45 -26.03
C LEU E 146 -20.51 -33.84 -25.62
N THR E 147 -20.68 -34.81 -26.52
CA THR E 147 -20.39 -36.22 -26.22
C THR E 147 -18.92 -36.41 -26.06
N HIS E 148 -18.16 -35.81 -26.99
CA HIS E 148 -16.70 -35.87 -26.95
C HIS E 148 -16.04 -34.98 -28.01
N ILE E 149 -14.78 -34.63 -27.79
CA ILE E 149 -14.08 -33.75 -28.74
C ILE E 149 -12.88 -34.39 -29.42
N ILE E 150 -12.74 -34.07 -30.69
CA ILE E 150 -11.53 -34.29 -31.47
C ILE E 150 -10.77 -32.96 -31.47
N THR E 151 -9.46 -33.00 -31.27
CA THR E 151 -8.65 -31.78 -31.29
C THR E 151 -7.25 -32.12 -31.75
N MET E 152 -6.43 -31.09 -31.94
CA MET E 152 -5.00 -31.29 -32.26
C MET E 152 -3.96 -30.65 -31.36
N ASP E 153 -2.94 -31.43 -31.05
CA ASP E 153 -1.77 -30.98 -30.26
C ASP E 153 -2.15 -30.09 -29.08
N LEU E 154 -2.95 -30.64 -28.18
CA LEU E 154 -3.25 -29.98 -26.91
C LEU E 154 -1.99 -29.41 -26.28
N HIS E 155 -2.07 -28.21 -25.72
CA HIS E 155 -0.93 -27.52 -25.05
C HIS E 155 -0.18 -28.42 -24.08
N GLN E 156 -0.93 -29.19 -23.33
CA GLN E 156 -0.36 -30.13 -22.39
C GLN E 156 -1.26 -31.34 -22.50
N LYS E 157 -0.67 -32.53 -22.53
CA LYS E 157 -1.45 -33.76 -22.86
C LYS E 157 -2.37 -34.03 -21.66
N GLU E 158 -1.83 -33.65 -20.50
CA GLU E 158 -2.55 -33.68 -19.20
C GLU E 158 -3.90 -32.95 -19.22
N ILE E 159 -4.02 -31.90 -20.00
CA ILE E 159 -5.30 -31.13 -20.12
C ILE E 159 -6.49 -32.04 -20.58
N GLN E 160 -6.16 -33.10 -21.30
CA GLN E 160 -7.12 -34.14 -21.72
C GLN E 160 -7.93 -34.72 -20.54
N GLY E 161 -7.30 -34.67 -19.37
CA GLY E 161 -7.96 -34.97 -18.11
C GLY E 161 -9.09 -34.03 -17.74
N PHE E 162 -9.03 -32.77 -18.18
CA PHE E 162 -10.06 -31.79 -17.79
C PHE E 162 -11.45 -32.21 -18.26
N PHE E 163 -11.50 -33.01 -19.33
CA PHE E 163 -12.75 -33.36 -20.00
C PHE E 163 -13.39 -34.63 -19.44
N SER E 164 -14.65 -34.48 -19.04
CA SER E 164 -15.42 -35.56 -18.46
C SER E 164 -15.99 -36.47 -19.52
N PHE E 165 -15.51 -36.31 -20.76
CA PHE E 165 -15.93 -37.17 -21.86
C PHE E 165 -14.73 -37.46 -22.72
N PRO E 166 -14.84 -38.45 -23.63
CA PRO E 166 -13.67 -38.84 -24.42
C PRO E 166 -13.05 -37.74 -25.25
N VAL E 167 -11.76 -37.89 -25.48
CA VAL E 167 -11.01 -36.97 -26.30
C VAL E 167 -10.09 -37.71 -27.30
N ASP E 168 -9.81 -37.08 -28.43
CA ASP E 168 -8.71 -37.49 -29.30
C ASP E 168 -7.79 -36.32 -29.54
N ASN E 169 -6.61 -36.38 -28.94
CA ASN E 169 -5.69 -35.29 -29.02
C ASN E 169 -4.70 -35.66 -30.11
N LEU E 170 -5.06 -35.31 -31.35
CA LEU E 170 -4.29 -35.68 -32.54
C LEU E 170 -3.06 -34.83 -32.72
N ARG E 171 -2.08 -35.42 -33.36
CA ARG E 171 -0.76 -34.84 -33.54
C ARG E 171 -0.61 -34.28 -34.93
N ALA E 172 0.14 -33.20 -35.05
CA ALA E 172 0.49 -32.62 -36.35
C ALA E 172 1.88 -33.03 -36.81
N SER E 173 2.66 -33.62 -35.90
CA SER E 173 4.03 -33.99 -36.21
C SER E 173 4.12 -34.65 -37.59
N PRO E 174 3.38 -35.75 -37.82
CA PRO E 174 3.54 -36.43 -39.10
C PRO E 174 3.74 -35.45 -40.25
N PHE E 175 2.83 -34.48 -40.35
CA PHE E 175 2.84 -33.49 -41.46
C PHE E 175 3.99 -32.47 -41.34
N LEU E 176 4.08 -31.84 -40.17
CA LEU E 176 5.16 -30.88 -39.91
C LEU E 176 6.52 -31.48 -40.15
N LEU E 177 6.71 -32.70 -39.70
CA LEU E 177 7.94 -33.48 -39.92
C LEU E 177 8.21 -33.70 -41.41
N GLN E 178 7.17 -34.08 -42.14
CA GLN E 178 7.25 -34.30 -43.58
C GLN E 178 7.76 -33.04 -44.24
N TYR E 179 7.18 -31.90 -43.86
CA TYR E 179 7.59 -30.58 -44.34
C TYR E 179 9.06 -30.25 -44.07
N ILE E 180 9.57 -30.70 -42.92
CA ILE E 180 11.01 -30.55 -42.63
C ILE E 180 11.78 -31.17 -43.80
N GLN E 181 11.49 -32.43 -44.07
CA GLN E 181 12.17 -33.17 -45.12
C GLN E 181 11.62 -32.94 -46.53
N GLU E 182 10.84 -31.88 -46.71
CA GLU E 182 10.24 -31.59 -48.02
C GLU E 182 10.94 -30.40 -48.61
N GLU E 183 10.79 -29.24 -47.96
CA GLU E 183 11.51 -28.03 -48.38
C GLU E 183 12.07 -27.27 -47.19
N ILE E 184 12.70 -28.02 -46.28
CA ILE E 184 13.82 -27.44 -45.54
C ILE E 184 15.09 -28.01 -46.18
N PRO E 185 15.80 -27.15 -46.96
CA PRO E 185 17.04 -27.55 -47.59
C PRO E 185 18.08 -28.02 -46.57
N ASN E 186 18.60 -29.22 -46.78
CA ASN E 186 19.66 -29.81 -45.96
C ASN E 186 19.30 -29.87 -44.47
N TYR E 187 18.08 -30.31 -44.19
CA TYR E 187 17.56 -30.39 -42.81
C TYR E 187 18.47 -31.17 -41.87
N ARG E 188 19.08 -32.24 -42.40
CA ARG E 188 19.96 -33.12 -41.61
C ARG E 188 21.12 -32.39 -40.89
N ASN E 189 21.57 -31.27 -41.46
CA ASN E 189 22.56 -30.42 -40.75
C ASN E 189 21.90 -29.53 -39.69
N ALA E 190 20.57 -29.55 -39.65
CA ALA E 190 19.82 -28.73 -38.71
C ALA E 190 19.83 -29.28 -37.31
N VAL E 191 19.48 -28.42 -36.36
CA VAL E 191 19.38 -28.80 -34.95
C VAL E 191 18.05 -28.30 -34.35
N ILE E 192 17.22 -29.22 -33.87
CA ILE E 192 15.91 -28.85 -33.28
C ILE E 192 16.08 -28.08 -31.95
N VAL E 193 15.37 -26.97 -31.82
CA VAL E 193 15.54 -26.08 -30.67
C VAL E 193 14.24 -25.90 -29.91
N ALA E 194 14.37 -25.68 -28.61
CA ALA E 194 13.22 -25.39 -27.76
C ALA E 194 13.35 -24.00 -27.21
N LYS E 195 12.39 -23.18 -27.63
CA LYS E 195 12.23 -21.76 -27.21
C LYS E 195 12.36 -21.59 -25.68
N SER E 196 11.90 -22.59 -24.93
CA SER E 196 12.06 -22.58 -23.48
C SER E 196 11.99 -23.98 -22.89
N PRO E 197 12.42 -24.14 -21.63
CA PRO E 197 12.33 -25.44 -20.97
C PRO E 197 10.97 -26.11 -21.12
N ASP E 198 9.89 -25.36 -20.93
CA ASP E 198 8.51 -25.88 -21.13
C ASP E 198 8.31 -26.56 -22.51
N ALA E 199 9.04 -26.07 -23.51
CA ALA E 199 8.97 -26.60 -24.88
C ALA E 199 9.97 -27.73 -25.18
N ALA E 200 10.75 -28.08 -24.16
CA ALA E 200 11.81 -29.09 -24.25
C ALA E 200 11.28 -30.42 -24.74
N LYS E 201 10.10 -30.78 -24.27
CA LYS E 201 9.47 -32.08 -24.60
C LYS E 201 8.97 -32.16 -26.06
N ARG E 202 8.25 -31.14 -26.48
CA ARG E 202 7.73 -31.06 -27.85
C ARG E 202 8.86 -31.17 -28.86
N ALA E 203 9.94 -30.48 -28.51
CA ALA E 203 11.15 -30.48 -29.32
C ALA E 203 11.82 -31.86 -29.31
N GLN E 204 11.88 -32.49 -28.13
CA GLN E 204 12.50 -33.82 -27.96
C GLN E 204 11.99 -34.81 -28.97
N SER E 205 10.68 -34.74 -29.22
CA SER E 205 10.01 -35.69 -30.11
C SER E 205 10.44 -35.56 -31.56
N TYR E 206 10.81 -34.35 -31.95
CA TYR E 206 11.21 -34.07 -33.33
C TYR E 206 12.66 -34.53 -33.53
N ALA E 207 13.51 -34.18 -32.57
CA ALA E 207 14.90 -34.64 -32.53
C ALA E 207 14.97 -36.17 -32.60
N GLU E 208 14.23 -36.83 -31.72
CA GLU E 208 14.16 -38.30 -31.67
C GLU E 208 13.74 -38.91 -33.01
N ARG E 209 12.75 -38.32 -33.65
CA ARG E 209 12.16 -38.90 -34.86
C ARG E 209 13.00 -38.60 -36.11
N LEU E 210 13.59 -37.41 -36.16
CA LEU E 210 14.44 -36.97 -37.31
C LEU E 210 15.92 -37.39 -37.18
N ARG E 211 16.29 -37.95 -36.04
CA ARG E 211 17.69 -38.33 -35.70
C ARG E 211 18.65 -37.13 -35.62
N LEU E 212 18.18 -36.00 -35.11
CA LEU E 212 18.99 -34.76 -35.08
C LEU E 212 19.31 -34.29 -33.67
N GLY E 213 20.20 -33.31 -33.60
CA GLY E 213 20.60 -32.72 -32.34
C GLY E 213 19.46 -31.98 -31.67
N LEU E 214 19.68 -31.52 -30.45
CA LEU E 214 18.67 -30.80 -29.68
C LEU E 214 19.28 -29.79 -28.73
N ALA E 215 18.79 -28.57 -28.81
CA ALA E 215 19.20 -27.52 -27.89
C ALA E 215 17.98 -26.91 -27.25
N VAL E 216 18.20 -26.13 -26.19
CA VAL E 216 17.10 -25.46 -25.52
C VAL E 216 17.56 -24.11 -25.04
N ILE E 217 16.67 -23.13 -25.17
CA ILE E 217 16.99 -21.75 -24.83
C ILE E 217 16.38 -21.39 -23.47
N HIS E 218 17.04 -20.48 -22.78
CA HIS E 218 16.48 -19.88 -21.56
C HIS E 218 17.32 -18.71 -21.07
N PRO E 258 15.05 -12.33 -20.19
CA PRO E 258 15.87 -13.14 -19.30
C PRO E 258 17.35 -12.93 -19.55
N PRO E 259 18.22 -13.63 -18.77
CA PRO E 259 19.64 -13.67 -19.12
C PRO E 259 19.88 -14.36 -20.48
N ILE E 260 18.79 -14.84 -21.08
CA ILE E 260 18.72 -15.40 -22.46
C ILE E 260 20.01 -16.04 -22.97
N THR E 261 20.07 -17.36 -22.87
CA THR E 261 21.21 -18.11 -23.34
C THR E 261 20.73 -19.39 -23.98
N VAL E 262 21.42 -19.83 -25.04
CA VAL E 262 21.18 -21.17 -25.60
C VAL E 262 22.03 -22.21 -24.86
N VAL E 263 21.43 -23.37 -24.70
CA VAL E 263 22.07 -24.52 -24.08
C VAL E 263 22.14 -25.62 -25.14
N GLY E 264 23.34 -25.85 -25.63
CA GLY E 264 23.61 -26.77 -26.72
C GLY E 264 24.48 -26.12 -27.77
N ASP E 265 25.21 -26.94 -28.51
CA ASP E 265 25.93 -26.50 -29.71
C ASP E 265 24.90 -26.22 -30.78
N VAL E 266 24.92 -25.01 -31.32
CA VAL E 266 24.00 -24.66 -32.41
C VAL E 266 24.77 -24.20 -33.64
N GLY E 267 25.90 -23.53 -33.38
CA GLY E 267 26.77 -23.00 -34.42
C GLY E 267 26.96 -23.86 -35.65
N GLY E 268 27.19 -23.19 -36.79
CA GLY E 268 27.42 -23.85 -38.08
C GLY E 268 26.26 -24.68 -38.60
N ARG E 269 25.08 -24.45 -38.04
CA ARG E 269 23.91 -25.28 -38.34
C ARG E 269 22.65 -24.46 -38.52
N ILE E 270 21.74 -25.03 -39.30
CA ILE E 270 20.40 -24.47 -39.47
C ILE E 270 19.62 -24.77 -38.18
N ALA E 271 19.15 -23.73 -37.50
CA ALA E 271 18.33 -23.90 -36.30
C ALA E 271 16.87 -24.16 -36.67
N ILE E 272 16.22 -25.08 -35.98
CA ILE E 272 14.77 -25.27 -36.13
C ILE E 272 14.09 -25.23 -34.78
N ILE E 273 13.31 -24.19 -34.54
CA ILE E 273 12.60 -24.10 -33.28
C ILE E 273 11.27 -24.83 -33.40
N VAL E 274 10.97 -25.63 -32.38
CA VAL E 274 9.68 -26.33 -32.32
C VAL E 274 8.90 -25.93 -31.08
N ASP E 275 7.61 -25.78 -31.30
CA ASP E 275 6.67 -25.47 -30.24
C ASP E 275 5.28 -25.78 -30.73
N ASP E 276 4.30 -25.73 -29.84
CA ASP E 276 2.91 -26.07 -30.18
C ASP E 276 2.12 -24.87 -30.73
N ILE E 277 2.31 -23.70 -30.10
CA ILE E 277 1.59 -22.47 -30.46
C ILE E 277 2.52 -21.28 -30.72
N ILE E 278 2.09 -20.44 -31.65
CA ILE E 278 2.68 -19.13 -31.91
C ILE E 278 1.57 -18.10 -31.74
N ASP E 279 1.47 -17.58 -30.53
CA ASP E 279 0.52 -16.51 -30.22
C ASP E 279 1.32 -15.20 -30.27
N ASP E 280 2.05 -14.93 -29.21
CA ASP E 280 2.84 -13.71 -29.07
C ASP E 280 4.28 -14.00 -29.43
N VAL E 281 4.63 -13.53 -30.61
CA VAL E 281 5.91 -13.79 -31.25
C VAL E 281 7.19 -13.31 -30.50
N GLU E 282 7.03 -12.40 -29.55
CA GLU E 282 8.18 -11.76 -28.87
C GLU E 282 9.35 -12.69 -28.51
N SER E 283 9.06 -13.77 -27.80
CA SER E 283 10.11 -14.71 -27.35
C SER E 283 10.60 -15.64 -28.50
N PHE E 284 9.80 -15.79 -29.54
CA PHE E 284 10.21 -16.55 -30.74
C PHE E 284 11.30 -15.78 -31.49
N VAL E 285 11.20 -14.44 -31.44
CA VAL E 285 12.20 -13.54 -32.04
C VAL E 285 13.51 -13.52 -31.22
N ALA E 286 13.40 -13.16 -29.94
CA ALA E 286 14.55 -13.15 -29.01
C ALA E 286 15.37 -14.44 -29.09
N ALA E 287 14.66 -15.55 -29.22
CA ALA E 287 15.26 -16.87 -29.51
C ALA E 287 16.03 -16.93 -30.84
N ALA E 288 15.49 -16.28 -31.87
CA ALA E 288 16.06 -16.35 -33.23
C ALA E 288 17.32 -15.51 -33.37
N GLU E 289 17.35 -14.38 -32.66
CA GLU E 289 18.51 -13.49 -32.66
C GLU E 289 19.66 -14.15 -31.89
N ILE E 290 19.37 -14.68 -30.71
CA ILE E 290 20.41 -15.35 -29.90
C ILE E 290 20.94 -16.62 -30.58
N LEU E 291 20.05 -17.36 -31.23
CA LEU E 291 20.44 -18.50 -32.08
C LEU E 291 21.41 -18.05 -33.16
N LYS E 292 21.01 -17.01 -33.91
CA LYS E 292 21.87 -16.38 -34.92
C LYS E 292 23.22 -16.02 -34.34
N GLU E 293 23.18 -15.32 -33.22
CA GLU E 293 24.37 -14.81 -32.53
C GLU E 293 25.29 -15.92 -32.02
N ARG E 294 24.81 -17.16 -32.10
CA ARG E 294 25.61 -18.35 -31.75
C ARG E 294 25.97 -19.18 -32.98
N GLY E 295 25.87 -18.58 -34.15
CA GLY E 295 26.23 -19.23 -35.42
C GLY E 295 25.12 -20.06 -36.02
N ALA E 296 23.89 -19.59 -35.91
CA ALA E 296 22.76 -20.22 -36.61
C ALA E 296 22.52 -19.48 -37.92
N TYR E 297 22.76 -20.18 -39.03
CA TYR E 297 22.68 -19.56 -40.35
C TYR E 297 21.27 -19.50 -40.92
N LYS E 298 20.45 -20.48 -40.56
CA LYS E 298 19.02 -20.48 -40.91
C LYS E 298 18.17 -20.73 -39.65
N ILE E 299 17.09 -19.98 -39.50
CA ILE E 299 16.13 -20.18 -38.41
C ILE E 299 14.73 -20.53 -38.94
N TYR E 300 14.24 -21.73 -38.61
CA TYR E 300 12.85 -22.10 -38.91
C TYR E 300 12.04 -22.22 -37.64
N VAL E 301 10.88 -21.58 -37.58
CA VAL E 301 9.94 -21.81 -36.47
C VAL E 301 8.78 -22.68 -36.88
N MET E 302 8.67 -23.82 -36.21
CA MET E 302 7.59 -24.78 -36.43
C MET E 302 6.58 -24.76 -35.28
N ALA E 303 5.31 -24.82 -35.62
CA ALA E 303 4.25 -24.92 -34.63
C ALA E 303 2.96 -25.50 -35.20
N THR E 304 2.08 -25.95 -34.32
CA THR E 304 0.79 -26.49 -34.75
C THR E 304 -0.21 -25.36 -34.95
N HIS E 305 -0.37 -24.57 -33.90
CA HIS E 305 -1.44 -23.55 -33.81
C HIS E 305 -0.93 -22.14 -34.02
N GLY E 306 -1.21 -21.61 -35.20
CA GLY E 306 -0.63 -20.34 -35.60
C GLY E 306 -1.65 -19.24 -35.45
N ILE E 307 -1.80 -18.74 -34.23
CA ILE E 307 -2.80 -17.71 -34.01
C ILE E 307 -2.19 -16.33 -34.31
N LEU E 308 -0.94 -16.15 -33.92
CA LEU E 308 -0.18 -14.97 -34.37
C LEU E 308 -0.95 -13.67 -34.12
N SER E 309 -1.36 -13.47 -32.88
CA SER E 309 -2.21 -12.33 -32.52
C SER E 309 -1.42 -11.01 -32.54
N ALA E 310 -2.13 -9.92 -32.84
CA ALA E 310 -1.62 -8.53 -32.76
C ALA E 310 -0.60 -8.25 -33.88
N GLU E 311 0.50 -7.55 -33.55
CA GLU E 311 1.51 -7.22 -34.56
C GLU E 311 2.59 -8.31 -34.74
N ALA E 312 2.22 -9.56 -34.54
CA ALA E 312 3.15 -10.67 -34.67
C ALA E 312 3.73 -10.79 -36.08
N PRO E 313 2.90 -10.63 -37.12
CA PRO E 313 3.41 -10.77 -38.49
C PRO E 313 4.41 -9.69 -38.88
N ARG E 314 4.23 -8.49 -38.32
CA ARG E 314 5.19 -7.40 -38.57
C ARG E 314 6.52 -7.79 -37.93
N LEU E 315 6.49 -8.12 -36.64
CA LEU E 315 7.68 -8.47 -35.84
C LEU E 315 8.52 -9.61 -36.47
N ILE E 316 7.83 -10.53 -37.14
CA ILE E 316 8.49 -11.66 -37.84
C ILE E 316 9.31 -11.19 -39.04
N GLU E 317 8.73 -10.29 -39.83
CA GLU E 317 9.47 -9.64 -40.91
C GLU E 317 10.74 -9.04 -40.35
N GLU E 318 10.55 -8.12 -39.40
CA GLU E 318 11.66 -7.33 -38.81
C GLU E 318 12.73 -8.19 -38.16
N SER E 319 12.35 -9.40 -37.73
CA SER E 319 13.29 -10.36 -37.13
C SER E 319 14.04 -11.21 -38.17
N SER E 320 15.02 -11.94 -37.68
CA SER E 320 15.91 -12.72 -38.54
C SER E 320 15.39 -14.15 -38.76
N VAL E 321 14.24 -14.47 -38.17
CA VAL E 321 13.62 -15.78 -38.41
C VAL E 321 13.30 -15.87 -39.90
N ASP E 322 13.76 -16.95 -40.53
CA ASP E 322 13.75 -17.03 -41.98
C ASP E 322 12.42 -17.47 -42.51
N GLU E 323 11.83 -18.43 -41.81
CA GLU E 323 10.53 -19.01 -42.19
C GLU E 323 9.72 -19.42 -40.97
N VAL E 324 8.41 -19.19 -41.02
CA VAL E 324 7.49 -19.70 -39.98
C VAL E 324 6.48 -20.63 -40.59
N VAL E 325 6.43 -21.85 -40.06
CA VAL E 325 5.57 -22.87 -40.60
C VAL E 325 4.55 -23.29 -39.59
N VAL E 326 3.30 -23.07 -39.94
CA VAL E 326 2.18 -23.45 -39.08
C VAL E 326 1.18 -24.28 -39.88
N THR E 327 0.23 -24.84 -39.17
CA THR E 327 -0.86 -25.63 -39.76
C THR E 327 -2.09 -24.73 -39.90
N ASN E 328 -3.02 -25.12 -40.77
CA ASN E 328 -4.31 -24.42 -40.91
C ASN E 328 -5.28 -24.79 -39.79
N THR E 329 -4.74 -25.12 -38.62
CA THR E 329 -5.55 -25.36 -37.44
C THR E 329 -6.33 -24.10 -37.06
N VAL E 330 -5.68 -22.93 -37.12
CA VAL E 330 -6.44 -21.67 -36.95
C VAL E 330 -6.28 -20.79 -38.20
N PRO E 331 -7.29 -19.98 -38.52
CA PRO E 331 -7.22 -19.08 -39.68
C PRO E 331 -6.16 -17.98 -39.60
N HIS E 332 -5.45 -17.79 -40.73
CA HIS E 332 -4.27 -16.88 -40.89
C HIS E 332 -4.43 -15.71 -41.84
N GLU E 333 -5.28 -15.93 -42.83
CA GLU E 333 -5.01 -15.43 -44.21
C GLU E 333 -4.39 -14.03 -44.26
N VAL E 334 -4.91 -13.16 -43.39
CA VAL E 334 -4.54 -11.75 -43.29
C VAL E 334 -3.11 -11.53 -42.80
N GLN E 335 -2.73 -12.38 -41.87
CA GLN E 335 -1.47 -12.21 -41.16
C GLN E 335 -0.35 -12.86 -41.94
N LYS E 336 -0.72 -13.72 -42.88
CA LYS E 336 0.27 -14.33 -43.77
C LYS E 336 0.38 -13.56 -45.09
N LEU E 337 -0.52 -12.59 -45.24
CA LEU E 337 -0.40 -11.53 -46.25
C LEU E 337 0.60 -10.48 -45.78
N GLN E 338 0.47 -10.13 -44.51
CA GLN E 338 1.42 -9.22 -43.83
C GLN E 338 2.86 -9.74 -43.95
N CYS E 339 3.00 -11.03 -43.67
CA CYS E 339 4.31 -11.65 -43.58
C CYS E 339 4.35 -12.92 -44.43
N PRO E 340 4.94 -12.84 -45.63
CA PRO E 340 5.00 -14.00 -46.53
C PRO E 340 6.06 -15.01 -46.07
N LYS E 341 6.79 -14.59 -45.04
CA LYS E 341 7.71 -15.44 -44.28
C LYS E 341 6.94 -16.65 -43.70
N ILE E 342 5.63 -16.48 -43.54
CA ILE E 342 4.77 -17.51 -42.96
C ILE E 342 4.23 -18.45 -44.01
N LYS E 343 4.79 -19.65 -44.03
CA LYS E 343 4.27 -20.75 -44.84
C LYS E 343 3.31 -21.57 -43.95
N THR E 344 2.28 -22.16 -44.57
CA THR E 344 1.21 -22.88 -43.83
C THR E 344 0.96 -24.30 -44.37
N VAL E 345 0.91 -25.29 -43.45
CA VAL E 345 0.66 -26.71 -43.81
C VAL E 345 -0.78 -27.20 -43.56
N ASP E 346 -1.34 -27.86 -44.58
CA ASP E 346 -2.73 -28.36 -44.53
C ASP E 346 -2.87 -29.60 -43.70
N ILE E 347 -3.88 -29.59 -42.86
CA ILE E 347 -4.04 -30.60 -41.84
C ILE E 347 -5.40 -31.27 -41.93
N SER E 348 -6.26 -30.75 -42.80
CA SER E 348 -7.64 -31.22 -42.96
C SER E 348 -7.79 -32.73 -43.20
N LEU E 349 -6.72 -33.36 -43.65
CA LEU E 349 -6.73 -34.80 -43.93
C LEU E 349 -6.77 -35.59 -42.65
N ILE E 350 -5.88 -35.27 -41.71
CA ILE E 350 -5.85 -35.95 -40.42
C ILE E 350 -7.21 -35.82 -39.72
N LEU E 351 -7.84 -34.66 -39.89
CA LEU E 351 -9.16 -34.39 -39.32
C LEU E 351 -10.26 -35.11 -40.09
N SER E 352 -10.21 -34.98 -41.40
CA SER E 352 -11.08 -35.74 -42.29
C SER E 352 -11.16 -37.17 -41.80
N GLU E 353 -9.99 -37.79 -41.66
CA GLU E 353 -9.86 -39.18 -41.23
C GLU E 353 -10.48 -39.43 -39.85
N ALA E 354 -10.01 -38.70 -38.84
CA ALA E 354 -10.46 -38.88 -37.44
C ALA E 354 -11.97 -38.84 -37.32
N ILE E 355 -12.58 -37.88 -38.01
CA ILE E 355 -14.02 -37.77 -38.10
C ILE E 355 -14.61 -39.01 -38.75
N ARG E 356 -13.99 -39.48 -39.83
CA ARG E 356 -14.46 -40.68 -40.54
C ARG E 356 -14.47 -41.89 -39.63
N ARG E 357 -13.45 -42.02 -38.79
CA ARG E 357 -13.28 -43.22 -37.97
C ARG E 357 -14.35 -43.37 -36.91
N ILE E 358 -14.51 -42.36 -36.06
CA ILE E 358 -15.43 -42.48 -34.93
C ILE E 358 -16.88 -42.63 -35.41
N HIS E 359 -17.17 -42.05 -36.57
CA HIS E 359 -18.49 -42.18 -37.19
C HIS E 359 -18.80 -43.65 -37.53
N ASN E 360 -17.99 -44.23 -38.41
CA ASN E 360 -18.13 -45.65 -38.81
C ASN E 360 -17.82 -46.61 -37.67
N GLY E 361 -17.32 -46.08 -36.56
CA GLY E 361 -16.97 -46.87 -35.37
C GLY E 361 -15.63 -47.56 -35.51
N GLU E 362 -14.77 -47.02 -36.37
CA GLU E 362 -13.44 -47.60 -36.67
C GLU E 362 -12.43 -47.33 -35.53
N SER E 363 -11.24 -47.89 -35.68
CA SER E 363 -10.16 -47.67 -34.72
C SER E 363 -9.27 -46.49 -35.16
N MET E 364 -8.88 -45.67 -34.20
CA MET E 364 -7.99 -44.52 -34.45
C MET E 364 -6.53 -44.78 -34.03
N ALA E 365 -6.10 -46.02 -34.20
CA ALA E 365 -4.72 -46.44 -33.88
C ALA E 365 -3.72 -45.81 -34.86
N TYR E 366 -4.17 -45.67 -36.10
CA TYR E 366 -3.37 -45.09 -37.20
C TYR E 366 -2.97 -43.64 -36.95
N LEU E 367 -3.88 -42.89 -36.33
CA LEU E 367 -3.71 -41.45 -36.10
C LEU E 367 -2.81 -41.16 -34.87
N PHE E 368 -2.61 -42.19 -34.04
CA PHE E 368 -1.79 -42.08 -32.82
C PHE E 368 -0.48 -42.88 -32.99
N ARG E 369 -0.57 -44.22 -32.94
CA ARG E 369 0.62 -45.10 -32.99
C ARG E 369 1.07 -45.40 -34.43
N GLY F 26 44.26 10.38 -10.71
CA GLY F 26 44.67 9.16 -9.93
C GLY F 26 43.56 8.33 -9.30
N TYR F 27 42.56 8.99 -8.71
CA TYR F 27 41.56 8.37 -7.80
C TYR F 27 42.28 7.88 -6.58
N ARG F 28 42.84 8.83 -5.88
CA ARG F 28 43.66 8.58 -4.72
C ARG F 28 42.91 8.99 -3.48
N VAL F 29 42.48 7.99 -2.72
CA VAL F 29 41.71 8.20 -1.50
C VAL F 29 42.26 7.33 -0.37
N PHE F 30 42.60 7.97 0.72
CA PHE F 30 43.20 7.29 1.86
C PHE F 30 42.34 7.47 3.09
N SER F 31 42.43 6.53 4.03
CA SER F 31 41.84 6.71 5.37
C SER F 31 42.93 7.05 6.37
N ALA F 32 42.67 8.03 7.22
CA ALA F 32 43.60 8.31 8.33
C ALA F 32 43.15 7.58 9.61
N ASN F 33 42.18 6.70 9.47
CA ASN F 33 41.68 5.93 10.61
C ASN F 33 42.55 4.70 10.94
N SER F 34 42.61 4.38 12.22
CA SER F 34 43.41 3.25 12.72
C SER F 34 42.52 2.10 13.27
N THR F 35 41.40 2.45 13.89
CA THR F 35 40.35 1.48 14.24
C THR F 35 39.71 0.99 12.95
N ALA F 36 39.61 -0.31 12.80
CA ALA F 36 39.23 -0.89 11.52
C ALA F 36 37.71 -1.01 11.28
N ALA F 37 36.92 -0.36 12.13
CA ALA F 37 35.47 -0.17 11.92
C ALA F 37 35.15 1.31 11.77
N CYS F 38 36.10 2.11 12.21
CA CYS F 38 36.14 3.54 12.00
C CYS F 38 36.63 3.85 10.58
N THR F 39 36.82 2.79 9.80
CA THR F 39 37.23 2.85 8.41
C THR F 39 36.16 2.21 7.54
N GLU F 40 34.97 2.00 8.12
CA GLU F 40 33.88 1.31 7.44
C GLU F 40 33.32 2.14 6.28
N LEU F 41 33.00 3.39 6.61
CA LEU F 41 32.43 4.37 5.66
C LEU F 41 33.36 4.63 4.50
N ALA F 42 34.66 4.71 4.80
CA ALA F 42 35.70 5.00 3.82
C ALA F 42 35.83 3.82 2.87
N LYS F 43 35.82 2.65 3.48
CA LYS F 43 35.77 1.38 2.74
C LYS F 43 34.60 1.42 1.75
N ARG F 44 33.46 1.88 2.24
CA ARG F 44 32.21 1.94 1.47
C ARG F 44 32.23 2.88 0.29
N ILE F 45 32.66 4.09 0.55
CA ILE F 45 32.82 5.11 -0.48
C ILE F 45 33.64 4.58 -1.67
N THR F 46 34.82 4.05 -1.39
CA THR F 46 35.70 3.52 -2.43
C THR F 46 35.05 2.40 -3.25
N GLU F 47 34.23 1.58 -2.60
CA GLU F 47 33.48 0.51 -3.29
C GLU F 47 32.66 1.15 -4.41
N ARG F 48 31.98 2.24 -4.05
CA ARG F 48 31.06 2.95 -4.95
C ARG F 48 31.83 3.69 -6.05
N LEU F 49 33.10 3.97 -5.80
CA LEU F 49 33.98 4.62 -6.79
C LEU F 49 34.72 3.59 -7.65
N GLY F 50 34.54 2.30 -7.34
CA GLY F 50 35.36 1.23 -7.89
C GLY F 50 36.82 1.29 -7.45
N ALA F 51 37.15 2.34 -6.69
CA ALA F 51 38.52 2.62 -6.27
C ALA F 51 38.94 1.72 -5.12
N GLU F 52 40.24 1.73 -4.89
CA GLU F 52 40.85 0.94 -3.83
C GLU F 52 41.61 1.88 -2.93
N LEU F 53 41.45 1.68 -1.63
CA LEU F 53 42.09 2.56 -0.67
C LEU F 53 43.59 2.60 -0.90
N GLY F 54 44.16 3.75 -0.59
CA GLY F 54 45.60 3.92 -0.71
C GLY F 54 46.26 3.13 0.39
N LYS F 55 47.39 2.53 0.08
CA LYS F 55 48.10 1.72 1.07
C LYS F 55 48.85 2.66 2.03
N SER F 56 48.69 2.44 3.34
CA SER F 56 49.22 3.38 4.34
C SER F 56 49.00 2.97 5.80
N VAL F 57 50.08 2.74 6.53
CA VAL F 57 49.98 2.42 7.96
C VAL F 57 49.74 3.67 8.84
N VAL F 58 48.87 3.50 9.84
CA VAL F 58 48.60 4.52 10.86
C VAL F 58 48.93 3.93 12.23
N TYR F 59 50.20 4.02 12.61
CA TYR F 59 50.67 3.44 13.88
C TYR F 59 50.11 4.18 15.11
N GLN F 60 50.52 3.66 16.26
CA GLN F 60 50.51 4.38 17.52
C GLN F 60 51.75 3.90 18.26
N GLU F 61 52.66 4.80 18.55
CA GLU F 61 53.83 4.42 19.34
C GLU F 61 53.40 4.05 20.76
N THR F 62 54.31 3.40 21.46
CA THR F 62 54.05 2.95 22.84
C THR F 62 53.82 4.16 23.77
N ASN F 63 54.50 5.26 23.45
CA ASN F 63 54.37 6.53 24.19
C ASN F 63 53.13 7.33 23.88
N GLY F 64 52.35 6.82 22.93
CA GLY F 64 51.07 7.39 22.51
C GLY F 64 51.11 8.12 21.19
N GLU F 65 52.28 8.59 20.81
CA GLU F 65 52.45 9.37 19.59
C GLU F 65 51.86 8.63 18.39
N THR F 66 51.26 9.42 17.49
CA THR F 66 50.72 8.89 16.25
C THR F 66 51.82 8.85 15.21
N ARG F 67 51.72 7.86 14.33
CA ARG F 67 52.60 7.75 13.18
C ARG F 67 51.84 7.31 11.93
N VAL F 68 52.22 7.91 10.81
CA VAL F 68 51.60 7.64 9.52
C VAL F 68 52.71 7.43 8.49
N GLU F 69 52.53 6.42 7.67
CA GLU F 69 53.46 6.07 6.60
C GLU F 69 52.59 5.88 5.36
N ILE F 70 52.87 6.66 4.33
CA ILE F 70 52.17 6.50 3.05
C ILE F 70 52.97 5.45 2.26
N LYS F 71 52.33 4.33 1.93
CA LYS F 71 53.01 3.19 1.28
C LYS F 71 52.93 3.23 -0.25
N GLU F 72 52.70 4.41 -0.83
CA GLU F 72 52.68 4.58 -2.30
C GLU F 72 52.99 6.01 -2.74
N SER F 73 53.46 6.16 -3.97
CA SER F 73 53.89 7.46 -4.49
C SER F 73 52.70 8.37 -4.78
N VAL F 74 52.85 9.65 -4.45
CA VAL F 74 51.81 10.66 -4.60
C VAL F 74 52.24 11.82 -5.54
N ARG F 75 53.55 11.94 -5.77
CA ARG F 75 54.15 13.01 -6.61
C ARG F 75 53.18 13.64 -7.59
N GLY F 76 52.72 14.83 -7.25
CA GLY F 76 51.96 15.69 -8.17
C GLY F 76 50.49 15.37 -8.30
N GLN F 77 50.00 14.41 -7.53
CA GLN F 77 48.60 13.95 -7.65
C GLN F 77 47.64 14.52 -6.60
N ASP F 78 46.35 14.46 -6.92
CA ASP F 78 45.26 14.94 -6.05
C ASP F 78 44.73 13.81 -5.17
N ILE F 79 44.87 13.98 -3.86
CA ILE F 79 44.61 12.94 -2.85
C ILE F 79 43.44 13.27 -1.91
N PHE F 80 42.62 12.26 -1.62
CA PHE F 80 41.46 12.39 -0.74
C PHE F 80 41.69 11.62 0.54
N ILE F 81 41.69 12.33 1.66
CA ILE F 81 41.76 11.65 2.94
C ILE F 81 40.33 11.49 3.41
N ILE F 82 40.04 10.40 4.09
CA ILE F 82 38.76 10.22 4.78
C ILE F 82 39.00 10.07 6.31
N GLN F 83 38.24 10.83 7.09
CA GLN F 83 38.35 10.74 8.53
C GLN F 83 37.00 10.75 9.15
N THR F 84 36.78 9.74 9.99
CA THR F 84 35.66 9.72 10.92
C THR F 84 36.21 9.93 12.35
N ILE F 85 35.40 10.46 13.27
CA ILE F 85 35.86 10.66 14.66
C ILE F 85 35.14 9.69 15.62
N PRO F 86 35.87 8.77 16.27
CA PRO F 86 35.35 7.88 17.29
C PRO F 86 35.84 8.11 18.73
N ARG F 87 35.38 9.17 19.35
CA ARG F 87 35.50 9.34 20.81
C ARG F 87 36.84 9.91 21.23
N ASP F 88 37.95 9.23 20.93
CA ASP F 88 39.26 9.85 21.19
C ASP F 88 39.44 10.82 20.04
N VAL F 89 38.80 11.97 20.16
CA VAL F 89 38.66 12.85 19.01
C VAL F 89 40.04 13.44 18.78
N ASN F 90 40.70 13.80 19.87
CA ASN F 90 42.05 14.36 19.85
C ASN F 90 43.07 13.56 18.99
N THR F 91 42.95 12.24 18.96
CA THR F 91 43.88 11.43 18.19
C THR F 91 43.50 11.39 16.71
N ALA F 92 42.19 11.32 16.46
CA ALA F 92 41.61 11.38 15.11
C ALA F 92 42.03 12.63 14.35
N VAL F 93 42.24 13.73 15.07
CA VAL F 93 42.63 14.99 14.42
C VAL F 93 44.11 15.01 14.10
N MET F 94 44.93 14.39 14.93
CA MET F 94 46.36 14.39 14.68
C MET F 94 46.63 13.45 13.53
N GLU F 95 46.08 12.25 13.62
CA GLU F 95 46.05 11.28 12.53
C GLU F 95 45.73 11.96 11.22
N LEU F 96 44.72 12.82 11.25
CA LEU F 96 44.34 13.58 10.06
C LEU F 96 45.42 14.57 9.67
N LEU F 97 45.71 15.49 10.58
CA LEU F 97 46.74 16.51 10.37
C LEU F 97 48.04 15.89 9.90
N ILE F 98 48.50 14.91 10.67
CA ILE F 98 49.73 14.17 10.35
C ILE F 98 49.71 13.54 8.96
N MET F 99 48.59 12.93 8.60
CA MET F 99 48.49 12.33 7.28
C MET F 99 48.57 13.39 6.18
N ALA F 100 47.86 14.50 6.38
CA ALA F 100 47.86 15.60 5.39
C ALA F 100 49.28 16.09 5.19
N TYR F 101 49.92 16.37 6.31
CA TYR F 101 51.28 16.87 6.36
C TYR F 101 52.29 15.91 5.71
N ALA F 102 52.08 14.61 5.89
CA ALA F 102 52.90 13.59 5.20
C ALA F 102 52.63 13.51 3.67
N LEU F 103 51.39 13.74 3.27
CA LEU F 103 51.05 13.77 1.84
C LEU F 103 51.59 15.06 1.21
N LYS F 104 51.56 16.16 1.98
CA LYS F 104 52.12 17.44 1.54
C LYS F 104 53.61 17.30 1.28
N THR F 105 54.28 16.62 2.20
CA THR F 105 55.71 16.31 2.06
C THR F 105 56.01 15.36 0.88
N ALA F 106 55.10 14.41 0.63
CA ALA F 106 55.17 13.52 -0.55
C ALA F 106 54.84 14.24 -1.88
N CYS F 107 54.51 15.53 -1.78
CA CYS F 107 54.25 16.40 -2.94
C CYS F 107 52.89 16.16 -3.60
N ALA F 108 51.88 16.03 -2.76
CA ALA F 108 50.52 15.92 -3.23
C ALA F 108 50.20 17.27 -3.85
N ARG F 109 49.61 17.27 -5.05
CA ARG F 109 49.17 18.53 -5.63
C ARG F 109 48.05 19.07 -4.76
N ASN F 110 46.94 18.35 -4.72
CA ASN F 110 45.80 18.71 -3.88
C ASN F 110 45.43 17.66 -2.83
N ILE F 111 45.26 18.13 -1.60
CA ILE F 111 44.90 17.30 -0.45
C ILE F 111 43.48 17.64 -0.02
N ILE F 112 42.57 16.70 -0.24
CA ILE F 112 41.15 16.95 0.02
C ILE F 112 40.69 16.15 1.23
N GLY F 113 40.18 16.87 2.23
CA GLY F 113 39.75 16.26 3.47
C GLY F 113 38.27 15.91 3.39
N VAL F 114 37.97 14.63 3.48
CA VAL F 114 36.61 14.21 3.57
C VAL F 114 36.38 13.95 5.03
N ILE F 115 35.75 14.89 5.69
CA ILE F 115 35.51 14.82 7.12
C ILE F 115 34.00 14.92 7.31
N PRO F 116 33.30 13.79 7.22
CA PRO F 116 31.86 13.89 7.24
C PRO F 116 31.41 14.64 8.47
N TYR F 117 31.69 14.12 9.65
CA TYR F 117 31.47 14.90 10.88
C TYR F 117 32.73 15.70 11.14
N PHE F 118 32.64 17.02 11.10
CA PHE F 118 33.77 17.87 11.48
C PHE F 118 33.85 18.06 13.01
N PRO F 119 34.94 17.61 13.65
CA PRO F 119 35.08 17.65 15.09
C PRO F 119 35.31 19.06 15.65
N TYR F 120 35.12 19.21 16.94
CA TYR F 120 35.13 20.53 17.59
C TYR F 120 34.14 21.53 16.99
N SER F 121 33.22 21.04 16.15
CA SER F 121 32.28 21.92 15.42
C SER F 121 31.20 22.56 16.32
N LYS F 122 30.91 21.93 17.46
CA LYS F 122 30.07 22.60 18.46
C LYS F 122 30.81 23.75 19.15
N GLN F 123 32.15 23.72 19.12
CA GLN F 123 32.97 24.80 19.70
C GLN F 123 33.16 25.97 18.69
N SER F 124 32.05 26.42 18.12
CA SER F 124 32.02 27.41 17.03
C SER F 124 31.60 28.84 17.46
N LYS F 125 30.74 28.95 18.48
CA LYS F 125 30.58 30.20 19.23
C LYS F 125 31.78 30.29 20.16
N MET F 126 31.93 31.43 20.82
CA MET F 126 32.80 31.53 22.02
C MET F 126 31.93 31.59 23.28
N ARG F 127 32.14 30.66 24.21
CA ARG F 127 31.36 30.68 25.46
C ARG F 127 31.89 31.77 26.39
N LYS F 128 32.75 31.39 27.33
CA LYS F 128 33.19 32.30 28.38
C LYS F 128 34.49 32.93 27.92
N ARG F 129 35.56 32.83 28.73
CA ARG F 129 36.86 33.35 28.33
C ARG F 129 37.61 32.34 27.45
N GLY F 130 36.92 31.25 27.10
CA GLY F 130 37.47 30.20 26.24
C GLY F 130 37.82 30.64 24.83
N SER F 131 37.48 29.80 23.84
CA SER F 131 37.85 30.06 22.45
C SER F 131 37.02 29.30 21.41
N ILE F 132 36.97 29.86 20.22
CA ILE F 132 36.34 29.19 19.09
C ILE F 132 37.30 28.13 18.53
N VAL F 133 37.47 27.01 19.23
CA VAL F 133 38.50 26.02 18.82
C VAL F 133 38.19 25.36 17.45
N CYS F 134 36.99 25.55 16.94
CA CYS F 134 36.66 25.04 15.62
C CYS F 134 37.45 25.79 14.56
N LYS F 135 37.70 27.07 14.84
CA LYS F 135 38.46 27.93 13.91
C LYS F 135 39.92 27.57 14.01
N LEU F 136 40.41 27.47 15.24
CA LEU F 136 41.76 26.99 15.46
C LEU F 136 42.01 25.74 14.61
N LEU F 137 41.11 24.78 14.71
CA LEU F 137 41.30 23.53 14.01
C LEU F 137 41.34 23.75 12.50
N ALA F 138 40.50 24.66 12.01
CA ALA F 138 40.41 24.93 10.57
C ALA F 138 41.66 25.61 10.03
N SER F 139 42.40 26.25 10.93
CA SER F 139 43.68 26.89 10.61
C SER F 139 44.78 25.85 10.48
N MET F 140 44.81 24.95 11.46
CA MET F 140 45.85 23.92 11.62
C MET F 140 45.74 22.94 10.48
N LEU F 141 44.50 22.61 10.17
CA LEU F 141 44.21 21.77 9.02
C LEU F 141 44.86 22.28 7.74
N ALA F 142 44.89 23.60 7.56
CA ALA F 142 45.53 24.24 6.39
C ALA F 142 47.07 24.21 6.48
N LYS F 143 47.58 24.48 7.67
CA LYS F 143 49.01 24.38 7.97
C LYS F 143 49.55 23.01 7.61
N ALA F 144 48.81 21.97 7.96
CA ALA F 144 49.12 20.56 7.59
C ALA F 144 49.01 20.31 6.08
N GLY F 145 48.54 21.33 5.38
CA GLY F 145 48.47 21.36 3.93
C GLY F 145 47.22 20.70 3.40
N LEU F 146 46.06 21.30 3.65
CA LEU F 146 44.80 20.73 3.19
C LEU F 146 44.30 21.73 2.17
N THR F 147 44.11 21.27 0.92
CA THR F 147 43.68 22.15 -0.17
C THR F 147 42.26 22.58 0.06
N HIS F 148 41.42 21.64 0.46
CA HIS F 148 40.02 21.90 0.78
C HIS F 148 39.26 20.71 1.37
N ILE F 149 38.17 20.98 2.07
CA ILE F 149 37.41 19.88 2.67
C ILE F 149 35.99 19.70 2.13
N ILE F 150 35.61 18.45 2.00
CA ILE F 150 34.22 18.02 1.82
C ILE F 150 33.71 17.62 3.21
N THR F 151 32.49 18.01 3.54
CA THR F 151 31.91 17.63 4.82
C THR F 151 30.41 17.58 4.68
N MET F 152 29.73 17.14 5.75
CA MET F 152 28.25 17.15 5.78
C MET F 152 27.57 17.84 6.93
N ASP F 153 26.54 18.62 6.59
CA ASP F 153 25.69 19.33 7.54
C ASP F 153 26.50 19.97 8.69
N LEU F 154 27.37 20.88 8.34
CA LEU F 154 28.06 21.72 9.31
C LEU F 154 27.08 22.25 10.35
N HIS F 155 27.50 22.28 11.62
CA HIS F 155 26.67 22.77 12.75
C HIS F 155 26.03 24.12 12.44
N GLN F 156 26.81 24.99 11.83
CA GLN F 156 26.33 26.33 11.46
C GLN F 156 26.99 26.59 10.14
N LYS F 157 26.23 27.11 9.18
CA LYS F 157 26.71 27.17 7.77
C LYS F 157 27.81 28.22 7.73
N GLU F 158 27.65 29.19 8.63
CA GLU F 158 28.65 30.25 8.86
C GLU F 158 30.06 29.71 9.18
N ILE F 159 30.15 28.57 9.83
CA ILE F 159 31.47 27.97 10.20
C ILE F 159 32.35 27.74 8.96
N GLN F 160 31.70 27.55 7.81
CA GLN F 160 32.36 27.46 6.48
C GLN F 160 33.31 28.63 6.17
N GLY F 161 33.00 29.77 6.78
CA GLY F 161 33.90 30.92 6.82
C GLY F 161 35.21 30.69 7.55
N PHE F 162 35.25 29.79 8.53
CA PHE F 162 36.47 29.58 9.33
C PHE F 162 37.64 29.09 8.45
N PHE F 163 37.30 28.47 7.32
CA PHE F 163 38.30 27.81 6.47
C PHE F 163 38.85 28.74 5.41
N SER F 164 40.16 28.82 5.36
CA SER F 164 40.86 29.65 4.41
C SER F 164 41.02 28.96 3.06
N PHE F 165 40.29 27.87 2.86
CA PHE F 165 40.29 27.15 1.59
C PHE F 165 38.87 26.70 1.31
N PRO F 166 38.60 26.25 0.05
CA PRO F 166 37.24 25.88 -0.30
C PRO F 166 36.63 24.77 0.50
N VAL F 167 35.31 24.82 0.58
CA VAL F 167 34.55 23.82 1.34
C VAL F 167 33.32 23.36 0.54
N ASP F 168 32.89 22.13 0.77
CA ASP F 168 31.55 21.70 0.36
C ASP F 168 30.78 21.16 1.54
N ASN F 169 29.78 21.92 1.99
CA ASN F 169 29.05 21.55 3.19
C ASN F 169 27.79 20.86 2.73
N LEU F 170 27.91 19.56 2.48
CA LEU F 170 26.82 18.77 1.89
C LEU F 170 25.74 18.45 2.89
N ARG F 171 24.54 18.27 2.37
CA ARG F 171 23.34 18.08 3.16
C ARG F 171 22.96 16.61 3.19
N ALA F 172 22.38 16.19 4.30
CA ALA F 172 21.83 14.83 4.43
C ALA F 172 20.32 14.81 4.26
N SER F 173 19.70 15.99 4.22
CA SER F 173 18.24 16.08 4.10
C SER F 173 17.72 15.13 3.02
N PRO F 174 18.23 15.23 1.78
CA PRO F 174 17.65 14.37 0.74
C PRO F 174 17.36 12.97 1.23
N PHE F 175 18.34 12.34 1.88
CA PHE F 175 18.22 10.96 2.38
C PHE F 175 17.33 10.83 3.62
N LEU F 176 17.61 11.64 4.64
CA LEU F 176 16.80 11.67 5.85
C LEU F 176 15.33 11.89 5.54
N LEU F 177 15.07 12.84 4.64
CA LEU F 177 13.71 13.14 4.15
C LEU F 177 13.06 11.94 3.49
N GLN F 178 13.83 11.26 2.64
CA GLN F 178 13.37 10.04 1.94
C GLN F 178 12.92 9.01 2.97
N TYR F 179 13.75 8.82 3.99
CA TYR F 179 13.45 7.92 5.12
C TYR F 179 12.15 8.28 5.87
N ILE F 180 11.85 9.57 5.99
CA ILE F 180 10.58 10.00 6.58
C ILE F 180 9.45 9.32 5.79
N GLN F 181 9.47 9.52 4.49
CA GLN F 181 8.45 8.98 3.60
C GLN F 181 8.69 7.55 3.19
N GLU F 182 9.56 6.84 3.87
CA GLU F 182 9.87 5.44 3.53
C GLU F 182 9.25 4.54 4.57
N GLU F 183 9.74 4.64 5.79
CA GLU F 183 9.15 3.89 6.91
C GLU F 183 9.02 4.76 8.15
N ILE F 184 8.51 5.97 7.94
CA ILE F 184 7.70 6.59 8.99
C ILE F 184 6.23 6.42 8.56
N PRO F 185 5.50 5.51 9.24
CA PRO F 185 4.09 5.29 8.95
C PRO F 185 3.27 6.57 9.14
N ASN F 186 2.52 6.93 8.09
CA ASN F 186 1.60 8.08 8.12
C ASN F 186 2.30 9.40 8.48
N TYR F 187 3.47 9.63 7.90
CA TYR F 187 4.29 10.82 8.21
C TYR F 187 3.52 12.13 8.05
N ARG F 188 2.64 12.17 7.05
CA ARG F 188 1.84 13.38 6.75
C ARG F 188 1.01 13.90 7.95
N ASN F 189 0.61 13.01 8.85
CA ASN F 189 -0.03 13.47 10.11
C ASN F 189 1.00 13.98 11.14
N ALA F 190 2.28 13.81 10.82
CA ALA F 190 3.37 14.21 11.71
C ALA F 190 3.59 15.71 11.72
N VAL F 191 4.29 16.16 12.76
CA VAL F 191 4.66 17.57 12.90
C VAL F 191 6.16 17.69 13.25
N ILE F 192 6.93 18.36 12.40
CA ILE F 192 8.37 18.54 12.62
C ILE F 192 8.65 19.46 13.84
N VAL F 193 9.53 19.03 14.71
CA VAL F 193 9.77 19.74 15.96
C VAL F 193 11.23 20.15 16.06
N ALA F 194 11.46 21.25 16.78
CA ALA F 194 12.79 21.72 17.07
C ALA F 194 13.04 21.67 18.58
N LYS F 195 14.01 20.84 18.95
CA LYS F 195 14.48 20.63 20.33
C LYS F 195 14.75 21.95 21.06
N SER F 196 15.19 22.96 20.32
CA SER F 196 15.39 24.28 20.88
C SER F 196 15.36 25.36 19.81
N PRO F 197 15.24 26.63 20.22
CA PRO F 197 15.27 27.73 19.26
C PRO F 197 16.42 27.63 18.27
N ASP F 198 17.63 27.34 18.76
CA ASP F 198 18.82 27.15 17.90
C ASP F 198 18.57 26.15 16.75
N ALA F 199 17.71 25.17 17.00
CA ALA F 199 17.37 24.13 16.01
C ALA F 199 16.14 24.46 15.15
N ALA F 200 15.59 25.66 15.37
CA ALA F 200 14.41 26.14 14.67
C ALA F 200 14.58 26.15 13.16
N LYS F 201 15.77 26.54 12.72
CA LYS F 201 16.09 26.66 11.29
C LYS F 201 16.21 25.31 10.56
N ARG F 202 16.97 24.40 11.16
CA ARG F 202 17.15 23.05 10.61
C ARG F 202 15.82 22.37 10.43
N ALA F 203 14.97 22.58 11.42
CA ALA F 203 13.61 22.03 11.43
C ALA F 203 12.73 22.69 10.36
N GLN F 204 12.86 24.01 10.22
CA GLN F 204 12.11 24.79 9.22
C GLN F 204 12.23 24.19 7.84
N SER F 205 13.43 23.73 7.50
CA SER F 205 13.71 23.22 6.17
C SER F 205 12.98 21.92 5.88
N TYR F 206 12.72 21.15 6.92
CA TYR F 206 12.04 19.86 6.78
C TYR F 206 10.53 20.08 6.65
N ALA F 207 9.99 20.95 7.51
CA ALA F 207 8.59 21.38 7.43
C ALA F 207 8.25 21.95 6.06
N GLU F 208 9.08 22.89 5.59
CA GLU F 208 8.94 23.50 4.25
C GLU F 208 8.93 22.48 3.12
N ARG F 209 9.82 21.50 3.19
CA ARG F 209 9.99 20.56 2.09
C ARG F 209 8.94 19.45 2.11
N LEU F 210 8.53 19.02 3.32
CA LEU F 210 7.53 17.94 3.50
C LEU F 210 6.06 18.45 3.52
N ARG F 211 5.90 19.76 3.52
CA ARG F 211 4.59 20.45 3.62
C ARG F 211 3.88 20.18 4.95
N LEU F 212 4.64 20.11 6.04
CA LEU F 212 4.07 19.78 7.37
C LEU F 212 4.18 20.92 8.37
N GLY F 213 3.50 20.74 9.49
CA GLY F 213 3.48 21.72 10.57
C GLY F 213 4.84 21.83 11.22
N LEU F 214 5.00 22.79 12.11
CA LEU F 214 6.27 23.02 12.79
C LEU F 214 6.05 23.56 14.19
N ALA F 215 6.70 22.92 15.16
CA ALA F 215 6.69 23.41 16.54
C ALA F 215 8.11 23.56 17.02
N VAL F 216 8.29 24.22 18.15
CA VAL F 216 9.61 24.39 18.74
C VAL F 216 9.52 24.36 20.26
N ILE F 217 10.50 23.72 20.88
CA ILE F 217 10.48 23.51 22.32
C ILE F 217 11.43 24.48 22.98
N HIS F 218 11.10 24.86 24.20
CA HIS F 218 12.02 25.63 25.04
C HIS F 218 11.50 25.71 26.48
N PRO F 258 14.94 23.61 32.02
CA PRO F 258 14.23 24.88 31.79
C PRO F 258 12.78 24.81 32.26
N PRO F 259 12.02 25.94 32.11
CA PRO F 259 10.57 25.86 32.28
C PRO F 259 9.91 24.94 31.24
N ILE F 260 10.73 24.42 30.32
CA ILE F 260 10.39 23.39 29.31
C ILE F 260 8.92 23.41 28.85
N THR F 261 8.70 24.03 27.71
CA THR F 261 7.36 24.08 27.13
C THR F 261 7.46 23.93 25.63
N VAL F 262 6.47 23.26 25.04
CA VAL F 262 6.34 23.26 23.58
C VAL F 262 5.55 24.48 23.12
N VAL F 263 5.97 24.99 21.97
CA VAL F 263 5.34 26.11 21.30
C VAL F 263 4.85 25.57 19.94
N GLY F 264 3.54 25.43 19.83
CA GLY F 264 2.90 24.84 18.67
C GLY F 264 1.91 23.77 19.09
N ASP F 265 0.90 23.57 18.27
CA ASP F 265 0.00 22.41 18.41
C ASP F 265 0.78 21.16 18.02
N VAL F 266 0.83 20.20 18.93
CA VAL F 266 1.49 18.94 18.63
C VAL F 266 0.53 17.76 18.80
N GLY F 267 -0.39 17.90 19.75
CA GLY F 267 -1.39 16.90 20.08
C GLY F 267 -2.00 16.15 18.91
N GLY F 268 -2.37 14.89 19.16
CA GLY F 268 -3.00 14.03 18.17
C GLY F 268 -2.14 13.72 16.95
N ARG F 269 -0.85 13.96 17.07
CA ARG F 269 0.07 13.83 15.95
C ARG F 269 1.36 13.13 16.32
N ILE F 270 1.96 12.52 15.32
CA ILE F 270 3.29 11.92 15.43
C ILE F 270 4.30 13.09 15.43
N ALA F 271 5.07 13.19 16.50
CA ALA F 271 6.13 14.22 16.59
C ALA F 271 7.41 13.75 15.88
N ILE F 272 8.04 14.64 15.13
CA ILE F 272 9.36 14.36 14.56
C ILE F 272 10.33 15.46 14.92
N ILE F 273 11.30 15.13 15.76
CA ILE F 273 12.30 16.13 16.13
C ILE F 273 13.45 16.10 15.12
N VAL F 274 13.86 17.29 14.67
CA VAL F 274 14.98 17.41 13.75
C VAL F 274 16.07 18.24 14.36
N ASP F 275 17.28 17.78 14.14
CA ASP F 275 18.49 18.47 14.57
C ASP F 275 19.65 17.93 13.79
N ASP F 276 20.81 18.57 13.92
CA ASP F 276 22.01 18.17 13.17
C ASP F 276 22.82 17.07 13.86
N ILE F 277 22.97 17.20 15.18
CA ILE F 277 23.78 16.29 15.99
C ILE F 277 23.02 15.72 17.19
N ILE F 278 23.34 14.46 17.50
CA ILE F 278 22.93 13.79 18.74
C ILE F 278 24.18 13.35 19.47
N ASP F 279 24.66 14.23 20.33
CA ASP F 279 25.80 13.95 21.18
C ASP F 279 25.24 13.50 22.53
N ASP F 280 24.83 14.47 23.34
CA ASP F 280 24.30 14.23 24.68
C ASP F 280 22.79 14.27 24.62
N VAL F 281 22.24 13.07 24.69
CA VAL F 281 20.83 12.80 24.55
C VAL F 281 19.86 13.48 25.57
N GLU F 282 20.40 13.95 26.69
CA GLU F 282 19.55 14.49 27.78
C GLU F 282 18.36 15.37 27.35
N SER F 283 18.64 16.40 26.56
CA SER F 283 17.58 17.32 26.11
C SER F 283 16.69 16.75 25.00
N PHE F 284 17.19 15.73 24.29
CA PHE F 284 16.39 15.01 23.28
C PHE F 284 15.29 14.22 23.97
N VAL F 285 15.61 13.70 25.15
CA VAL F 285 14.65 12.97 26.00
C VAL F 285 13.61 13.91 26.61
N ALA F 286 14.07 14.90 27.37
CA ALA F 286 13.19 15.92 28.00
C ALA F 286 12.18 16.49 27.01
N ALA F 287 12.65 16.70 25.79
CA ALA F 287 11.80 17.05 24.63
C ALA F 287 10.73 16.01 24.30
N ALA F 288 11.11 14.73 24.38
CA ALA F 288 10.22 13.62 23.95
C ALA F 288 9.12 13.37 24.96
N GLU F 289 9.45 13.55 26.24
CA GLU F 289 8.48 13.39 27.34
C GLU F 289 7.44 14.53 27.31
N ILE F 290 7.91 15.76 27.19
CA ILE F 290 7.00 16.91 27.09
C ILE F 290 6.15 16.88 25.82
N LEU F 291 6.73 16.48 24.70
CA LEU F 291 5.97 16.23 23.46
C LEU F 291 4.85 15.21 23.72
N LYS F 292 5.22 14.05 24.28
CA LYS F 292 4.26 13.02 24.71
C LYS F 292 3.15 13.62 25.57
N GLU F 293 3.58 14.36 26.60
CA GLU F 293 2.68 14.96 27.59
C GLU F 293 1.75 16.02 27.00
N ARG F 294 1.98 16.37 25.73
CA ARG F 294 1.11 17.27 24.96
C ARG F 294 0.34 16.55 23.85
N GLY F 295 0.26 15.23 23.96
CA GLY F 295 -0.49 14.41 23.00
C GLY F 295 0.28 14.00 21.76
N ALA F 296 1.57 13.73 21.93
CA ALA F 296 2.38 13.17 20.85
C ALA F 296 2.41 11.65 21.00
N TYR F 297 1.80 10.96 20.02
CA TYR F 297 1.67 9.51 20.08
C TYR F 297 2.90 8.76 19.57
N LYS F 298 3.63 9.35 18.64
CA LYS F 298 4.93 8.81 18.18
C LYS F 298 5.98 9.91 18.20
N ILE F 299 7.18 9.57 18.67
CA ILE F 299 8.33 10.48 18.65
C ILE F 299 9.48 9.91 17.81
N TYR F 300 9.85 10.62 16.74
CA TYR F 300 11.05 10.28 15.98
C TYR F 300 12.10 11.35 16.16
N VAL F 301 13.34 10.96 16.45
CA VAL F 301 14.45 11.91 16.43
C VAL F 301 15.34 11.71 15.22
N MET F 302 15.42 12.76 14.41
CA MET F 302 16.25 12.77 13.20
C MET F 302 17.48 13.62 13.41
N ALA F 303 18.62 13.15 12.88
CA ALA F 303 19.86 13.92 12.90
C ALA F 303 20.85 13.43 11.86
N THR F 304 21.84 14.27 11.57
CA THR F 304 22.89 13.89 10.63
C THR F 304 23.97 13.09 11.34
N HIS F 305 24.51 13.70 12.40
CA HIS F 305 25.70 13.21 13.10
C HIS F 305 25.38 12.53 14.40
N GLY F 306 25.46 11.21 14.40
CA GLY F 306 25.01 10.44 15.53
C GLY F 306 26.19 9.98 16.34
N ILE F 307 26.71 10.85 17.20
CA ILE F 307 27.90 10.47 17.95
C ILE F 307 27.48 9.76 19.23
N LEU F 308 26.39 10.23 19.86
CA LEU F 308 25.72 9.49 20.94
C LEU F 308 26.71 9.07 22.02
N SER F 309 27.44 10.05 22.55
CA SER F 309 28.51 9.76 23.51
C SER F 309 27.98 9.36 24.88
N ALA F 310 28.76 8.54 25.59
CA ALA F 310 28.52 8.14 26.98
C ALA F 310 27.33 7.18 27.08
N GLU F 311 26.47 7.35 28.08
CA GLU F 311 25.30 6.47 28.26
C GLU F 311 24.06 6.92 27.48
N ALA F 312 24.27 7.54 26.33
CA ALA F 312 23.16 8.01 25.49
C ALA F 312 22.25 6.87 25.05
N PRO F 313 22.82 5.74 24.60
CA PRO F 313 21.98 4.64 24.10
C PRO F 313 21.09 4.01 25.18
N ARG F 314 21.58 4.00 26.42
CA ARG F 314 20.78 3.50 27.54
C ARG F 314 19.59 4.44 27.74
N LEU F 315 19.88 5.72 27.90
CA LEU F 315 18.87 6.78 28.15
C LEU F 315 17.75 6.82 27.08
N ILE F 316 18.10 6.47 25.84
CA ILE F 316 17.13 6.39 24.74
C ILE F 316 16.14 5.25 24.93
N GLU F 317 16.65 4.08 25.32
CA GLU F 317 15.79 2.97 25.69
C GLU F 317 14.80 3.43 26.75
N GLU F 318 15.34 3.89 27.88
CA GLU F 318 14.54 4.28 29.06
C GLU F 318 13.52 5.40 28.77
N SER F 319 13.81 6.21 27.76
CA SER F 319 12.90 7.29 27.32
C SER F 319 11.79 6.80 26.38
N SER F 320 10.86 7.69 26.13
CA SER F 320 9.69 7.37 25.31
C SER F 320 9.91 7.64 23.81
N VAL F 321 11.09 8.13 23.44
CA VAL F 321 11.41 8.34 22.04
C VAL F 321 11.35 6.97 21.35
N ASP F 322 10.59 6.91 20.27
CA ASP F 322 10.24 5.62 19.66
C ASP F 322 11.33 5.12 18.75
N GLU F 323 11.93 6.05 18.02
CA GLU F 323 12.97 5.71 17.05
C GLU F 323 13.98 6.84 16.95
N VAL F 324 15.26 6.51 16.80
CA VAL F 324 16.30 7.50 16.49
C VAL F 324 16.97 7.16 15.17
N VAL F 325 16.96 8.12 14.26
CA VAL F 325 17.48 7.93 12.93
C VAL F 325 18.64 8.87 12.68
N VAL F 326 19.79 8.26 12.43
CA VAL F 326 21.00 9.00 12.13
C VAL F 326 21.64 8.46 10.85
N THR F 327 22.66 9.17 10.40
CA THR F 327 23.42 8.77 9.23
C THR F 327 24.71 8.07 9.70
N ASN F 328 25.31 7.29 8.82
CA ASN F 328 26.63 6.68 9.10
C ASN F 328 27.78 7.70 8.93
N THR F 329 27.48 8.97 9.16
CA THR F 329 28.51 10.01 9.14
C THR F 329 29.55 9.74 10.24
N VAL F 330 29.11 9.32 11.44
CA VAL F 330 30.07 8.85 12.47
C VAL F 330 29.75 7.39 12.83
N PRO F 331 30.77 6.60 13.21
CA PRO F 331 30.57 5.21 13.63
C PRO F 331 29.73 5.02 14.90
N HIS F 332 28.83 4.03 14.85
CA HIS F 332 27.82 3.71 15.89
C HIS F 332 27.92 2.36 16.55
N GLU F 333 28.47 1.41 15.82
CA GLU F 333 27.96 0.02 15.84
C GLU F 333 27.59 -0.48 17.26
N VAL F 334 28.43 -0.13 18.21
CA VAL F 334 28.31 -0.56 19.60
C VAL F 334 27.11 0.02 20.32
N GLN F 335 26.81 1.27 19.98
CA GLN F 335 25.80 2.04 20.69
C GLN F 335 24.43 1.78 20.08
N LYS F 336 24.42 1.20 18.89
CA LYS F 336 23.17 0.80 18.25
C LYS F 336 22.87 -0.69 18.51
N LEU F 337 23.86 -1.35 19.10
CA LEU F 337 23.67 -2.67 19.73
C LEU F 337 23.00 -2.50 21.08
N GLN F 338 23.48 -1.52 21.83
CA GLN F 338 22.87 -1.12 23.11
C GLN F 338 21.39 -0.79 22.95
N CYS F 339 21.11 -0.01 21.92
CA CYS F 339 19.77 0.53 21.70
C CYS F 339 19.34 0.29 20.27
N PRO F 340 18.50 -0.74 20.04
CA PRO F 340 18.05 -1.08 18.68
C PRO F 340 16.99 -0.09 18.18
N LYS F 341 16.59 0.79 19.10
CA LYS F 341 15.75 1.96 18.83
C LYS F 341 16.42 2.85 17.77
N ILE F 342 17.74 2.73 17.65
CA ILE F 342 18.55 3.53 16.74
C ILE F 342 18.68 2.87 15.38
N LYS F 343 17.94 3.41 14.42
CA LYS F 343 18.07 3.02 13.02
C LYS F 343 19.05 3.99 12.35
N THR F 344 19.82 3.51 11.37
CA THR F 344 20.90 4.29 10.73
C THR F 344 20.79 4.35 9.20
N VAL F 345 20.91 5.56 8.63
CA VAL F 345 20.84 5.78 7.15
C VAL F 345 22.20 5.97 6.46
N ASP F 346 22.40 5.22 5.36
CA ASP F 346 23.65 5.25 4.60
C ASP F 346 23.77 6.48 3.75
N ILE F 347 24.95 7.07 3.81
CA ILE F 347 25.18 8.36 3.22
C ILE F 347 26.38 8.34 2.26
N SER F 348 27.07 7.20 2.22
CA SER F 348 28.28 7.03 1.39
C SER F 348 28.12 7.38 -0.10
N LEU F 349 26.87 7.40 -0.58
CA LEU F 349 26.59 7.72 -1.97
C LEU F 349 26.81 9.21 -2.27
N ILE F 350 26.24 10.06 -1.42
CA ILE F 350 26.41 11.50 -1.56
C ILE F 350 27.90 11.86 -1.53
N LEU F 351 28.64 11.16 -0.68
CA LEU F 351 30.08 11.37 -0.54
C LEU F 351 30.82 10.79 -1.72
N SER F 352 30.49 9.54 -2.04
CA SER F 352 31.00 8.91 -3.26
C SER F 352 30.98 9.91 -4.41
N GLU F 353 29.79 10.46 -4.63
CA GLU F 353 29.55 11.44 -5.70
C GLU F 353 30.42 12.68 -5.59
N ALA F 354 30.33 13.36 -4.45
CA ALA F 354 31.06 14.62 -4.22
C ALA F 354 32.54 14.48 -4.53
N ILE F 355 33.11 13.39 -4.04
CA ILE F 355 34.50 13.02 -4.30
C ILE F 355 34.73 12.82 -5.80
N ARG F 356 33.78 12.16 -6.45
CA ARG F 356 33.88 11.92 -7.90
C ARG F 356 33.92 13.23 -8.68
N ARG F 357 33.11 14.19 -8.25
CA ARG F 357 32.95 15.44 -8.99
C ARG F 357 34.21 16.29 -9.02
N ILE F 358 34.72 16.63 -7.84
CA ILE F 358 35.85 17.56 -7.76
C ILE F 358 37.11 16.96 -8.40
N HIS F 359 37.20 15.63 -8.37
CA HIS F 359 38.30 14.91 -9.03
C HIS F 359 38.29 15.14 -10.54
N ASN F 360 37.20 14.72 -11.19
CA ASN F 360 37.02 14.90 -12.64
C ASN F 360 36.83 16.36 -13.03
N GLY F 361 36.69 17.23 -12.03
CA GLY F 361 36.51 18.66 -12.24
C GLY F 361 35.09 19.04 -12.59
N GLU F 362 34.15 18.17 -12.20
CA GLU F 362 32.70 18.36 -12.51
C GLU F 362 32.06 19.42 -11.63
N SER F 363 30.79 19.70 -11.91
CA SER F 363 30.02 20.64 -11.11
C SER F 363 29.27 19.92 -9.99
N MET F 364 29.24 20.53 -8.81
CA MET F 364 28.51 19.98 -7.64
C MET F 364 27.17 20.67 -7.39
N ALA F 365 26.51 21.11 -8.46
CA ALA F 365 25.21 21.77 -8.39
C ALA F 365 24.12 20.80 -7.94
N TYR F 366 24.28 19.55 -8.36
CA TYR F 366 23.34 18.45 -8.04
C TYR F 366 23.25 18.17 -6.54
N LEU F 367 24.38 18.28 -5.86
CA LEU F 367 24.50 17.94 -4.44
C LEU F 367 23.99 19.06 -3.52
N PHE F 368 23.83 20.26 -4.10
CA PHE F 368 23.35 21.44 -3.39
C PHE F 368 21.93 21.82 -3.86
N ARG F 369 21.82 22.38 -5.07
CA ARG F 369 20.52 22.84 -5.61
C ARG F 369 19.72 21.73 -6.32
S SO4 G . -5.60 -16.85 -0.44
O1 SO4 G . -4.84 -17.92 -1.12
O2 SO4 G . -6.83 -16.51 -1.16
O3 SO4 G . -4.76 -15.67 -0.26
O4 SO4 G . -5.97 -17.29 0.90
S SO4 H . -37.20 -13.72 3.33
O1 SO4 H . -37.80 -13.48 2.00
O2 SO4 H . -37.11 -15.17 3.59
O3 SO4 H . -38.05 -13.15 4.37
O4 SO4 H . -35.89 -13.08 3.31
C TAM I . -32.12 10.55 -11.89
C1 TAM I . -32.43 9.50 -10.83
C2 TAM I . -31.00 10.14 -12.86
C3 TAM I . -33.36 10.83 -12.74
C4 TAM I . -33.25 9.99 -9.62
C5 TAM I . -29.58 10.31 -12.31
C6 TAM I . -34.75 10.38 -12.30
N TAM I . -31.66 11.78 -11.23
O4 TAM I . -34.34 9.11 -9.32
O5 TAM I . -28.82 9.13 -12.58
O6 TAM I . -35.74 10.93 -13.21
S SO4 J . -41.67 -5.29 23.32
O1 SO4 J . -40.60 -5.16 24.31
O2 SO4 J . -42.90 -4.63 23.80
O3 SO4 J . -41.95 -6.71 23.08
O4 SO4 J . -41.19 -4.71 22.08
S SO4 K . 38.18 39.78 30.05
O1 SO4 K . 37.46 39.86 28.78
O2 SO4 K . 39.22 38.73 29.99
O3 SO4 K . 37.15 39.48 31.03
O4 SO4 K . 38.86 41.02 30.39
S SO4 L . -9.22 -47.27 -30.64
O1 SO4 L . -8.29 -46.14 -30.48
O2 SO4 L . -9.74 -47.69 -29.34
O3 SO4 L . -8.53 -48.40 -31.26
O4 SO4 L . -10.29 -46.90 -31.55
S SO4 M . -27.62 -46.66 -29.36
O1 SO4 M . -26.27 -46.47 -29.93
O2 SO4 M . -28.49 -45.59 -29.84
O3 SO4 M . -28.15 -47.94 -29.81
O4 SO4 M . -27.53 -46.58 -27.91
S SO4 N . 30.21 24.17 -9.10
O1 SO4 N . 29.86 23.91 -7.70
O2 SO4 N . 30.81 25.51 -9.29
O3 SO4 N . 29.01 24.04 -9.90
O4 SO4 N . 31.16 23.16 -9.56
#